data_6KUJ
#
_entry.id   6KUJ
#
_cell.length_a   1.00
_cell.length_b   1.00
_cell.length_c   1.00
_cell.angle_alpha   90.00
_cell.angle_beta   90.00
_cell.angle_gamma   90.00
#
_symmetry.space_group_name_H-M   'P 1'
#
loop_
_entity.id
_entity.type
_entity.pdbx_description
1 polymer 'Polymerase 3'
2 polymer 'RNA-directed RNA polymerase catalytic subunit'
3 polymer 'Polymerase PB2'
4 polymer "3'-cRNA promoter"
5 polymer "5'-cRNA promoter"
#
loop_
_entity_poly.entity_id
_entity_poly.type
_entity_poly.pdbx_seq_one_letter_code
_entity_poly.pdbx_strand_id
1 'polypeptide(L)'
;MSSVIREIAKRFLEQATINIAEEVVREYGDHERTMISVGVHFQACCLISDEYTLEDETTPRYVLLEGLKRQEAISKQNNI
CSTLGLEPLRNLADIFDRKTRRFLEVGITKRESDEYYQEKFNKIGNDMDIHVFTYEGKYFSNNPNGLEDIQKTRIFTFLS
FVSDELRKENMFTEMYVTEEGAPELEMYKSKLFIAMRDESVPLPYINYEHLRTRCETFKRNQAECEAKVADVASRLKIKL
EHLEENKLRPLEIPKEKEAPYTHKFLMKDAWFFAKPHDSERAQPQQILYDFFEAANMGFMTTSPKPIFGKQGLMYHSLWG
QTKRAIKDKRNELEPSEQRDFLCGIGRASKKIQEDKWQESREEEFKQEETKGAAKRGFPTWFNEEWLWAMRDSGDGDNKI
GDWIPMAEMPPCKNEMEDYAKKMCEELESKIQGTNCAREMSKLIHTIGSLHTECRNFPGKVKIVPIYCRGTLRGESTDCL
FGIAIKGKSHLNKDDGMYTVVTFEFSTEEPNPSKHEKYTVFEAGTVPVEAVVLTPKRERVLKEKKLFLYCRTTGMSKLKN
DWFSKCRRCLIPTMETVEQIVLKECALKEENRVSEMLENKRAWIAHENGENLTRLVSTKLKDLCRMLIVTQFYYCIYNDN
QLEGFCNEQKKFLMFLQADKDSKSAFTFNQKGLYEKIEECIVSNPLCIFLADRLNKLFLVAKSNGAKYFE
;
A
2 'polypeptide(L)'
;MEINPYLLMLNNDITSMISLTYPYTGAPPMSHGTSTKYSMETVSRTYSYSRTKKEVPSGIFPIERRKFCNTIEDKENLEK
PNGNVDINFMLSLAEMLEEKMGKGFFKFCANEAEAEILKMHFSKLTEGRQTYDWTSERNMPAATALQLTVDAIQETQGTF
KGTTMVEYCNKILEMMDWPEVKFKKVRMIVQRHWDPKTKKEIKMKSPTLMITKIGREEFIKRICTINTMAKDGERGKYKR
RAIATPGMGIRPFSKIVETLAQKICERLAESGLPVGGNEKKAKLKTTVSSTNSKLQEGQFMVNITGDNSKWNECQQPEAY
LAMLAYITKDSSNLMKDLCSVAPTLFCNKYVKMGQGFRAKNKRKTKEIVIPAKKMKERKELMNAEWRDLFETIEPYMDGE
CCFLGGGMLMGMFNMLSTVFGVMTLNYREEALARRNCYWTGLQSSDDFVLFCISRTWPEMEMTILKFIAVCKLMGINMSL
EKSYGCLPELFEFTSMFFSGDFVSNIALELPAFTTAGMNEGTDFTAAMSVIRTNMINNGLSPGTALMALRICLQEFRATY
RVHPYDSGVKNHRMKIIRKFIETIENKDGLLISDGGKLMNNISSLHIPEEILKEDLMDPSYRNRVFNPRNPFTQFEKTVD
IFKASGPIRVEENEAVVSTHSFRTRSNRTLLNTDMRAMALEEKRYQVVCNMYRSVFESADVNTPIGSMSMGEAIEAKILD
RARTQFENGIIGGEEYSEIKRLIEDAKRQRLSV
;
B
3 'polypeptide(L)'
;MSLLLTLAKEYANLTKDKKSCKLLSQGTVSSYTTFKKWTTSRKEKNPSLRMRWAMGSKFPIMANREILEEAGIPEQWEGI
DLWSKKDDVSKLGMVLASPAAITYWNFCGPGVDNSSVIKDVYKAKFMKKERWRETLWGPMNFELVGKQRRVVETQPVEIK
LNQKEIKELTMWVLFEDEANLASKFIQENFSLVLSLRELYKGKAVNKDVAAFMIAHQFSPEKRFLPTFGPIRPERMELLH
CLGGDFWKIEAVTAGSLNEEQKKRDVRAVARKICLRASVDLFTPAEKIRDYIASVTMRFGTVERTFEDVIRNSDDISAEV
TLCKAALGCELGKSMSFGNLNLRKVSGEAETMEKTVYWGLKPIKYKCWRGEETFYCELRKVTCMFRRSEGLDWANIGPGS
PEERRELLAMVMIFCRDGRFFESAPVNIDESFFRTRLNKEIPYQYVLLKWVRQSRDNLDALLSTRGLIPAHIGQFGKGMG
IDGSSSSSMVYKGVMLSKTPIDIVESKEKHRLFLNDNIEAVTERGAMVASIMDLSEDNRETFNDVTFNHVDLAVLKDEKT
AIIKIYRSLVERINTDDDGLPALIMGKRYLELYQLDEVKDAVGLIPKRMLGAYSYQARQLIQSQIKNDSYSLPEIIKLLP
FCYSPPKKMLFDGTFHFKNQMYVRPGINTNLFSFSKTDKSKIYVNGSAVKIKLVLGDDEMDTSLAFVEGFQVCEYDPRAP
LIPRRDLRLIGFGKKVRVFVGQGQEKTLVRTSSKRAASHDVSKNIRRMRLEV
;
C
4 'polyribonucleotide' UCCUUGCUACUGCU R
5 'polyribonucleotide' AGCAUAAGCAGGAA V
#
# COMPACT_ATOMS: atom_id res chain seq x y z
N GLU A 184 18.11 39.12 2.72
CA GLU A 184 17.94 37.67 2.68
C GLU A 184 17.33 37.14 3.96
N LEU A 185 17.89 37.60 5.09
CA LEU A 185 17.61 37.02 6.40
C LEU A 185 16.42 37.68 7.09
N GLU A 186 15.44 38.14 6.33
CA GLU A 186 14.26 38.79 6.88
C GLU A 186 13.05 37.91 6.65
N MET A 187 12.44 37.46 7.73
CA MET A 187 11.14 36.81 7.67
C MET A 187 10.07 37.89 7.83
N TYR A 188 8.94 37.69 7.16
CA TYR A 188 7.85 38.66 7.24
C TYR A 188 7.22 38.60 8.63
N LYS A 189 7.52 39.60 9.44
CA LYS A 189 6.96 39.70 10.79
C LYS A 189 5.53 40.20 10.68
N SER A 190 4.58 39.28 10.68
CA SER A 190 3.17 39.65 10.67
C SER A 190 2.68 39.88 12.10
N LYS A 191 1.42 40.24 12.24
CA LYS A 191 0.87 40.66 13.52
C LYS A 191 0.09 39.57 14.22
N LEU A 192 -0.80 38.87 13.50
CA LEU A 192 -1.59 37.80 14.11
C LEU A 192 -0.74 36.58 14.41
N PHE A 193 0.36 36.39 13.69
CA PHE A 193 1.24 35.28 14.01
C PHE A 193 2.09 35.55 15.24
N ILE A 194 2.50 36.80 15.48
CA ILE A 194 3.26 37.03 16.70
C ILE A 194 2.31 37.11 17.89
N ALA A 195 1.08 37.59 17.70
CA ALA A 195 0.08 37.51 18.75
C ALA A 195 -0.42 36.08 18.96
N MET A 196 -0.15 35.19 18.02
CA MET A 196 -0.43 33.76 18.17
C MET A 196 0.70 33.00 18.82
N ARG A 197 1.95 33.31 18.46
CA ARG A 197 3.10 32.66 19.07
C ARG A 197 3.27 33.08 20.52
N ASP A 198 2.89 34.32 20.85
CA ASP A 198 2.94 34.72 22.25
C ASP A 198 1.85 34.08 23.08
N GLU A 199 0.77 33.62 22.46
CA GLU A 199 -0.32 32.99 23.20
C GLU A 199 -0.04 31.51 23.46
N SER A 200 0.83 30.89 22.69
CA SER A 200 1.03 29.44 22.71
C SER A 200 2.42 29.05 23.20
N VAL A 201 2.89 29.66 24.28
CA VAL A 201 4.16 29.27 24.91
C VAL A 201 3.81 28.43 26.13
N PRO A 202 4.76 27.70 26.73
CA PRO A 202 4.49 27.04 28.01
C PRO A 202 4.20 28.04 29.12
N LEU A 203 3.57 27.53 30.18
CA LEU A 203 2.95 28.32 31.24
C LEU A 203 3.89 29.19 32.09
N PRO A 204 5.16 28.80 32.43
CA PRO A 204 5.99 29.76 33.19
C PRO A 204 6.57 30.91 32.39
N TYR A 205 6.10 31.14 31.18
CA TYR A 205 6.65 32.15 30.30
C TYR A 205 5.56 33.10 29.86
N ILE A 206 5.94 34.33 29.56
CA ILE A 206 5.00 35.37 29.16
C ILE A 206 4.97 35.54 27.64
N ASN A 207 6.13 35.72 27.03
CA ASN A 207 6.23 35.91 25.60
C ASN A 207 7.19 34.90 25.01
N TYR A 208 7.28 34.88 23.69
CA TYR A 208 8.30 34.07 23.05
C TYR A 208 9.68 34.68 23.22
N GLU A 209 9.77 35.99 23.47
CA GLU A 209 11.06 36.63 23.68
C GLU A 209 11.71 36.17 24.98
N HIS A 210 10.92 36.03 26.04
CA HIS A 210 11.45 35.58 27.32
C HIS A 210 11.88 34.12 27.27
N LEU A 211 11.12 33.30 26.55
CA LEU A 211 11.49 31.90 26.35
C LEU A 211 12.75 31.77 25.50
N ARG A 212 12.86 32.58 24.45
CA ARG A 212 14.04 32.48 23.58
C ARG A 212 15.29 32.98 24.29
N THR A 213 15.14 34.01 25.12
CA THR A 213 16.28 34.48 25.91
C THR A 213 16.63 33.52 27.03
N ARG A 214 15.69 32.71 27.51
CA ARG A 214 16.06 31.76 28.54
C ARG A 214 16.70 30.51 27.96
N CYS A 215 16.25 30.07 26.78
CA CYS A 215 16.79 28.83 26.20
C CYS A 215 18.23 29.00 25.70
N GLU A 216 18.65 30.22 25.37
CA GLU A 216 20.01 30.43 24.89
C GLU A 216 21.03 30.48 26.01
N THR A 217 20.61 30.60 27.26
CA THR A 217 21.54 30.71 28.38
C THR A 217 21.28 29.63 29.41
N PHE A 218 21.13 28.39 28.96
CA PHE A 218 20.73 27.30 29.83
C PHE A 218 21.93 26.47 30.23
N LYS A 219 22.07 26.24 31.53
CA LYS A 219 23.04 25.30 32.08
C LYS A 219 22.31 24.38 33.05
N ARG A 220 22.60 23.08 32.96
CA ARG A 220 21.87 22.11 33.76
C ARG A 220 22.43 22.03 35.17
N ASN A 221 21.80 21.22 36.01
CA ASN A 221 22.09 21.19 37.44
C ASN A 221 21.99 19.74 37.90
N GLN A 222 21.94 19.53 39.22
CA GLN A 222 21.74 18.19 39.77
C GLN A 222 20.48 18.10 40.62
N ALA A 223 19.50 18.97 40.34
CA ALA A 223 18.12 18.72 40.75
C ALA A 223 17.42 17.77 39.79
N GLU A 224 18.05 17.52 38.63
CA GLU A 224 17.57 16.54 37.67
C GLU A 224 17.46 15.14 38.28
N CYS A 225 18.53 14.70 38.95
CA CYS A 225 18.53 13.38 39.56
C CYS A 225 17.58 13.32 40.76
N GLU A 226 17.39 14.44 41.45
CA GLU A 226 16.44 14.45 42.56
C GLU A 226 15.01 14.34 42.06
N ALA A 227 14.69 15.03 40.96
CA ALA A 227 13.36 14.89 40.37
C ALA A 227 13.14 13.49 39.80
N LYS A 228 14.20 12.89 39.25
CA LYS A 228 14.08 11.54 38.71
C LYS A 228 13.83 10.53 39.81
N VAL A 229 14.60 10.58 40.90
CA VAL A 229 14.43 9.59 41.96
C VAL A 229 13.12 9.83 42.72
N ALA A 230 12.70 11.09 42.84
CA ALA A 230 11.36 11.38 43.35
C ALA A 230 10.27 10.89 42.41
N ASP A 231 10.60 10.62 41.14
CA ASP A 231 9.67 9.91 40.27
C ASP A 231 9.82 8.38 40.39
N VAL A 232 11.00 7.89 40.77
CA VAL A 232 11.19 6.44 40.95
C VAL A 232 10.43 5.94 42.16
N ALA A 233 10.39 6.74 43.24
CA ALA A 233 9.83 6.28 44.50
C ALA A 233 8.31 6.09 44.42
N SER A 234 7.62 6.97 43.71
CA SER A 234 6.16 6.90 43.65
C SER A 234 5.67 6.08 42.46
N ARG A 235 6.21 4.87 42.30
CA ARG A 235 5.98 4.07 41.11
C ARG A 235 5.19 2.80 41.39
N LEU A 236 5.68 1.94 42.30
CA LEU A 236 5.08 0.66 42.68
C LEU A 236 4.94 -0.26 41.47
N LYS A 237 6.07 -0.67 40.93
CA LYS A 237 6.12 -1.50 39.73
C LYS A 237 7.22 -2.52 39.87
N ILE A 238 6.86 -3.79 39.80
CA ILE A 238 7.81 -4.89 39.95
C ILE A 238 7.78 -5.71 38.67
N LYS A 239 8.94 -6.26 38.30
CA LYS A 239 9.00 -7.13 37.14
C LYS A 239 8.71 -8.57 37.54
N LEU A 240 8.16 -9.33 36.59
CA LEU A 240 7.64 -10.66 36.86
C LEU A 240 8.52 -11.66 36.14
N GLU A 241 9.26 -12.46 36.90
CA GLU A 241 10.07 -13.54 36.34
C GLU A 241 9.18 -14.68 35.85
N HIS A 242 9.78 -15.72 35.29
CA HIS A 242 9.02 -16.91 34.94
C HIS A 242 9.47 -18.18 35.63
N LEU A 243 10.72 -18.26 36.07
CA LEU A 243 11.18 -19.48 36.73
C LEU A 243 10.58 -19.64 38.13
N GLU A 244 10.07 -18.56 38.71
CA GLU A 244 9.51 -18.61 40.05
C GLU A 244 8.00 -18.39 40.10
N GLU A 245 7.42 -17.76 39.09
CA GLU A 245 5.98 -17.51 39.04
C GLU A 245 5.43 -17.84 37.65
N ASN A 246 5.64 -19.07 37.19
CA ASN A 246 5.32 -19.47 35.83
C ASN A 246 3.82 -19.48 35.58
N LYS A 247 3.24 -18.28 35.55
CA LYS A 247 1.80 -18.12 35.49
C LYS A 247 1.28 -18.02 34.08
N LEU A 248 2.00 -18.62 33.13
CA LEU A 248 1.50 -18.69 31.75
C LEU A 248 0.38 -19.72 31.72
N ARG A 249 -0.79 -19.30 32.16
CA ARG A 249 -1.97 -20.14 32.20
C ARG A 249 -2.52 -20.32 30.80
N PRO A 250 -3.26 -21.39 30.54
CA PRO A 250 -3.91 -21.54 29.23
C PRO A 250 -4.98 -20.49 29.03
N LEU A 251 -5.22 -20.18 27.76
CA LEU A 251 -6.11 -19.10 27.36
C LEU A 251 -7.56 -19.49 27.65
N GLU A 252 -8.44 -18.47 27.67
CA GLU A 252 -9.86 -18.70 27.93
C GLU A 252 -10.59 -18.82 26.60
N ILE A 253 -10.84 -20.05 26.19
CA ILE A 253 -11.80 -20.34 25.12
C ILE A 253 -13.21 -20.21 25.69
N PRO A 254 -14.15 -19.58 24.98
CA PRO A 254 -15.52 -19.47 25.50
C PRO A 254 -16.21 -20.81 25.55
N LYS A 255 -16.93 -21.07 26.65
CA LYS A 255 -17.71 -22.29 26.80
C LYS A 255 -19.18 -21.97 26.54
N GLU A 256 -19.51 -21.80 25.27
CA GLU A 256 -20.86 -21.46 24.86
C GLU A 256 -21.22 -22.27 23.63
N LYS A 257 -22.26 -21.82 22.93
CA LYS A 257 -22.77 -22.51 21.75
C LYS A 257 -21.71 -22.58 20.66
N GLU A 258 -21.70 -23.70 19.94
CA GLU A 258 -20.60 -24.02 19.02
C GLU A 258 -20.64 -23.10 17.80
N ALA A 259 -19.46 -22.72 17.34
CA ALA A 259 -19.35 -21.80 16.21
C ALA A 259 -19.75 -22.52 14.92
N PRO A 260 -20.57 -21.90 14.08
CA PRO A 260 -21.14 -22.62 12.95
C PRO A 260 -20.14 -22.67 11.79
N TYR A 261 -20.60 -23.27 10.69
CA TYR A 261 -19.82 -23.29 9.45
C TYR A 261 -20.05 -21.99 8.70
N THR A 262 -18.99 -21.23 8.44
CA THR A 262 -19.16 -19.86 7.98
C THR A 262 -18.62 -19.57 6.59
N HIS A 263 -17.97 -20.54 5.93
CA HIS A 263 -17.49 -20.30 4.57
C HIS A 263 -18.67 -20.26 3.61
N LYS A 264 -18.49 -19.57 2.48
CA LYS A 264 -19.59 -19.33 1.56
C LYS A 264 -19.99 -20.59 0.80
N PHE A 265 -19.03 -21.45 0.48
CA PHE A 265 -19.30 -22.68 -0.26
C PHE A 265 -19.17 -23.86 0.69
N LEU A 266 -19.39 -25.07 0.19
CA LEU A 266 -19.17 -26.27 0.97
C LEU A 266 -17.87 -26.92 0.56
N MET A 267 -17.03 -27.25 1.54
CA MET A 267 -15.76 -27.90 1.26
C MET A 267 -15.85 -29.42 1.38
N LYS A 268 -16.12 -29.91 2.58
CA LYS A 268 -15.95 -31.33 2.86
C LYS A 268 -17.12 -32.16 2.33
N ASP A 269 -18.29 -31.54 2.18
CA ASP A 269 -19.53 -32.25 1.88
C ASP A 269 -20.00 -32.04 0.46
N ALA A 270 -19.09 -31.84 -0.47
CA ALA A 270 -19.48 -31.43 -1.81
C ALA A 270 -19.76 -32.63 -2.69
N TRP A 271 -20.53 -32.40 -3.75
CA TRP A 271 -20.81 -33.43 -4.73
C TRP A 271 -20.82 -32.80 -6.11
N PHE A 272 -20.04 -33.33 -7.04
CA PHE A 272 -19.94 -32.74 -8.36
C PHE A 272 -20.37 -33.73 -9.42
N PHE A 273 -21.04 -33.20 -10.45
CA PHE A 273 -21.34 -33.95 -11.66
C PHE A 273 -20.31 -33.59 -12.71
N ALA A 274 -19.84 -34.59 -13.44
CA ALA A 274 -18.77 -34.40 -14.41
C ALA A 274 -19.28 -34.57 -15.83
N LYS A 275 -18.56 -33.97 -16.76
CA LYS A 275 -18.78 -34.17 -18.19
C LYS A 275 -17.46 -33.86 -18.90
N PRO A 276 -17.25 -34.41 -20.09
CA PRO A 276 -16.04 -34.03 -20.85
C PRO A 276 -16.12 -32.59 -21.33
N HIS A 277 -14.98 -31.91 -21.25
CA HIS A 277 -14.94 -30.48 -21.52
C HIS A 277 -14.98 -30.20 -23.03
N ASP A 278 -15.94 -29.38 -23.44
CA ASP A 278 -16.03 -28.89 -24.81
C ASP A 278 -15.37 -27.52 -24.87
N SER A 279 -14.48 -27.34 -25.84
CA SER A 279 -13.74 -26.08 -25.93
C SER A 279 -14.57 -24.98 -26.57
N GLU A 280 -15.44 -25.32 -27.51
CA GLU A 280 -16.31 -24.33 -28.14
C GLU A 280 -17.38 -23.86 -27.17
N ARG A 281 -17.83 -24.73 -26.28
CA ARG A 281 -18.84 -24.41 -25.27
C ARG A 281 -18.10 -24.18 -23.95
N ALA A 282 -17.53 -22.98 -23.82
CA ALA A 282 -16.63 -22.72 -22.70
C ALA A 282 -17.00 -21.50 -21.86
N GLN A 283 -17.95 -20.69 -22.27
CA GLN A 283 -18.45 -19.66 -21.39
C GLN A 283 -19.24 -20.30 -20.25
N PRO A 284 -19.29 -19.68 -19.06
CA PRO A 284 -19.91 -20.33 -17.91
C PRO A 284 -21.39 -20.60 -18.04
N GLN A 285 -22.13 -19.78 -18.79
CA GLN A 285 -23.54 -20.07 -18.99
C GLN A 285 -23.75 -21.27 -19.91
N GLN A 286 -22.81 -21.51 -20.82
CA GLN A 286 -22.92 -22.67 -21.70
C GLN A 286 -22.56 -23.95 -20.96
N ILE A 287 -21.62 -23.84 -20.00
CA ILE A 287 -21.37 -24.91 -19.06
C ILE A 287 -22.62 -25.19 -18.23
N LEU A 288 -23.34 -24.14 -17.86
CA LEU A 288 -24.60 -24.28 -17.12
C LEU A 288 -25.65 -25.04 -17.93
N TYR A 289 -25.80 -24.71 -19.21
CA TYR A 289 -26.82 -25.37 -20.05
C TYR A 289 -26.45 -26.82 -20.31
N ASP A 290 -25.20 -27.07 -20.71
CA ASP A 290 -24.74 -28.42 -20.98
C ASP A 290 -24.73 -29.29 -19.73
N PHE A 291 -24.65 -28.70 -18.54
CA PHE A 291 -24.94 -29.47 -17.34
C PHE A 291 -26.43 -29.55 -17.01
N PHE A 292 -27.28 -28.75 -17.65
CA PHE A 292 -28.69 -29.05 -17.50
C PHE A 292 -29.06 -30.29 -18.31
N GLU A 293 -28.44 -30.49 -19.47
CA GLU A 293 -28.69 -31.76 -20.13
C GLU A 293 -27.87 -32.90 -19.52
N ALA A 294 -26.70 -32.61 -18.96
CA ALA A 294 -25.84 -33.68 -18.44
C ALA A 294 -26.32 -34.16 -17.06
N ALA A 295 -26.28 -33.28 -16.06
CA ALA A 295 -26.82 -33.59 -14.74
C ALA A 295 -28.31 -33.31 -14.76
N ASN A 296 -29.12 -34.36 -14.85
CA ASN A 296 -30.53 -34.24 -15.18
C ASN A 296 -31.32 -33.64 -14.01
N MET A 297 -31.77 -32.40 -14.19
CA MET A 297 -32.57 -31.71 -13.19
C MET A 297 -34.04 -32.08 -13.29
N GLY A 298 -34.42 -32.92 -14.25
CA GLY A 298 -35.78 -33.43 -14.29
C GLY A 298 -36.08 -34.35 -13.12
N PHE A 299 -35.07 -35.06 -12.63
CA PHE A 299 -35.19 -35.86 -11.43
C PHE A 299 -34.91 -35.05 -10.17
N MET A 300 -34.73 -33.74 -10.29
CA MET A 300 -34.36 -32.90 -9.14
C MET A 300 -35.60 -32.29 -8.52
N THR A 301 -36.48 -33.17 -8.05
CA THR A 301 -37.71 -32.76 -7.39
C THR A 301 -37.46 -32.55 -5.91
N THR A 302 -38.04 -31.49 -5.36
CA THR A 302 -37.96 -31.20 -3.94
C THR A 302 -39.36 -31.16 -3.36
N SER A 303 -39.50 -31.70 -2.17
CA SER A 303 -40.73 -31.50 -1.43
C SER A 303 -40.74 -30.09 -0.83
N PRO A 304 -41.91 -29.48 -0.65
CA PRO A 304 -41.95 -28.13 -0.07
C PRO A 304 -41.75 -28.10 1.44
N LYS A 305 -41.53 -29.23 2.09
CA LYS A 305 -41.28 -29.27 3.51
C LYS A 305 -39.83 -29.66 3.76
N PRO A 306 -38.98 -28.76 4.23
CA PRO A 306 -37.56 -29.08 4.42
C PRO A 306 -37.34 -29.95 5.64
N ILE A 307 -36.12 -30.43 5.79
CA ILE A 307 -35.75 -31.15 7.00
C ILE A 307 -35.64 -30.19 8.18
N PHE A 308 -34.80 -29.17 8.05
CA PHE A 308 -34.78 -28.08 9.00
C PHE A 308 -34.46 -26.81 8.24
N GLY A 309 -34.33 -25.71 8.97
CA GLY A 309 -34.05 -24.45 8.33
C GLY A 309 -35.11 -23.44 8.68
N LYS A 310 -35.22 -22.40 7.86
CA LYS A 310 -36.08 -21.28 8.18
C LYS A 310 -37.21 -21.08 7.18
N GLN A 311 -36.88 -20.94 5.89
CA GLN A 311 -37.85 -20.52 4.88
C GLN A 311 -37.88 -21.55 3.77
N GLY A 312 -38.97 -22.32 3.70
CA GLY A 312 -39.05 -23.43 2.78
C GLY A 312 -39.71 -23.11 1.46
N LEU A 313 -40.85 -22.42 1.50
CA LEU A 313 -41.63 -22.21 0.28
C LEU A 313 -40.95 -21.21 -0.65
N MET A 314 -40.23 -20.24 -0.10
CA MET A 314 -39.52 -19.28 -0.94
C MET A 314 -38.36 -19.94 -1.66
N TYR A 315 -37.67 -20.87 -1.00
CA TYR A 315 -36.60 -21.60 -1.66
C TYR A 315 -37.12 -22.63 -2.65
N HIS A 316 -38.30 -23.21 -2.38
CA HIS A 316 -38.88 -24.16 -3.32
C HIS A 316 -39.34 -23.46 -4.59
N SER A 317 -40.03 -22.34 -4.45
CA SER A 317 -40.47 -21.60 -5.64
C SER A 317 -39.30 -20.95 -6.36
N LEU A 318 -38.25 -20.55 -5.64
CA LEU A 318 -37.09 -20.01 -6.32
C LEU A 318 -36.33 -21.10 -7.06
N TRP A 319 -36.27 -22.31 -6.52
CA TRP A 319 -35.56 -23.39 -7.19
C TRP A 319 -36.32 -23.89 -8.41
N GLY A 320 -37.65 -23.96 -8.32
CA GLY A 320 -38.43 -24.29 -9.50
C GLY A 320 -38.35 -23.22 -10.57
N GLN A 321 -38.38 -21.95 -10.15
CA GLN A 321 -38.31 -20.84 -11.10
C GLN A 321 -36.96 -20.78 -11.80
N THR A 322 -35.86 -20.97 -11.06
CA THR A 322 -34.56 -20.95 -11.70
C THR A 322 -34.30 -22.22 -12.51
N LYS A 323 -34.98 -23.32 -12.18
CA LYS A 323 -34.77 -24.55 -12.94
C LYS A 323 -35.51 -24.48 -14.28
N ARG A 324 -36.71 -23.90 -14.29
CA ARG A 324 -37.36 -23.65 -15.58
C ARG A 324 -36.70 -22.48 -16.31
N ALA A 325 -35.94 -21.64 -15.60
CA ALA A 325 -35.15 -20.61 -16.29
C ALA A 325 -33.98 -21.22 -17.02
N ILE A 326 -33.31 -22.19 -16.42
CA ILE A 326 -32.21 -22.88 -17.09
C ILE A 326 -32.74 -23.77 -18.20
N LYS A 327 -33.97 -24.29 -18.05
CA LYS A 327 -34.55 -25.17 -19.06
C LYS A 327 -34.83 -24.44 -20.37
N ASP A 328 -35.18 -23.17 -20.32
CA ASP A 328 -35.44 -22.37 -21.52
C ASP A 328 -34.19 -21.70 -22.07
N LYS A 329 -33.02 -21.98 -21.48
CA LYS A 329 -31.70 -21.53 -21.96
C LYS A 329 -31.56 -20.02 -21.98
N ARG A 330 -31.95 -19.37 -20.88
CA ARG A 330 -31.63 -17.97 -20.66
C ARG A 330 -31.53 -17.72 -19.15
N ASN A 331 -30.53 -16.95 -18.75
CA ASN A 331 -30.23 -16.73 -17.34
C ASN A 331 -30.62 -15.31 -16.94
N GLU A 332 -31.89 -15.12 -16.64
CA GLU A 332 -32.42 -13.84 -16.19
C GLU A 332 -33.75 -14.13 -15.50
N LEU A 333 -33.82 -13.90 -14.20
CA LEU A 333 -35.03 -14.21 -13.46
C LEU A 333 -36.06 -13.12 -13.66
N GLU A 334 -37.22 -13.49 -14.19
CA GLU A 334 -38.35 -12.58 -14.26
C GLU A 334 -38.84 -12.24 -12.86
N PRO A 335 -39.31 -11.02 -12.63
CA PRO A 335 -39.64 -10.59 -11.26
C PRO A 335 -40.86 -11.31 -10.68
N SER A 336 -40.61 -12.09 -9.64
CA SER A 336 -41.62 -12.79 -8.86
C SER A 336 -41.50 -12.38 -7.40
N GLU A 337 -42.38 -12.92 -6.56
CA GLU A 337 -42.35 -12.58 -5.14
C GLU A 337 -41.18 -13.25 -4.43
N GLN A 338 -40.76 -14.42 -4.92
CA GLN A 338 -39.69 -15.17 -4.27
C GLN A 338 -38.34 -14.47 -4.42
N ARG A 339 -38.00 -14.01 -5.62
CA ARG A 339 -36.74 -13.29 -5.78
C ARG A 339 -36.80 -11.90 -5.17
N ASP A 340 -37.98 -11.28 -5.13
CA ASP A 340 -38.08 -9.99 -4.47
C ASP A 340 -37.98 -10.13 -2.96
N PHE A 341 -38.27 -11.31 -2.41
CA PHE A 341 -38.05 -11.49 -0.98
C PHE A 341 -36.64 -11.95 -0.67
N LEU A 342 -36.02 -12.77 -1.53
CA LEU A 342 -34.73 -13.35 -1.14
C LEU A 342 -33.57 -12.39 -1.36
N CYS A 343 -33.25 -12.07 -2.61
CA CYS A 343 -32.26 -11.03 -2.82
C CYS A 343 -32.91 -9.69 -2.54
N GLY A 344 -32.32 -8.94 -1.61
CA GLY A 344 -33.00 -7.81 -0.99
C GLY A 344 -33.29 -6.66 -1.91
N ILE A 345 -34.56 -6.52 -2.28
CA ILE A 345 -35.02 -5.46 -3.18
C ILE A 345 -36.04 -4.63 -2.42
N GLY A 346 -35.79 -3.33 -2.35
CA GLY A 346 -36.63 -2.44 -1.58
C GLY A 346 -36.42 -2.51 -0.09
N ARG A 347 -35.44 -3.26 0.38
CA ARG A 347 -35.18 -3.40 1.81
C ARG A 347 -34.04 -2.44 2.19
N ALA A 348 -34.36 -1.16 2.14
CA ALA A 348 -33.42 -0.12 2.49
C ALA A 348 -34.14 0.97 3.27
N SER A 349 -33.45 1.51 4.25
CA SER A 349 -33.98 2.64 5.00
C SER A 349 -33.99 3.89 4.14
N LYS A 350 -34.88 4.82 4.48
CA LYS A 350 -35.01 6.08 3.74
C LYS A 350 -34.01 7.07 4.31
N LYS A 351 -32.93 7.31 3.59
CA LYS A 351 -31.89 8.24 4.02
C LYS A 351 -32.40 9.66 3.83
N ILE A 352 -32.89 10.26 4.89
CA ILE A 352 -33.47 11.60 4.85
C ILE A 352 -32.45 12.59 5.40
N GLN A 353 -32.10 13.59 4.60
CA GLN A 353 -31.14 14.58 5.05
C GLN A 353 -31.78 15.54 6.05
N GLU A 354 -30.95 16.34 6.70
CA GLU A 354 -31.41 17.32 7.67
C GLU A 354 -31.57 18.69 7.01
N ASP A 355 -32.50 18.73 6.05
CA ASP A 355 -33.07 19.96 5.56
C ASP A 355 -34.56 20.03 5.78
N LYS A 356 -35.25 18.89 5.69
CA LYS A 356 -36.63 18.73 6.12
C LYS A 356 -36.65 17.58 7.11
N TRP A 357 -37.29 17.80 8.25
CA TRP A 357 -37.41 16.69 9.20
C TRP A 357 -38.83 16.58 9.73
N GLN A 358 -39.54 17.73 9.74
CA GLN A 358 -40.93 17.91 10.16
C GLN A 358 -41.26 17.19 11.47
N GLU A 359 -40.64 17.69 12.55
CA GLU A 359 -40.76 17.07 13.86
C GLU A 359 -42.21 17.02 14.36
N SER A 360 -42.56 15.88 14.93
CA SER A 360 -43.91 15.63 15.43
C SER A 360 -43.87 15.38 16.93
N ARG A 361 -44.89 15.85 17.62
CA ARG A 361 -44.93 15.77 19.08
C ARG A 361 -45.20 14.34 19.50
N GLU A 362 -44.18 13.69 20.09
CA GLU A 362 -44.24 12.34 20.64
C GLU A 362 -44.63 11.31 19.58
N GLU A 363 -44.22 11.54 18.34
CA GLU A 363 -44.47 10.62 17.24
C GLU A 363 -43.22 10.53 16.39
N GLU A 364 -42.89 9.30 15.99
CA GLU A 364 -41.57 8.92 15.45
C GLU A 364 -40.45 9.37 16.39
N PHE A 365 -40.45 8.79 17.58
CA PHE A 365 -39.33 8.99 18.51
C PHE A 365 -38.13 8.22 17.99
N LYS A 366 -37.07 8.94 17.61
CA LYS A 366 -35.91 8.33 16.97
C LYS A 366 -34.66 8.55 17.79
N GLN A 367 -33.77 7.56 17.72
CA GLN A 367 -32.43 7.62 18.30
C GLN A 367 -31.56 6.57 17.60
N GLU A 368 -30.41 6.26 18.17
CA GLU A 368 -29.51 5.24 17.65
C GLU A 368 -29.08 4.30 18.77
N GLU A 369 -28.61 3.10 18.40
CA GLU A 369 -28.05 2.15 19.35
C GLU A 369 -27.19 1.12 18.62
N THR A 370 -26.04 0.79 19.20
CA THR A 370 -25.17 -0.27 18.71
C THR A 370 -25.06 -1.40 19.72
N LYS A 371 -24.73 -2.59 19.23
CA LYS A 371 -24.69 -3.79 20.05
C LYS A 371 -23.32 -4.46 20.10
N GLY A 372 -22.73 -4.78 18.95
CA GLY A 372 -21.48 -5.50 18.89
C GLY A 372 -21.65 -6.86 18.22
N ALA A 373 -20.80 -7.80 18.64
CA ALA A 373 -20.80 -9.15 18.09
C ALA A 373 -20.98 -10.18 19.19
N ALA A 374 -21.78 -11.21 18.90
CA ALA A 374 -22.08 -12.25 19.88
C ALA A 374 -20.97 -13.30 19.90
N LYS A 375 -20.88 -14.00 21.02
CA LYS A 375 -19.78 -14.89 21.30
C LYS A 375 -20.17 -16.35 21.09
N ARG A 376 -19.28 -17.11 20.44
CA ARG A 376 -19.49 -18.54 20.19
C ARG A 376 -18.32 -19.36 20.74
N GLY A 377 -18.36 -20.66 20.47
CA GLY A 377 -17.48 -21.60 21.14
C GLY A 377 -16.57 -22.41 20.24
N PHE A 378 -15.99 -23.47 20.79
CA PHE A 378 -14.96 -24.23 20.08
C PHE A 378 -15.60 -25.15 19.06
N PRO A 379 -15.20 -25.08 17.79
CA PRO A 379 -15.80 -25.95 16.77
C PRO A 379 -15.23 -27.35 16.81
N THR A 380 -16.12 -28.34 16.68
CA THR A 380 -15.70 -29.73 16.71
C THR A 380 -15.53 -30.33 15.33
N TRP A 381 -16.07 -29.69 14.30
CA TRP A 381 -15.98 -30.16 12.93
C TRP A 381 -14.71 -29.71 12.22
N PHE A 382 -13.86 -28.93 12.87
CA PHE A 382 -12.84 -28.22 12.14
C PHE A 382 -11.61 -29.08 11.87
N ASN A 383 -11.35 -30.05 12.76
CA ASN A 383 -10.20 -30.94 12.59
C ASN A 383 -10.39 -31.86 11.40
N GLU A 384 -11.61 -32.39 11.22
CA GLU A 384 -11.86 -33.32 10.14
C GLU A 384 -11.79 -32.64 8.77
N GLU A 385 -12.07 -31.34 8.72
CA GLU A 385 -11.85 -30.60 7.49
C GLU A 385 -10.42 -30.15 7.32
N TRP A 386 -9.64 -30.08 8.39
CA TRP A 386 -8.21 -29.86 8.20
C TRP A 386 -7.55 -31.09 7.62
N LEU A 387 -7.83 -32.26 8.21
CA LEU A 387 -7.27 -33.50 7.70
C LEU A 387 -7.88 -33.91 6.36
N TRP A 388 -9.10 -33.45 6.08
CA TRP A 388 -9.68 -33.74 4.78
C TRP A 388 -8.97 -32.97 3.67
N ALA A 389 -8.63 -31.70 3.94
CA ALA A 389 -8.22 -30.81 2.87
C ALA A 389 -6.82 -31.13 2.36
N MET A 390 -5.96 -31.69 3.20
CA MET A 390 -4.61 -32.06 2.79
C MET A 390 -4.50 -33.51 2.38
N ARG A 391 -5.59 -34.26 2.39
CA ARG A 391 -5.59 -35.62 1.87
C ARG A 391 -5.73 -35.57 0.35
N ASP A 392 -4.91 -36.36 -0.32
CA ASP A 392 -4.94 -36.43 -1.78
C ASP A 392 -6.24 -37.04 -2.26
N SER A 393 -6.81 -36.47 -3.32
CA SER A 393 -8.12 -36.87 -3.80
C SER A 393 -8.12 -38.25 -4.44
N LYS A 399 -10.06 -40.92 -10.05
CA LYS A 399 -8.89 -40.17 -9.64
C LYS A 399 -8.73 -38.89 -10.46
N ILE A 400 -9.18 -37.77 -9.90
CA ILE A 400 -9.10 -36.48 -10.58
C ILE A 400 -7.83 -35.79 -10.13
N GLY A 401 -7.06 -35.27 -11.08
CA GLY A 401 -5.72 -34.79 -10.80
C GLY A 401 -5.58 -33.30 -10.69
N ASP A 402 -5.06 -32.65 -11.74
CA ASP A 402 -4.62 -31.27 -11.65
C ASP A 402 -5.80 -30.31 -11.62
N TRP A 403 -5.80 -29.40 -10.64
CA TRP A 403 -6.89 -28.46 -10.44
C TRP A 403 -6.52 -27.02 -10.73
N ILE A 404 -5.38 -26.56 -10.22
CA ILE A 404 -5.06 -25.12 -10.28
C ILE A 404 -4.47 -24.80 -11.65
N PRO A 405 -4.96 -23.77 -12.32
CA PRO A 405 -4.38 -23.39 -13.62
C PRO A 405 -3.04 -22.70 -13.48
N MET A 406 -1.95 -23.45 -13.44
CA MET A 406 -0.62 -22.85 -13.36
C MET A 406 -0.09 -22.57 -14.77
N ALA A 407 1.18 -22.21 -14.87
CA ALA A 407 1.76 -21.87 -16.18
C ALA A 407 3.05 -22.63 -16.45
N GLU A 408 3.73 -22.30 -17.55
CA GLU A 408 4.82 -23.11 -18.06
C GLU A 408 6.14 -22.79 -17.37
N MET A 409 7.05 -23.75 -17.42
CA MET A 409 8.37 -23.61 -16.80
C MET A 409 9.33 -22.98 -17.80
N PRO A 410 10.04 -21.91 -17.41
CA PRO A 410 11.00 -21.30 -18.32
C PRO A 410 12.25 -22.16 -18.45
N PRO A 411 12.99 -22.05 -19.55
CA PRO A 411 14.21 -22.83 -19.71
C PRO A 411 15.30 -22.35 -18.76
N CYS A 412 16.22 -23.26 -18.44
CA CYS A 412 17.22 -23.03 -17.42
C CYS A 412 18.61 -23.12 -18.01
N LYS A 413 19.53 -22.37 -17.42
CA LYS A 413 20.95 -22.45 -17.73
C LYS A 413 21.59 -23.48 -16.81
N ASN A 414 22.93 -23.46 -16.73
CA ASN A 414 23.67 -24.26 -15.76
C ASN A 414 23.88 -23.52 -14.44
N GLU A 415 22.99 -22.60 -14.11
CA GLU A 415 23.05 -21.77 -12.92
C GLU A 415 22.36 -22.48 -11.75
N MET A 416 21.95 -21.69 -10.76
CA MET A 416 21.06 -22.09 -9.67
C MET A 416 19.63 -22.35 -10.14
N GLU A 417 19.32 -22.22 -11.43
CA GLU A 417 17.96 -22.41 -11.93
C GLU A 417 17.51 -23.87 -11.85
N ASP A 418 18.45 -24.82 -11.78
CA ASP A 418 18.07 -26.20 -11.51
C ASP A 418 17.47 -26.36 -10.12
N TYR A 419 17.96 -25.58 -9.16
CA TYR A 419 17.42 -25.61 -7.81
C TYR A 419 15.99 -25.08 -7.77
N ALA A 420 15.75 -23.94 -8.44
CA ALA A 420 14.43 -23.34 -8.45
C ALA A 420 13.43 -24.21 -9.21
N LYS A 421 13.85 -24.74 -10.37
CA LYS A 421 12.97 -25.60 -11.15
C LYS A 421 12.66 -26.89 -10.41
N LYS A 422 13.63 -27.42 -9.67
CA LYS A 422 13.40 -28.66 -8.93
C LYS A 422 12.44 -28.46 -7.76
N MET A 423 12.61 -27.36 -7.01
CA MET A 423 11.70 -27.09 -5.89
C MET A 423 10.29 -26.81 -6.39
N CYS A 424 10.15 -26.10 -7.50
CA CYS A 424 8.82 -25.83 -8.02
C CYS A 424 8.15 -27.07 -8.58
N GLU A 425 8.92 -27.97 -9.22
CA GLU A 425 8.30 -29.18 -9.74
C GLU A 425 7.89 -30.14 -8.65
N GLU A 426 8.72 -30.29 -7.62
CA GLU A 426 8.38 -31.24 -6.55
C GLU A 426 7.23 -30.71 -5.69
N LEU A 427 7.31 -29.45 -5.27
CA LEU A 427 6.26 -28.90 -4.41
C LEU A 427 4.95 -28.73 -5.17
N GLU A 428 5.02 -28.28 -6.42
CA GLU A 428 3.79 -28.13 -7.19
C GLU A 428 3.18 -29.48 -7.54
N SER A 429 4.03 -30.46 -7.88
CA SER A 429 3.53 -31.81 -8.17
C SER A 429 2.97 -32.49 -6.93
N LYS A 430 3.34 -32.05 -5.73
CA LYS A 430 2.62 -32.54 -4.55
C LYS A 430 1.30 -31.82 -4.35
N ILE A 431 1.27 -30.49 -4.47
CA ILE A 431 0.05 -29.79 -4.04
C ILE A 431 -1.04 -29.74 -5.10
N GLN A 432 -0.76 -30.13 -6.34
CA GLN A 432 -1.81 -30.06 -7.36
C GLN A 432 -2.92 -31.08 -7.15
N GLY A 433 -2.66 -32.19 -6.46
CA GLY A 433 -3.65 -33.26 -6.37
C GLY A 433 -4.60 -33.20 -5.20
N THR A 434 -4.30 -32.37 -4.20
CA THR A 434 -5.01 -32.40 -2.93
C THR A 434 -6.42 -31.85 -3.07
N ASN A 435 -7.17 -31.88 -1.97
CA ASN A 435 -8.53 -31.36 -1.97
C ASN A 435 -8.59 -29.88 -1.63
N CYS A 436 -7.47 -29.27 -1.28
CA CYS A 436 -7.44 -27.83 -1.09
C CYS A 436 -7.43 -27.11 -2.44
N ALA A 437 -6.77 -27.72 -3.43
CA ALA A 437 -6.72 -27.14 -4.76
C ALA A 437 -8.07 -27.19 -5.46
N ARG A 438 -8.92 -28.14 -5.09
CA ARG A 438 -10.27 -28.18 -5.62
C ARG A 438 -11.06 -26.94 -5.18
N GLU A 439 -10.86 -26.53 -3.94
CA GLU A 439 -11.55 -25.36 -3.44
C GLU A 439 -10.93 -24.07 -3.94
N MET A 440 -9.62 -24.04 -4.17
CA MET A 440 -9.02 -22.86 -4.80
C MET A 440 -9.52 -22.67 -6.24
N SER A 441 -9.61 -23.76 -7.01
CA SER A 441 -10.19 -23.66 -8.34
C SER A 441 -11.67 -23.28 -8.29
N LYS A 442 -12.38 -23.76 -7.28
CA LYS A 442 -13.80 -23.44 -7.13
C LYS A 442 -14.01 -21.96 -6.85
N LEU A 443 -13.15 -21.36 -6.02
CA LEU A 443 -13.25 -19.93 -5.76
C LEU A 443 -12.84 -19.11 -6.97
N ILE A 444 -11.81 -19.54 -7.70
CA ILE A 444 -11.33 -18.79 -8.86
C ILE A 444 -12.38 -18.75 -9.95
N HIS A 445 -12.88 -19.90 -10.38
CA HIS A 445 -13.85 -19.93 -11.47
C HIS A 445 -15.19 -19.34 -11.05
N THR A 446 -15.69 -19.72 -9.87
CA THR A 446 -17.03 -19.29 -9.48
C THR A 446 -17.06 -17.81 -9.11
N ILE A 447 -16.12 -17.37 -8.28
CA ILE A 447 -16.14 -15.96 -7.87
C ILE A 447 -15.62 -15.05 -8.99
N GLY A 448 -14.74 -15.55 -9.85
CA GLY A 448 -14.36 -14.76 -11.02
C GLY A 448 -15.50 -14.55 -11.99
N SER A 449 -16.31 -15.59 -12.20
CA SER A 449 -17.50 -15.46 -13.03
C SER A 449 -18.51 -14.49 -12.41
N LEU A 450 -18.70 -14.58 -11.07
CA LEU A 450 -19.53 -13.59 -10.38
C LEU A 450 -18.98 -12.19 -10.48
N HIS A 451 -17.66 -12.06 -10.63
CA HIS A 451 -17.04 -10.74 -10.70
C HIS A 451 -17.32 -10.09 -12.04
N THR A 452 -17.17 -10.84 -13.14
CA THR A 452 -17.50 -10.27 -14.45
C THR A 452 -19.00 -10.04 -14.59
N GLU A 453 -19.84 -10.90 -14.00
CA GLU A 453 -21.28 -10.64 -14.02
C GLU A 453 -21.64 -9.41 -13.19
N CYS A 454 -20.92 -9.15 -12.10
CA CYS A 454 -21.17 -7.94 -11.32
C CYS A 454 -20.69 -6.68 -12.03
N ARG A 455 -19.74 -6.79 -12.96
CA ARG A 455 -19.42 -5.58 -13.73
C ARG A 455 -20.41 -5.38 -14.87
N ASN A 456 -20.69 -6.42 -15.64
CA ASN A 456 -21.42 -6.23 -16.89
C ASN A 456 -22.90 -5.97 -16.66
N PHE A 457 -23.52 -6.64 -15.69
CA PHE A 457 -24.96 -6.56 -15.49
C PHE A 457 -25.33 -6.22 -14.05
N PRO A 458 -25.27 -4.94 -13.66
CA PRO A 458 -25.99 -4.52 -12.48
C PRO A 458 -27.46 -4.33 -12.80
N GLY A 459 -28.29 -4.42 -11.77
CA GLY A 459 -29.71 -4.23 -11.96
C GLY A 459 -30.42 -5.36 -12.64
N LYS A 460 -29.77 -6.50 -12.83
CA LYS A 460 -30.39 -7.68 -13.39
C LYS A 460 -29.84 -8.89 -12.65
N VAL A 461 -30.73 -9.81 -12.29
CA VAL A 461 -30.35 -10.99 -11.52
C VAL A 461 -29.94 -12.09 -12.49
N LYS A 462 -28.70 -12.56 -12.34
CA LYS A 462 -28.14 -13.57 -13.21
C LYS A 462 -28.10 -14.92 -12.50
N ILE A 463 -27.61 -15.93 -13.22
CA ILE A 463 -27.45 -17.29 -12.73
C ILE A 463 -26.05 -17.72 -13.11
N VAL A 464 -25.21 -17.95 -12.11
CA VAL A 464 -23.81 -18.31 -12.30
C VAL A 464 -23.62 -19.73 -11.76
N PRO A 465 -23.04 -20.64 -12.53
CA PRO A 465 -22.79 -21.98 -11.98
C PRO A 465 -21.62 -22.01 -11.01
N ILE A 466 -21.53 -23.09 -10.25
CA ILE A 466 -20.46 -23.33 -9.29
C ILE A 466 -19.74 -24.59 -9.76
N TYR A 467 -18.54 -24.40 -10.32
CA TYR A 467 -17.87 -25.42 -11.14
C TYR A 467 -16.35 -25.33 -10.98
N CYS A 468 -15.66 -26.37 -11.46
CA CYS A 468 -14.20 -26.45 -11.52
C CYS A 468 -13.79 -27.02 -12.88
N ARG A 469 -12.49 -27.25 -13.06
CA ARG A 469 -11.95 -27.98 -14.21
C ARG A 469 -10.74 -28.80 -13.78
N GLY A 470 -10.77 -30.09 -14.08
CA GLY A 470 -9.68 -30.98 -13.69
C GLY A 470 -9.59 -32.14 -14.65
N THR A 471 -8.43 -32.78 -14.67
CA THR A 471 -8.11 -33.81 -15.66
C THR A 471 -8.45 -35.18 -15.09
N LEU A 472 -9.48 -35.82 -15.64
CA LEU A 472 -9.89 -37.17 -15.27
C LEU A 472 -9.38 -38.14 -16.31
N ARG A 473 -8.43 -39.00 -15.91
CA ARG A 473 -7.75 -39.99 -16.78
C ARG A 473 -7.14 -39.36 -18.02
N GLY A 474 -6.64 -38.12 -17.89
CA GLY A 474 -6.14 -37.38 -19.02
C GLY A 474 -7.20 -36.61 -19.79
N GLU A 475 -8.43 -37.10 -19.78
CA GLU A 475 -9.54 -36.39 -20.41
C GLU A 475 -9.89 -35.19 -19.56
N SER A 476 -9.79 -33.99 -20.13
CA SER A 476 -10.10 -32.77 -19.39
C SER A 476 -11.60 -32.70 -19.13
N THR A 477 -11.97 -32.64 -17.86
CA THR A 477 -13.35 -32.55 -17.45
C THR A 477 -13.58 -31.23 -16.72
N ASP A 478 -14.84 -30.83 -16.68
CA ASP A 478 -15.27 -29.74 -15.83
C ASP A 478 -16.37 -30.24 -14.92
N CYS A 479 -16.40 -29.72 -13.71
CA CYS A 479 -17.26 -30.22 -12.66
C CYS A 479 -18.46 -29.29 -12.51
N LEU A 480 -19.28 -29.54 -11.50
CA LEU A 480 -20.44 -28.70 -11.21
C LEU A 480 -20.82 -28.94 -9.77
N PHE A 481 -20.59 -27.94 -8.91
CA PHE A 481 -20.91 -28.11 -7.51
C PHE A 481 -22.22 -27.47 -7.10
N GLY A 482 -22.70 -26.48 -7.84
CA GLY A 482 -23.97 -25.90 -7.41
C GLY A 482 -24.41 -24.81 -8.35
N ILE A 483 -25.47 -24.11 -7.94
CA ILE A 483 -26.03 -23.00 -8.71
C ILE A 483 -26.07 -21.78 -7.82
N ALA A 484 -25.36 -20.73 -8.20
CA ALA A 484 -25.32 -19.47 -7.48
C ALA A 484 -26.14 -18.43 -8.24
N ILE A 485 -26.69 -17.47 -7.51
CA ILE A 485 -27.60 -16.48 -8.08
C ILE A 485 -27.24 -15.11 -7.53
N LYS A 486 -27.03 -14.15 -8.43
CA LYS A 486 -26.63 -12.79 -8.09
C LYS A 486 -27.83 -11.99 -7.61
N GLY A 487 -27.59 -10.79 -7.08
CA GLY A 487 -28.62 -9.99 -6.45
C GLY A 487 -28.66 -8.51 -6.80
N LYS A 488 -28.47 -8.17 -8.08
CA LYS A 488 -28.47 -6.80 -8.65
C LYS A 488 -27.52 -5.85 -7.89
N SER A 489 -26.24 -6.12 -8.11
CA SER A 489 -25.15 -5.42 -7.46
C SER A 489 -24.84 -4.11 -8.15
N HIS A 490 -25.29 -2.99 -7.59
CA HIS A 490 -24.83 -1.67 -8.00
C HIS A 490 -23.65 -1.30 -7.09
N LEU A 491 -22.46 -1.80 -7.45
CA LEU A 491 -21.28 -1.61 -6.61
C LEU A 491 -20.79 -0.18 -6.76
N ASN A 492 -21.27 0.71 -5.88
CA ASN A 492 -20.89 2.11 -5.93
C ASN A 492 -19.52 2.33 -5.30
N LYS A 493 -19.35 1.95 -4.05
CA LYS A 493 -18.09 2.08 -3.34
C LYS A 493 -17.39 0.71 -3.28
N ASP A 494 -16.31 0.63 -2.51
CA ASP A 494 -15.58 -0.63 -2.37
C ASP A 494 -16.35 -1.66 -1.55
N ASP A 495 -17.37 -1.23 -0.83
CA ASP A 495 -18.29 -2.12 -0.12
C ASP A 495 -19.46 -2.46 -1.06
N GLY A 496 -20.57 -2.89 -0.49
CA GLY A 496 -21.79 -3.04 -1.24
C GLY A 496 -22.58 -4.24 -0.83
N MET A 497 -21.88 -5.33 -0.49
CA MET A 497 -22.42 -6.54 0.13
C MET A 497 -23.66 -7.07 -0.58
N TYR A 498 -23.52 -7.34 -1.87
CA TYR A 498 -24.63 -7.85 -2.65
C TYR A 498 -24.95 -9.29 -2.25
N THR A 499 -26.19 -9.68 -2.51
CA THR A 499 -26.75 -10.90 -1.96
C THR A 499 -26.67 -12.02 -2.97
N VAL A 500 -25.88 -13.04 -2.65
CA VAL A 500 -25.76 -14.24 -3.47
C VAL A 500 -26.58 -15.33 -2.82
N VAL A 501 -27.46 -15.97 -3.59
CA VAL A 501 -28.24 -17.10 -3.11
C VAL A 501 -27.68 -18.36 -3.73
N THR A 502 -27.20 -19.28 -2.89
CA THR A 502 -26.48 -20.46 -3.33
C THR A 502 -27.31 -21.71 -3.06
N PHE A 503 -27.56 -22.48 -4.11
CA PHE A 503 -28.11 -23.82 -4.02
C PHE A 503 -26.97 -24.80 -4.17
N GLU A 504 -26.76 -25.63 -3.16
CA GLU A 504 -25.62 -26.53 -3.12
C GLU A 504 -26.06 -27.97 -3.20
N PHE A 505 -25.12 -28.83 -3.58
CA PHE A 505 -25.35 -30.26 -3.72
C PHE A 505 -24.51 -31.00 -2.70
N SER A 506 -25.14 -31.90 -1.95
CA SER A 506 -24.42 -32.69 -0.98
C SER A 506 -24.96 -34.11 -0.99
N THR A 507 -24.21 -35.01 -0.39
CA THR A 507 -24.65 -36.39 -0.28
C THR A 507 -24.41 -36.92 1.13
N GLU A 508 -24.54 -36.06 2.13
CA GLU A 508 -24.41 -36.45 3.52
C GLU A 508 -25.57 -35.93 4.34
N GLU A 509 -25.84 -36.61 5.45
CA GLU A 509 -26.89 -36.17 6.34
C GLU A 509 -26.44 -34.90 7.05
N PRO A 510 -27.32 -33.91 7.15
CA PRO A 510 -26.93 -32.61 7.72
C PRO A 510 -26.81 -32.69 9.24
N ASN A 511 -26.54 -31.53 9.84
CA ASN A 511 -26.21 -31.44 11.25
C ASN A 511 -26.59 -30.05 11.75
N PRO A 512 -27.51 -29.93 12.71
CA PRO A 512 -27.93 -28.60 13.18
C PRO A 512 -26.88 -27.88 14.01
N SER A 513 -25.74 -28.49 14.31
CA SER A 513 -24.63 -27.78 14.96
C SER A 513 -23.65 -27.23 13.94
N LYS A 514 -23.27 -28.02 12.95
CA LYS A 514 -22.40 -27.53 11.88
C LYS A 514 -23.17 -26.71 10.86
N HIS A 515 -24.15 -27.34 10.20
CA HIS A 515 -24.92 -26.70 9.13
C HIS A 515 -26.06 -25.90 9.74
N GLU A 516 -25.70 -24.83 10.45
CA GLU A 516 -26.69 -24.06 11.20
C GLU A 516 -27.30 -22.94 10.38
N LYS A 517 -26.51 -22.33 9.49
CA LYS A 517 -26.99 -21.21 8.69
C LYS A 517 -27.66 -21.65 7.40
N TYR A 518 -27.65 -22.94 7.09
CA TYR A 518 -28.25 -23.47 5.88
C TYR A 518 -29.75 -23.70 6.08
N THR A 519 -30.41 -24.12 5.01
CA THR A 519 -31.85 -24.35 4.99
C THR A 519 -32.11 -25.68 4.26
N VAL A 520 -31.46 -26.72 4.78
CA VAL A 520 -31.26 -28.02 4.13
C VAL A 520 -32.55 -28.67 3.65
N PHE A 521 -32.70 -28.74 2.34
CA PHE A 521 -33.64 -29.56 1.60
C PHE A 521 -32.96 -30.86 1.22
N GLU A 522 -33.49 -31.50 0.19
CA GLU A 522 -33.12 -32.84 -0.24
C GLU A 522 -32.95 -32.75 -1.75
N ALA A 523 -32.48 -33.82 -2.40
CA ALA A 523 -32.59 -33.85 -3.85
C ALA A 523 -33.24 -35.11 -4.40
N GLY A 524 -32.72 -36.28 -4.04
CA GLY A 524 -33.17 -37.50 -4.68
C GLY A 524 -32.21 -38.66 -4.47
N THR A 525 -31.87 -39.38 -5.53
CA THR A 525 -30.93 -40.50 -5.44
C THR A 525 -29.86 -40.37 -6.52
N VAL A 526 -28.67 -40.87 -6.22
CA VAL A 526 -27.55 -40.91 -7.16
C VAL A 526 -26.94 -42.31 -7.15
N PRO A 527 -26.74 -42.92 -8.33
CA PRO A 527 -25.97 -44.18 -8.38
C PRO A 527 -24.49 -43.91 -8.15
N VAL A 528 -23.95 -44.49 -7.08
CA VAL A 528 -22.54 -44.33 -6.73
C VAL A 528 -21.91 -45.72 -6.70
N GLU A 529 -21.10 -46.01 -7.70
CA GLU A 529 -20.47 -47.31 -7.82
C GLU A 529 -19.23 -47.41 -6.94
N ALA A 530 -18.97 -48.62 -6.47
CA ALA A 530 -17.82 -48.87 -5.59
C ALA A 530 -16.52 -48.88 -6.39
N LYS A 542 -24.40 -48.10 -2.82
CA LYS A 542 -24.65 -48.62 -4.16
C LYS A 542 -25.43 -47.59 -4.97
N GLU A 543 -26.58 -47.18 -4.44
CA GLU A 543 -27.32 -46.01 -4.93
C GLU A 543 -27.73 -45.23 -3.69
N LYS A 544 -27.06 -44.11 -3.43
CA LYS A 544 -27.27 -43.38 -2.19
C LYS A 544 -28.21 -42.20 -2.40
N LYS A 545 -28.50 -41.49 -1.32
CA LYS A 545 -29.38 -40.33 -1.37
C LYS A 545 -28.64 -39.13 -1.94
N LEU A 546 -29.35 -38.03 -2.08
CA LEU A 546 -28.77 -36.78 -2.52
C LEU A 546 -29.55 -35.67 -1.85
N PHE A 547 -28.85 -34.79 -1.15
CA PHE A 547 -29.46 -33.70 -0.41
C PHE A 547 -29.15 -32.40 -1.12
N LEU A 548 -30.20 -31.66 -1.49
CA LEU A 548 -29.99 -30.30 -1.94
C LEU A 548 -30.06 -29.40 -0.72
N TYR A 549 -29.07 -28.49 -0.63
CA TYR A 549 -28.93 -27.48 0.41
C TYR A 549 -29.25 -26.10 -0.16
N CYS A 550 -29.65 -25.19 0.73
CA CYS A 550 -29.90 -23.81 0.33
C CYS A 550 -29.26 -22.87 1.35
N ARG A 551 -28.79 -21.71 0.88
CA ARG A 551 -28.27 -20.69 1.78
C ARG A 551 -28.28 -19.34 1.07
N THR A 552 -28.70 -18.29 1.77
CA THR A 552 -28.49 -16.94 1.29
C THR A 552 -27.29 -16.32 2.03
N THR A 553 -26.47 -15.59 1.29
CA THR A 553 -25.24 -15.01 1.81
C THR A 553 -24.94 -13.74 1.05
N GLY A 554 -23.77 -13.16 1.29
CA GLY A 554 -23.42 -11.89 0.68
C GLY A 554 -21.93 -11.80 0.40
N MET A 555 -21.61 -10.99 -0.60
CA MET A 555 -20.23 -10.74 -1.01
C MET A 555 -20.03 -9.24 -1.17
N SER A 556 -18.80 -8.85 -1.46
CA SER A 556 -18.47 -7.44 -1.72
C SER A 556 -17.44 -7.36 -2.83
N LYS A 557 -17.10 -6.14 -3.19
CA LYS A 557 -16.14 -5.89 -4.26
C LYS A 557 -14.73 -6.31 -3.85
N LEU A 558 -14.35 -6.02 -2.61
CA LEU A 558 -12.98 -6.28 -2.15
C LEU A 558 -12.72 -7.77 -2.00
N LYS A 559 -13.62 -8.50 -1.34
CA LYS A 559 -13.46 -9.94 -1.24
C LYS A 559 -13.65 -10.64 -2.58
N ASN A 560 -14.33 -10.02 -3.55
CA ASN A 560 -14.27 -10.53 -4.91
C ASN A 560 -12.87 -10.37 -5.48
N ASP A 561 -12.19 -9.27 -5.17
CA ASP A 561 -10.83 -9.12 -5.68
C ASP A 561 -9.84 -10.04 -4.97
N TRP A 562 -10.08 -10.36 -3.72
CA TRP A 562 -9.12 -11.16 -2.96
C TRP A 562 -9.38 -12.66 -3.05
N PHE A 563 -10.63 -13.11 -3.19
CA PHE A 563 -10.90 -14.53 -3.36
C PHE A 563 -10.57 -15.02 -4.76
N SER A 564 -10.75 -14.18 -5.77
CA SER A 564 -10.50 -14.58 -7.15
C SER A 564 -9.03 -14.63 -7.52
N LYS A 565 -8.13 -14.34 -6.58
CA LYS A 565 -6.70 -14.38 -6.79
C LYS A 565 -6.02 -15.17 -5.70
N CYS A 566 -6.68 -16.22 -5.22
CA CYS A 566 -6.18 -17.02 -4.10
C CYS A 566 -5.03 -17.93 -4.48
N ARG A 567 -4.67 -17.98 -5.77
CA ARG A 567 -3.50 -18.71 -6.24
C ARG A 567 -2.21 -18.20 -5.59
N ARG A 568 -2.18 -16.92 -5.22
CA ARG A 568 -1.04 -16.33 -4.50
C ARG A 568 -0.76 -16.98 -3.15
N CYS A 569 -1.67 -17.80 -2.62
CA CYS A 569 -1.39 -18.57 -1.42
C CYS A 569 -0.26 -19.58 -1.63
N LEU A 570 0.12 -19.89 -2.87
CA LEU A 570 1.31 -20.72 -3.09
C LEU A 570 2.60 -19.97 -2.81
N ILE A 571 2.58 -18.64 -2.74
CA ILE A 571 3.80 -17.84 -2.64
C ILE A 571 4.48 -17.92 -1.26
N PRO A 572 3.79 -17.77 -0.10
CA PRO A 572 4.55 -17.89 1.15
C PRO A 572 4.94 -19.31 1.49
N THR A 573 4.11 -20.29 1.11
CA THR A 573 4.29 -21.70 1.45
C THR A 573 5.70 -22.21 1.14
N MET A 574 6.08 -22.13 -0.14
CA MET A 574 7.39 -22.57 -0.59
C MET A 574 8.50 -21.84 0.14
N GLU A 575 8.29 -20.53 0.40
CA GLU A 575 9.24 -19.72 1.15
C GLU A 575 9.61 -20.36 2.48
N THR A 576 8.58 -20.75 3.24
CA THR A 576 8.79 -21.40 4.53
C THR A 576 9.59 -22.67 4.37
N VAL A 577 9.18 -23.50 3.39
CA VAL A 577 9.84 -24.77 3.13
C VAL A 577 11.29 -24.54 2.76
N GLU A 578 11.52 -23.55 1.90
CA GLU A 578 12.85 -23.38 1.36
C GLU A 578 13.79 -22.87 2.43
N GLN A 579 13.25 -22.08 3.37
CA GLN A 579 14.06 -21.57 4.47
C GLN A 579 14.67 -22.70 5.26
N ILE A 580 13.85 -23.73 5.57
CA ILE A 580 14.32 -24.89 6.32
C ILE A 580 15.46 -25.55 5.57
N VAL A 581 15.25 -25.78 4.27
CA VAL A 581 16.21 -26.51 3.46
C VAL A 581 17.50 -25.73 3.37
N LEU A 582 17.39 -24.40 3.21
CA LEU A 582 18.59 -23.61 2.99
C LEU A 582 19.43 -23.56 4.25
N LYS A 583 18.75 -23.48 5.41
CA LYS A 583 19.50 -23.38 6.65
C LYS A 583 20.23 -24.68 6.93
N GLU A 584 19.67 -25.80 6.46
CA GLU A 584 20.31 -27.10 6.62
C GLU A 584 21.65 -27.11 5.91
N CYS A 585 21.68 -26.67 4.64
CA CYS A 585 22.97 -26.68 3.97
C CYS A 585 23.85 -25.54 4.47
N ALA A 586 23.23 -24.49 5.02
CA ALA A 586 24.01 -23.42 5.62
C ALA A 586 24.69 -23.87 6.90
N LEU A 587 24.23 -24.96 7.51
CA LEU A 587 24.93 -25.50 8.65
C LEU A 587 25.94 -26.57 8.26
N LYS A 588 25.93 -27.02 7.01
CA LYS A 588 26.75 -28.16 6.63
C LYS A 588 27.65 -27.93 5.42
N GLU A 589 27.36 -26.94 4.58
CA GLU A 589 28.19 -26.51 3.46
C GLU A 589 28.44 -27.64 2.45
N GLU A 590 27.34 -28.26 2.03
CA GLU A 590 27.37 -29.36 1.07
C GLU A 590 25.99 -29.46 0.44
N ASN A 591 25.94 -29.82 -0.85
CA ASN A 591 24.69 -29.88 -1.59
C ASN A 591 23.90 -31.10 -1.12
N ARG A 592 23.16 -30.92 -0.05
CA ARG A 592 22.26 -31.94 0.48
C ARG A 592 20.85 -31.38 0.45
N VAL A 593 20.17 -31.54 -0.69
CA VAL A 593 18.81 -31.07 -0.88
C VAL A 593 17.87 -32.20 -1.24
N SER A 594 18.29 -33.05 -2.19
CA SER A 594 17.40 -34.10 -2.69
C SER A 594 17.17 -35.19 -1.66
N GLU A 595 18.24 -35.61 -0.98
CA GLU A 595 18.09 -36.61 0.07
C GLU A 595 17.63 -36.00 1.38
N MET A 596 17.77 -34.68 1.54
CA MET A 596 17.31 -34.01 2.75
C MET A 596 15.79 -33.82 2.74
N LEU A 597 15.17 -33.80 1.57
CA LEU A 597 13.71 -33.84 1.48
C LEU A 597 13.15 -35.24 1.62
N GLU A 598 13.98 -36.22 1.92
CA GLU A 598 13.59 -37.62 2.04
C GLU A 598 13.91 -38.20 3.41
N ASN A 599 15.06 -37.86 3.99
CA ASN A 599 15.48 -38.39 5.28
C ASN A 599 15.32 -37.39 6.41
N LYS A 600 14.28 -36.56 6.37
CA LYS A 600 14.03 -35.57 7.41
C LYS A 600 12.58 -35.64 7.83
N ARG A 601 12.34 -35.66 9.13
CA ARG A 601 10.99 -35.69 9.68
C ARG A 601 10.59 -34.30 10.16
N ALA A 602 9.29 -34.13 10.37
CA ALA A 602 8.75 -32.84 10.78
C ALA A 602 7.50 -33.14 11.60
N TRP A 603 7.51 -32.73 12.88
CA TRP A 603 6.42 -33.06 13.78
C TRP A 603 5.15 -32.33 13.37
N ILE A 604 4.03 -33.03 13.48
CA ILE A 604 2.67 -32.51 13.34
C ILE A 604 1.75 -33.43 14.12
N ALA A 605 0.54 -32.96 14.39
CA ALA A 605 -0.62 -33.81 14.65
C ALA A 605 -0.52 -34.86 15.74
N HIS A 606 -0.46 -34.45 17.00
CA HIS A 606 -0.58 -35.41 18.10
C HIS A 606 -2.01 -35.92 18.20
N GLU A 607 -2.17 -37.06 18.87
CA GLU A 607 -3.45 -37.75 18.97
C GLU A 607 -4.36 -37.02 19.97
N ASN A 608 -5.51 -37.62 20.26
CA ASN A 608 -6.54 -36.89 21.00
C ASN A 608 -6.61 -37.25 22.48
N GLY A 609 -6.54 -38.53 22.83
CA GLY A 609 -6.57 -38.92 24.23
C GLY A 609 -5.30 -38.54 24.96
N GLU A 610 -4.17 -38.53 24.26
CA GLU A 610 -2.88 -38.17 24.84
C GLU A 610 -2.16 -37.23 23.90
N ASN A 611 -1.30 -36.39 24.48
CA ASN A 611 -0.61 -35.37 23.72
C ASN A 611 0.87 -35.41 24.04
N LEU A 612 1.20 -35.81 25.25
CA LEU A 612 2.52 -35.64 25.81
C LEU A 612 3.50 -36.59 25.12
N THR A 613 4.39 -36.01 24.32
CA THR A 613 5.48 -36.70 23.61
C THR A 613 4.98 -37.84 22.72
N ARG A 614 3.76 -37.72 22.19
CA ARG A 614 3.21 -38.67 21.23
C ARG A 614 2.82 -37.84 20.02
N LEU A 615 3.78 -37.66 19.11
CA LEU A 615 3.65 -36.77 17.96
C LEU A 615 3.81 -37.57 16.67
N VAL A 616 3.23 -37.08 15.59
CA VAL A 616 3.31 -37.75 14.29
C VAL A 616 4.30 -37.00 13.42
N SER A 617 5.46 -37.59 13.21
CA SER A 617 6.44 -37.00 12.31
C SER A 617 6.18 -37.46 10.89
N THR A 618 6.31 -36.55 9.93
CA THR A 618 6.22 -36.92 8.52
C THR A 618 7.53 -36.63 7.82
N LYS A 619 7.56 -36.91 6.52
CA LYS A 619 8.68 -36.49 5.70
C LYS A 619 8.60 -34.99 5.48
N LEU A 620 9.72 -34.42 5.05
CA LEU A 620 9.75 -32.97 4.86
C LEU A 620 8.92 -32.56 3.65
N LYS A 621 8.97 -33.35 2.57
CA LYS A 621 8.30 -32.96 1.32
C LYS A 621 6.78 -32.94 1.48
N ASP A 622 6.22 -33.94 2.17
CA ASP A 622 4.79 -33.97 2.44
C ASP A 622 4.34 -32.83 3.33
N LEU A 623 5.28 -32.21 4.06
CA LEU A 623 5.06 -31.01 4.86
C LEU A 623 4.37 -29.92 4.06
N CYS A 624 4.69 -29.80 2.76
CA CYS A 624 4.12 -28.74 1.93
C CYS A 624 2.60 -28.78 1.92
N ARG A 625 2.03 -29.99 1.95
CA ARG A 625 0.57 -30.18 2.02
C ARG A 625 -0.03 -29.41 3.18
N MET A 626 0.51 -29.64 4.38
CA MET A 626 -0.05 -29.03 5.58
C MET A 626 0.04 -27.52 5.51
N LEU A 627 1.15 -27.02 4.95
CA LEU A 627 1.37 -25.58 4.96
C LEU A 627 0.42 -24.88 4.02
N ILE A 628 0.08 -25.52 2.88
CA ILE A 628 -0.77 -24.79 1.94
C ILE A 628 -2.15 -24.65 2.52
N VAL A 629 -2.55 -25.62 3.38
CA VAL A 629 -3.88 -25.58 3.97
C VAL A 629 -3.99 -24.39 4.90
N THR A 630 -2.96 -24.16 5.71
CA THR A 630 -3.11 -23.09 6.68
C THR A 630 -3.00 -21.74 5.99
N GLN A 631 -2.24 -21.66 4.88
CA GLN A 631 -2.19 -20.40 4.16
C GLN A 631 -3.54 -20.13 3.53
N PHE A 632 -4.17 -21.18 3.04
CA PHE A 632 -5.47 -21.03 2.42
C PHE A 632 -6.52 -20.64 3.44
N TYR A 633 -6.36 -21.08 4.71
CA TYR A 633 -7.34 -20.69 5.70
C TYR A 633 -7.19 -19.23 6.08
N TYR A 634 -5.97 -18.69 5.98
CA TYR A 634 -5.80 -17.26 6.19
C TYR A 634 -6.50 -16.46 5.11
N CYS A 635 -6.67 -17.04 3.92
CA CYS A 635 -7.40 -16.34 2.88
C CYS A 635 -8.89 -16.32 3.16
N ILE A 636 -9.41 -17.33 3.86
CA ILE A 636 -10.84 -17.43 4.02
C ILE A 636 -11.34 -16.69 5.25
N TYR A 637 -10.75 -16.98 6.41
CA TYR A 637 -11.31 -16.55 7.68
C TYR A 637 -10.70 -15.25 8.18
N ASN A 638 -10.31 -14.36 7.29
CA ASN A 638 -9.61 -13.16 7.71
C ASN A 638 -10.61 -12.16 8.27
N ASP A 639 -10.36 -11.70 9.50
CA ASP A 639 -11.21 -10.76 10.21
C ASP A 639 -10.33 -9.76 10.95
N ASN A 640 -10.94 -9.01 11.86
CA ASN A 640 -10.18 -8.23 12.81
C ASN A 640 -9.54 -9.15 13.85
N GLN A 641 -10.31 -10.16 14.26
CA GLN A 641 -9.95 -11.02 15.38
C GLN A 641 -8.70 -11.83 15.06
N LEU A 642 -8.60 -12.27 13.81
CA LEU A 642 -7.45 -13.06 13.40
C LEU A 642 -6.19 -12.22 13.36
N GLU A 643 -6.30 -10.94 13.01
CA GLU A 643 -5.15 -10.04 12.98
C GLU A 643 -4.61 -9.79 14.38
N GLY A 644 -5.48 -9.35 15.29
CA GLY A 644 -5.03 -9.09 16.66
C GLY A 644 -4.50 -10.33 17.35
N PHE A 645 -5.18 -11.46 17.12
CA PHE A 645 -4.70 -12.74 17.61
C PHE A 645 -3.32 -13.12 17.07
N CYS A 646 -3.02 -12.75 15.82
CA CYS A 646 -1.71 -13.11 15.29
C CYS A 646 -0.58 -12.27 15.87
N ASN A 647 -0.83 -10.99 16.17
CA ASN A 647 0.18 -10.21 16.92
C ASN A 647 0.48 -10.84 18.29
N GLU A 648 -0.58 -11.13 19.04
CA GLU A 648 -0.37 -11.60 20.41
C GLU A 648 0.25 -13.00 20.45
N GLN A 649 -0.08 -13.84 19.47
CA GLN A 649 0.60 -15.13 19.44
C GLN A 649 2.06 -14.98 19.04
N LYS A 650 2.45 -13.92 18.32
CA LYS A 650 3.89 -13.73 18.11
C LYS A 650 4.61 -13.41 19.41
N LYS A 651 3.94 -12.68 20.32
CA LYS A 651 4.55 -12.49 21.66
C LYS A 651 4.74 -13.82 22.40
N PHE A 652 3.71 -14.67 22.43
CA PHE A 652 3.86 -15.94 23.14
C PHE A 652 4.89 -16.87 22.50
N LEU A 653 5.03 -16.83 21.18
CA LEU A 653 6.09 -17.59 20.51
C LEU A 653 7.47 -17.10 20.90
N MET A 654 7.63 -15.78 21.13
CA MET A 654 8.89 -15.29 21.65
C MET A 654 9.17 -15.81 23.05
N PHE A 655 8.13 -15.93 23.89
CA PHE A 655 8.32 -16.52 25.22
C PHE A 655 8.73 -17.98 25.15
N LEU A 656 8.18 -18.73 24.20
CA LEU A 656 8.53 -20.14 24.10
C LEU A 656 9.94 -20.32 23.57
N GLN A 657 10.39 -19.44 22.67
CA GLN A 657 11.78 -19.51 22.21
C GLN A 657 12.74 -19.14 23.32
N ALA A 658 12.37 -18.20 24.19
CA ALA A 658 13.22 -17.91 25.34
C ALA A 658 13.25 -19.07 26.31
N ASP A 659 12.17 -19.86 26.40
CA ASP A 659 12.21 -21.04 27.25
C ASP A 659 13.07 -22.14 26.65
N LYS A 660 13.10 -22.26 25.32
CA LYS A 660 13.84 -23.36 24.68
C LYS A 660 15.35 -23.28 24.92
N ASP A 661 15.89 -22.09 25.12
CA ASP A 661 17.33 -21.93 25.22
C ASP A 661 17.77 -21.45 26.59
N SER A 662 16.85 -21.37 27.55
CA SER A 662 17.08 -21.04 28.96
C SER A 662 17.77 -19.67 29.11
N LYS A 663 17.01 -18.63 28.76
CA LYS A 663 17.47 -17.26 28.81
C LYS A 663 16.83 -16.47 29.94
N SER A 664 15.90 -17.07 30.69
CA SER A 664 15.26 -16.53 31.90
C SER A 664 14.55 -15.20 31.60
N ALA A 665 13.51 -15.31 30.78
CA ALA A 665 12.75 -14.14 30.37
C ALA A 665 11.92 -13.59 31.52
N PHE A 666 11.33 -12.42 31.30
CA PHE A 666 10.53 -11.76 32.32
C PHE A 666 9.53 -10.82 31.67
N THR A 667 8.48 -10.52 32.41
CA THR A 667 7.34 -9.76 31.93
C THR A 667 7.04 -8.68 32.96
N PHE A 668 6.37 -7.60 32.54
CA PHE A 668 6.04 -6.54 33.47
C PHE A 668 4.60 -6.57 33.95
N ASN A 669 3.68 -7.09 33.16
CA ASN A 669 2.25 -7.04 33.50
C ASN A 669 1.55 -8.17 32.76
N GLN A 670 1.30 -9.29 33.44
CA GLN A 670 0.67 -10.42 32.78
C GLN A 670 -0.84 -10.27 32.68
N LYS A 671 -1.45 -9.65 33.68
CA LYS A 671 -2.89 -9.53 33.77
C LYS A 671 -3.46 -8.73 32.60
N GLY A 672 -2.86 -7.57 32.32
CA GLY A 672 -3.29 -6.79 31.17
C GLY A 672 -2.95 -7.43 29.85
N LEU A 673 -1.90 -8.25 29.82
CA LEU A 673 -1.55 -8.99 28.61
C LEU A 673 -2.64 -9.98 28.23
N TYR A 674 -3.06 -10.82 29.17
CA TYR A 674 -4.19 -11.71 28.89
C TYR A 674 -5.50 -10.95 28.70
N GLU A 675 -5.63 -9.75 29.29
CA GLU A 675 -6.80 -8.96 29.00
C GLU A 675 -6.75 -8.27 27.64
N LYS A 676 -5.61 -8.29 26.95
CA LYS A 676 -5.58 -7.88 25.55
C LYS A 676 -5.68 -9.04 24.58
N ILE A 677 -5.28 -10.25 24.98
CA ILE A 677 -5.36 -11.37 24.05
C ILE A 677 -6.78 -11.93 23.99
N GLU A 678 -7.43 -12.06 25.15
CA GLU A 678 -8.77 -12.65 25.24
C GLU A 678 -9.87 -11.74 24.74
N GLU A 679 -9.57 -10.50 24.34
CA GLU A 679 -10.62 -9.63 23.81
C GLU A 679 -11.01 -10.03 22.39
N CYS A 680 -10.07 -10.56 21.63
CA CYS A 680 -10.27 -10.84 20.21
C CYS A 680 -10.39 -12.33 19.91
N ILE A 681 -11.04 -13.09 20.79
CA ILE A 681 -11.41 -14.48 20.53
C ILE A 681 -12.90 -14.55 20.79
N VAL A 682 -13.71 -14.33 19.76
CA VAL A 682 -15.15 -14.20 19.95
C VAL A 682 -15.88 -15.25 19.13
N SER A 683 -15.83 -15.14 17.80
CA SER A 683 -16.66 -16.00 16.97
C SER A 683 -16.02 -16.45 15.65
N ASN A 684 -14.77 -16.12 15.39
CA ASN A 684 -14.11 -16.63 14.19
C ASN A 684 -13.71 -18.07 14.46
N PRO A 685 -14.02 -19.02 13.57
CA PRO A 685 -13.61 -20.41 13.83
C PRO A 685 -12.11 -20.62 13.80
N LEU A 686 -11.40 -19.90 12.94
CA LEU A 686 -9.96 -20.09 12.85
C LEU A 686 -9.26 -19.55 14.08
N CYS A 687 -9.81 -18.49 14.69
CA CYS A 687 -9.17 -17.89 15.84
C CYS A 687 -9.31 -18.78 17.07
N ILE A 688 -10.48 -19.38 17.26
CA ILE A 688 -10.71 -20.26 18.40
C ILE A 688 -9.96 -21.57 18.23
N PHE A 689 -9.92 -22.08 16.99
CA PHE A 689 -9.17 -23.30 16.70
C PHE A 689 -7.67 -23.09 16.94
N LEU A 690 -7.12 -21.96 16.49
CA LEU A 690 -5.70 -21.70 16.69
C LEU A 690 -5.35 -21.35 18.13
N ALA A 691 -6.28 -20.75 18.89
CA ALA A 691 -6.01 -20.55 20.31
C ALA A 691 -5.96 -21.88 21.06
N ASP A 692 -6.87 -22.80 20.73
CA ASP A 692 -6.85 -24.12 21.36
C ASP A 692 -5.59 -24.90 21.00
N ARG A 693 -5.17 -24.85 19.74
CA ARG A 693 -3.96 -25.55 19.36
C ARG A 693 -2.70 -24.89 19.93
N LEU A 694 -2.78 -23.60 20.22
CA LEU A 694 -1.70 -22.92 20.92
C LEU A 694 -1.59 -23.44 22.36
N ASN A 695 -2.73 -23.65 23.03
CA ASN A 695 -2.73 -24.25 24.36
C ASN A 695 -2.18 -25.67 24.33
N LYS A 696 -2.46 -26.42 23.27
CA LYS A 696 -1.91 -27.77 23.19
C LYS A 696 -0.42 -27.77 22.91
N LEU A 697 0.09 -26.74 22.21
CA LEU A 697 1.54 -26.55 22.13
C LEU A 697 2.14 -26.29 23.50
N PHE A 698 1.42 -25.54 24.35
CA PHE A 698 1.92 -25.32 25.71
C PHE A 698 1.91 -26.61 26.51
N LEU A 699 0.93 -27.48 26.30
CA LEU A 699 0.88 -28.76 27.01
C LEU A 699 2.00 -29.70 26.57
N VAL A 700 2.29 -29.76 25.27
CA VAL A 700 3.36 -30.64 24.80
C VAL A 700 4.71 -30.08 25.21
N ALA A 701 4.90 -28.77 25.09
CA ALA A 701 6.17 -28.15 25.44
C ALA A 701 6.42 -28.07 26.93
N LYS A 702 5.39 -28.27 27.75
CA LYS A 702 5.54 -28.26 29.20
C LYS A 702 6.31 -29.49 29.70
N SER A 703 6.40 -30.55 28.90
CA SER A 703 7.11 -31.76 29.31
C SER A 703 8.63 -31.60 29.28
N ASN A 704 9.15 -30.50 28.73
CA ASN A 704 10.60 -30.30 28.68
C ASN A 704 11.04 -29.03 29.41
N GLY A 705 10.51 -27.87 29.02
CA GLY A 705 10.94 -26.60 29.59
C GLY A 705 9.91 -26.03 30.54
N ALA A 706 10.39 -25.33 31.56
CA ALA A 706 9.57 -24.96 32.71
C ALA A 706 9.32 -23.45 32.73
N LYS A 707 8.30 -23.03 31.98
CA LYS A 707 7.70 -21.71 32.16
C LYS A 707 6.18 -21.76 32.07
N TYR A 708 5.55 -22.92 32.22
CA TYR A 708 4.14 -23.05 31.89
C TYR A 708 3.32 -23.81 32.94
N PHE A 709 2.05 -24.08 32.60
CA PHE A 709 1.07 -24.76 33.43
C PHE A 709 0.51 -25.97 32.68
N GLU A 710 -0.55 -26.55 33.25
CA GLU A 710 -1.28 -27.65 32.62
C GLU A 710 -2.58 -27.15 32.01
N MET B 1 -7.20 -38.49 15.52
CA MET B 1 -5.94 -37.76 15.48
C MET B 1 -6.18 -36.26 15.39
N GLU B 2 -5.69 -35.51 16.38
CA GLU B 2 -5.74 -34.07 16.33
C GLU B 2 -4.64 -33.56 15.40
N ILE B 3 -4.65 -32.26 15.10
CA ILE B 3 -3.61 -31.70 14.25
C ILE B 3 -3.27 -30.31 14.76
N ASN B 4 -1.99 -29.97 14.72
CA ASN B 4 -1.49 -28.74 15.31
C ASN B 4 -0.37 -28.19 14.42
N PRO B 5 -0.55 -27.02 13.80
CA PRO B 5 0.48 -26.48 12.91
C PRO B 5 1.62 -25.77 13.61
N TYR B 6 1.62 -25.67 14.94
CA TYR B 6 2.70 -24.98 15.62
C TYR B 6 3.86 -25.88 16.01
N LEU B 7 3.70 -27.20 15.88
CA LEU B 7 4.66 -28.14 16.46
C LEU B 7 6.00 -28.12 15.75
N LEU B 8 6.06 -27.53 14.55
CA LEU B 8 7.33 -27.28 13.87
C LEU B 8 8.28 -26.44 14.71
N MET B 9 7.73 -25.60 15.59
CA MET B 9 8.51 -24.75 16.48
C MET B 9 9.12 -25.50 17.65
N LEU B 10 8.85 -26.79 17.81
CA LEU B 10 9.50 -27.52 18.88
C LEU B 10 10.97 -27.83 18.58
N ASN B 11 11.38 -27.80 17.31
CA ASN B 11 12.78 -27.99 16.98
C ASN B 11 13.23 -27.03 15.89
N ASN B 12 12.72 -25.80 15.91
CA ASN B 12 13.10 -24.78 14.95
C ASN B 12 13.29 -23.47 15.71
N ASP B 13 13.38 -22.37 14.99
CA ASP B 13 13.56 -21.06 15.60
C ASP B 13 12.37 -20.17 15.26
N ILE B 14 12.41 -18.95 15.78
CA ILE B 14 11.46 -17.93 15.39
C ILE B 14 12.02 -17.05 14.27
N THR B 15 13.03 -17.53 13.55
CA THR B 15 13.51 -16.86 12.36
C THR B 15 13.14 -17.60 11.09
N SER B 16 12.58 -18.79 11.22
CA SER B 16 12.11 -19.56 10.08
C SER B 16 10.62 -19.80 10.12
N MET B 17 10.06 -20.09 11.29
CA MET B 17 8.64 -20.31 11.46
C MET B 17 7.91 -19.06 11.94
N ILE B 18 8.36 -17.88 11.53
CA ILE B 18 7.65 -16.67 11.92
C ILE B 18 6.89 -16.06 10.75
N SER B 19 7.24 -16.40 9.51
CA SER B 19 6.42 -15.99 8.38
C SER B 19 5.09 -16.74 8.35
N LEU B 20 4.98 -17.83 9.11
CA LEU B 20 3.79 -18.64 9.13
C LEU B 20 2.66 -17.99 9.92
N THR B 21 2.99 -17.05 10.80
CA THR B 21 2.03 -16.48 11.73
C THR B 21 1.50 -15.13 11.30
N TYR B 22 1.60 -14.81 10.01
CA TYR B 22 1.05 -13.57 9.47
C TYR B 22 -0.11 -13.90 8.55
N PRO B 23 -1.30 -13.38 8.78
CA PRO B 23 -2.42 -13.63 7.87
C PRO B 23 -2.44 -12.67 6.68
N TYR B 24 -1.35 -12.64 5.92
CA TYR B 24 -1.18 -11.69 4.83
C TYR B 24 -1.69 -12.19 3.50
N THR B 25 -2.33 -13.34 3.46
CA THR B 25 -2.92 -13.85 2.23
C THR B 25 -4.40 -13.50 2.10
N GLY B 26 -4.93 -12.71 3.04
CA GLY B 26 -6.33 -12.35 3.04
C GLY B 26 -6.52 -10.85 3.05
N ALA B 27 -7.77 -10.45 3.12
CA ALA B 27 -8.10 -9.05 2.89
C ALA B 27 -7.82 -8.22 4.14
N PRO B 28 -7.35 -6.97 3.98
CA PRO B 28 -7.25 -6.09 5.12
C PRO B 28 -8.62 -5.59 5.52
N PRO B 29 -8.86 -5.35 6.81
CA PRO B 29 -10.19 -4.90 7.25
C PRO B 29 -10.40 -3.43 6.95
N MET B 30 -11.52 -3.11 6.31
CA MET B 30 -11.86 -1.74 5.96
C MET B 30 -12.90 -1.19 6.93
N SER B 31 -13.04 0.13 6.93
CA SER B 31 -13.95 0.84 7.83
C SER B 31 -15.24 1.21 7.13
N HIS B 32 -16.28 1.39 7.94
CA HIS B 32 -17.63 1.56 7.41
C HIS B 32 -18.32 2.69 8.14
N GLY B 33 -18.88 3.62 7.39
CA GLY B 33 -19.69 4.66 7.98
C GLY B 33 -18.90 5.84 8.51
N THR B 34 -19.46 6.54 9.48
CA THR B 34 -18.89 7.76 10.00
C THR B 34 -17.66 7.48 10.83
N SER B 35 -16.78 8.48 10.88
CA SER B 35 -15.56 8.43 11.68
C SER B 35 -15.58 9.45 12.79
N THR B 36 -16.76 9.75 13.33
CA THR B 36 -16.85 10.77 14.37
C THR B 36 -16.39 10.23 15.71
N LYS B 37 -16.80 9.00 16.07
CA LYS B 37 -16.49 8.45 17.39
C LYS B 37 -15.00 8.24 17.58
N TYR B 38 -14.27 7.92 16.52
CA TYR B 38 -12.84 7.69 16.65
C TYR B 38 -12.10 9.00 16.86
N SER B 39 -12.56 10.06 16.21
CA SER B 39 -12.00 11.39 16.44
C SER B 39 -12.33 11.91 17.84
N MET B 40 -13.56 11.66 18.29
CA MET B 40 -13.94 12.02 19.66
C MET B 40 -13.10 11.28 20.69
N GLU B 41 -12.80 10.01 20.42
CA GLU B 41 -11.96 9.23 21.31
C GLU B 41 -10.53 9.75 21.33
N THR B 42 -10.03 10.20 20.18
CA THR B 42 -8.68 10.74 20.11
C THR B 42 -8.56 12.04 20.89
N VAL B 43 -9.45 12.99 20.62
CA VAL B 43 -9.34 14.31 21.25
C VAL B 43 -9.64 14.22 22.74
N SER B 44 -10.73 13.54 23.10
CA SER B 44 -11.11 13.43 24.51
C SER B 44 -10.12 12.58 25.29
N ARG B 45 -9.45 11.64 24.62
CA ARG B 45 -8.44 10.87 25.33
C ARG B 45 -7.17 11.68 25.53
N THR B 46 -6.87 12.61 24.61
CA THR B 46 -5.73 13.50 24.82
C THR B 46 -5.97 14.43 26.01
N TYR B 47 -7.15 15.04 26.07
CA TYR B 47 -7.49 15.89 27.21
C TYR B 47 -7.58 15.10 28.51
N SER B 48 -7.92 13.81 28.44
CA SER B 48 -7.82 12.98 29.63
C SER B 48 -6.38 12.73 30.02
N TYR B 49 -5.45 12.76 29.06
CA TYR B 49 -4.05 12.56 29.36
C TYR B 49 -3.32 13.85 29.66
N SER B 50 -4.03 14.98 29.72
CA SER B 50 -3.37 16.25 30.03
C SER B 50 -2.87 16.31 31.47
N ARG B 51 -3.53 15.59 32.39
CA ARG B 51 -3.24 15.57 33.83
C ARG B 51 -3.36 16.95 34.48
N THR B 52 -4.28 17.78 33.98
CA THR B 52 -4.40 19.14 34.51
C THR B 52 -5.81 19.66 34.31
N LYS B 53 -6.02 20.90 34.75
CA LYS B 53 -7.22 21.64 34.43
C LYS B 53 -6.90 23.12 34.24
N LYS B 54 -5.62 23.47 34.11
CA LYS B 54 -5.18 24.87 34.03
C LYS B 54 -5.56 25.44 32.68
N GLU B 55 -6.70 26.11 32.63
CA GLU B 55 -7.20 26.70 31.39
C GLU B 55 -6.91 28.19 31.36
N VAL B 56 -6.57 28.69 30.17
CA VAL B 56 -6.17 30.09 29.97
C VAL B 56 -7.04 30.65 28.87
N PRO B 57 -7.66 31.82 29.04
CA PRO B 57 -8.53 32.36 27.99
C PRO B 57 -7.74 32.86 26.79
N SER B 58 -8.46 33.04 25.69
CA SER B 58 -7.88 33.39 24.41
C SER B 58 -8.46 34.69 23.89
N GLY B 59 -7.63 35.45 23.17
CA GLY B 59 -8.08 36.67 22.54
C GLY B 59 -8.32 36.50 21.06
N ILE B 60 -7.63 35.54 20.46
CA ILE B 60 -7.73 35.29 19.02
C ILE B 60 -8.86 34.30 18.76
N PHE B 61 -8.77 33.18 19.34
CA PHE B 61 -9.82 32.18 19.15
C PHE B 61 -10.94 32.40 20.18
N PRO B 62 -12.17 31.98 19.88
CA PRO B 62 -13.26 32.21 20.84
C PRO B 62 -13.36 31.13 21.90
N ILE B 63 -12.36 30.27 22.01
CA ILE B 63 -12.48 29.08 22.85
C ILE B 63 -11.34 29.08 23.86
N GLU B 64 -11.56 28.37 24.96
CA GLU B 64 -10.57 28.32 26.04
C GLU B 64 -9.38 27.45 25.66
N ARG B 65 -8.25 27.71 26.30
CA ARG B 65 -7.00 27.05 25.98
C ARG B 65 -6.47 26.35 27.22
N ARG B 66 -6.27 25.05 27.13
CA ARG B 66 -5.69 24.29 28.23
C ARG B 66 -4.19 24.15 28.02
N LYS B 67 -3.43 24.31 29.10
CA LYS B 67 -1.98 24.25 29.04
C LYS B 67 -1.48 22.83 29.27
N PHE B 68 -0.36 22.50 28.63
CA PHE B 68 0.11 21.13 28.54
C PHE B 68 1.54 20.89 29.01
N CYS B 69 2.23 21.90 29.51
CA CYS B 69 3.59 21.72 30.00
C CYS B 69 3.75 22.42 31.34
N ASN B 70 4.50 21.78 32.25
CA ASN B 70 4.84 22.25 33.59
C ASN B 70 3.64 22.44 34.51
N THR B 71 2.46 21.96 34.15
CA THR B 71 1.25 22.17 34.95
C THR B 71 0.68 20.80 35.28
N ILE B 72 1.21 20.14 36.30
CA ILE B 72 0.86 18.76 36.58
C ILE B 72 0.06 18.70 37.88
N GLU B 73 -0.99 17.87 37.86
CA GLU B 73 -1.75 17.50 39.06
C GLU B 73 -1.52 16.01 39.25
N ASP B 74 -0.57 15.66 40.11
CA ASP B 74 0.01 14.33 40.14
C ASP B 74 -0.99 13.34 40.70
N LYS B 75 -1.52 12.47 39.84
CA LYS B 75 -2.35 11.40 40.33
C LYS B 75 -1.49 10.29 40.91
N GLU B 76 -2.11 9.46 41.75
CA GLU B 76 -1.42 8.30 42.29
C GLU B 76 -1.25 7.22 41.23
N ASN B 77 -2.15 7.17 40.27
CA ASN B 77 -2.04 6.22 39.17
C ASN B 77 -1.02 6.77 38.17
N LEU B 78 0.25 6.56 38.49
CA LEU B 78 1.30 7.03 37.61
C LEU B 78 1.69 5.97 36.57
N GLU B 79 1.28 4.72 36.76
CA GLU B 79 1.42 3.73 35.70
C GLU B 79 0.48 4.01 34.54
N LYS B 80 -0.61 4.74 34.78
CA LYS B 80 -1.39 5.28 33.70
C LYS B 80 -0.57 6.32 32.94
N PRO B 81 -0.78 6.48 31.64
CA PRO B 81 0.08 7.37 30.86
C PRO B 81 -0.19 8.83 31.17
N ASN B 82 0.89 9.62 31.24
CA ASN B 82 0.78 11.06 31.32
C ASN B 82 1.17 11.69 29.99
N GLY B 83 0.70 12.91 29.79
CA GLY B 83 1.05 13.66 28.60
C GLY B 83 1.53 15.05 28.95
N ASN B 84 2.26 15.16 30.05
CA ASN B 84 2.66 16.44 30.60
C ASN B 84 4.19 16.47 30.68
N VAL B 85 4.79 17.48 30.06
CA VAL B 85 6.22 17.52 29.81
C VAL B 85 6.85 18.55 30.74
N ASP B 86 8.01 18.21 31.29
CA ASP B 86 8.82 19.13 32.08
C ASP B 86 9.94 19.66 31.17
N ILE B 87 9.97 20.98 30.96
CA ILE B 87 10.86 21.50 29.93
C ILE B 87 12.29 21.68 30.44
N ASN B 88 12.49 21.93 31.73
CA ASN B 88 13.85 22.05 32.26
C ASN B 88 14.56 20.71 32.22
N PHE B 89 13.81 19.64 32.46
CA PHE B 89 14.39 18.30 32.40
C PHE B 89 14.81 17.95 30.98
N MET B 90 13.98 18.26 29.99
CA MET B 90 14.32 17.87 28.62
C MET B 90 15.39 18.77 28.03
N LEU B 91 15.45 20.04 28.40
CA LEU B 91 16.59 20.84 27.98
C LEU B 91 17.86 20.39 28.66
N SER B 92 17.74 19.84 29.88
CA SER B 92 18.91 19.19 30.48
C SER B 92 19.32 17.94 29.72
N LEU B 93 18.36 17.24 29.11
CA LEU B 93 18.72 16.09 28.29
C LEU B 93 19.36 16.50 26.96
N ALA B 94 18.93 17.62 26.38
CA ALA B 94 19.57 18.06 25.14
C ALA B 94 20.96 18.60 25.39
N GLU B 95 21.13 19.37 26.47
CA GLU B 95 22.47 19.79 26.90
C GLU B 95 23.33 18.60 27.24
N MET B 96 22.74 17.54 27.77
CA MET B 96 23.46 16.30 27.99
C MET B 96 23.76 15.57 26.69
N LEU B 97 23.00 15.86 25.63
CA LEU B 97 23.23 15.22 24.33
C LEU B 97 24.38 15.87 23.59
N GLU B 98 24.41 17.20 23.53
CA GLU B 98 25.46 17.86 22.76
C GLU B 98 26.82 17.81 23.43
N GLU B 99 26.89 17.45 24.71
CA GLU B 99 28.17 17.23 25.38
C GLU B 99 28.73 15.85 25.15
N LYS B 100 28.05 15.03 24.36
CA LYS B 100 28.53 13.69 24.03
C LYS B 100 29.30 13.67 22.72
N MET B 101 28.79 14.36 21.71
CA MET B 101 29.41 14.41 20.39
C MET B 101 29.63 15.85 19.98
N GLY B 102 30.89 16.27 19.95
CA GLY B 102 31.25 17.59 19.45
C GLY B 102 30.88 18.72 20.41
N LYS B 103 31.08 19.93 19.92
CA LYS B 103 30.66 21.15 20.60
C LYS B 103 29.67 21.96 19.79
N GLY B 104 30.00 22.30 18.55
CA GLY B 104 29.11 23.02 17.67
C GLY B 104 28.31 22.06 16.81
N PHE B 105 27.61 21.14 17.46
CA PHE B 105 26.90 20.07 16.78
C PHE B 105 25.63 20.59 16.11
N PHE B 106 24.77 21.23 16.90
CA PHE B 106 23.51 21.76 16.38
C PHE B 106 23.74 22.91 15.41
N LYS B 107 24.84 23.65 15.58
CA LYS B 107 25.19 24.71 14.64
C LYS B 107 25.57 24.12 13.28
N PHE B 108 26.28 23.00 13.29
CA PHE B 108 26.66 22.34 12.05
C PHE B 108 25.44 21.79 11.32
N CYS B 109 24.59 21.05 12.05
CA CYS B 109 23.41 20.47 11.43
C CYS B 109 22.42 21.53 10.98
N ALA B 110 22.32 22.63 11.73
CA ALA B 110 21.42 23.70 11.34
C ALA B 110 21.95 24.50 10.15
N ASN B 111 23.27 24.66 10.04
CA ASN B 111 23.82 25.36 8.88
C ASN B 111 23.67 24.53 7.62
N GLU B 112 23.83 23.21 7.71
CA GLU B 112 23.54 22.37 6.55
C GLU B 112 22.06 22.39 6.20
N ALA B 113 21.19 22.44 7.21
CA ALA B 113 19.75 22.43 6.97
C ALA B 113 19.29 23.70 6.27
N GLU B 114 19.70 24.87 6.78
CA GLU B 114 19.36 26.13 6.13
C GLU B 114 20.03 26.26 4.77
N ALA B 115 21.23 25.68 4.62
CA ALA B 115 21.89 25.63 3.32
C ALA B 115 21.08 24.83 2.31
N GLU B 116 20.34 23.82 2.75
CA GLU B 116 19.46 23.13 1.81
C GLU B 116 18.08 23.77 1.68
N ILE B 117 17.65 24.59 2.63
CA ILE B 117 16.36 25.26 2.49
C ILE B 117 16.48 26.42 1.50
N LEU B 118 17.59 27.14 1.52
CA LEU B 118 17.74 28.30 0.64
C LEU B 118 17.89 27.94 -0.83
N LYS B 119 18.16 26.68 -1.16
CA LYS B 119 18.27 26.23 -2.54
C LYS B 119 17.12 25.32 -2.92
N MET B 120 15.92 25.62 -2.42
CA MET B 120 14.76 24.76 -2.59
C MET B 120 13.64 25.54 -3.26
N HIS B 121 13.03 24.93 -4.26
CA HIS B 121 11.94 25.51 -5.02
C HIS B 121 10.62 25.02 -4.46
N PHE B 122 9.54 25.80 -4.64
CA PHE B 122 8.34 25.46 -3.90
C PHE B 122 7.47 24.43 -4.61
N SER B 123 7.78 24.10 -5.87
CA SER B 123 7.10 23.02 -6.57
C SER B 123 7.37 21.65 -5.97
N LYS B 124 8.37 21.55 -5.09
CA LYS B 124 8.60 20.35 -4.28
C LYS B 124 7.39 20.02 -3.41
N LEU B 125 6.56 21.01 -3.07
CA LEU B 125 5.31 20.73 -2.35
C LEU B 125 4.31 19.93 -3.18
N THR B 126 4.47 19.85 -4.50
CA THR B 126 3.58 19.02 -5.30
C THR B 126 3.99 17.56 -5.35
N GLU B 127 5.16 17.21 -4.83
CA GLU B 127 5.65 15.84 -4.88
C GLU B 127 5.34 15.11 -3.56
N GLY B 128 4.06 15.09 -3.21
CA GLY B 128 3.67 14.48 -1.94
C GLY B 128 2.38 13.71 -1.97
N ARG B 129 1.89 13.34 -0.79
CA ARG B 129 0.66 12.57 -0.65
C ARG B 129 -0.53 13.53 -0.70
N GLN B 130 -1.73 13.01 -0.40
CA GLN B 130 -2.92 13.86 -0.48
C GLN B 130 -2.94 14.89 0.64
N THR B 131 -3.50 16.05 0.34
CA THR B 131 -3.69 17.13 1.29
C THR B 131 -5.16 17.55 1.30
N TYR B 132 -5.45 18.53 2.15
CA TYR B 132 -6.81 19.01 2.38
C TYR B 132 -6.96 20.39 1.72
N ASP B 133 -7.92 20.50 0.81
CA ASP B 133 -8.30 21.77 0.21
C ASP B 133 -9.40 22.42 1.04
N TRP B 134 -9.12 23.59 1.59
CA TRP B 134 -10.09 24.33 2.37
C TRP B 134 -10.96 25.24 1.50
N THR B 135 -10.70 25.29 0.21
CA THR B 135 -11.56 26.07 -0.68
C THR B 135 -12.90 25.39 -0.85
N SER B 136 -12.90 24.12 -1.24
CA SER B 136 -14.11 23.33 -1.31
C SER B 136 -14.26 22.37 -0.15
N GLU B 137 -13.28 22.34 0.77
CA GLU B 137 -13.27 21.54 2.00
C GLU B 137 -13.36 20.04 1.70
N ARG B 138 -12.37 19.55 0.94
CA ARG B 138 -12.29 18.14 0.60
C ARG B 138 -10.85 17.68 0.64
N ASN B 139 -10.62 16.42 0.28
CA ASN B 139 -9.28 15.87 0.14
C ASN B 139 -8.92 15.80 -1.34
N MET B 140 -7.75 16.31 -1.70
CA MET B 140 -7.29 16.41 -3.07
C MET B 140 -5.80 16.10 -3.09
N PRO B 141 -5.24 15.74 -4.24
CA PRO B 141 -3.77 15.64 -4.35
C PRO B 141 -3.11 17.01 -4.22
N ALA B 142 -1.79 16.98 -4.09
CA ALA B 142 -1.04 18.15 -3.65
C ALA B 142 -1.02 19.26 -4.69
N ALA B 143 -0.93 18.92 -5.98
CA ALA B 143 -0.81 19.93 -7.01
C ALA B 143 -2.11 20.70 -7.19
N THR B 144 -3.25 20.02 -7.04
CA THR B 144 -4.54 20.68 -7.16
C THR B 144 -4.78 21.64 -6.00
N ALA B 145 -4.39 21.23 -4.78
CA ALA B 145 -4.56 22.10 -3.63
C ALA B 145 -3.60 23.28 -3.67
N LEU B 146 -2.39 23.08 -4.19
CA LEU B 146 -1.44 24.18 -4.32
C LEU B 146 -1.92 25.20 -5.35
N GLN B 147 -2.43 24.73 -6.48
CA GLN B 147 -2.90 25.66 -7.49
C GLN B 147 -4.21 26.33 -7.08
N LEU B 148 -5.01 25.67 -6.25
CA LEU B 148 -6.17 26.39 -5.70
C LEU B 148 -5.76 27.43 -4.67
N THR B 149 -4.67 27.19 -3.95
CA THR B 149 -4.17 28.19 -3.00
C THR B 149 -3.64 29.41 -3.74
N VAL B 150 -2.77 29.19 -4.73
CA VAL B 150 -2.22 30.28 -5.54
C VAL B 150 -3.32 30.99 -6.32
N ASP B 151 -4.36 30.25 -6.72
CA ASP B 151 -5.53 30.86 -7.34
C ASP B 151 -6.24 31.80 -6.38
N ALA B 152 -6.34 31.42 -5.10
CA ALA B 152 -6.94 32.33 -4.13
C ALA B 152 -6.05 33.54 -3.86
N ILE B 153 -4.73 33.37 -3.93
CA ILE B 153 -3.81 34.50 -3.73
C ILE B 153 -3.96 35.50 -4.87
N GLN B 154 -3.85 35.03 -6.11
CA GLN B 154 -3.91 35.92 -7.26
C GLN B 154 -5.30 36.48 -7.51
N GLU B 155 -6.33 35.83 -7.00
CA GLU B 155 -7.66 36.43 -7.10
C GLU B 155 -7.88 37.44 -5.98
N THR B 156 -7.24 37.25 -4.82
CA THR B 156 -7.53 38.13 -3.69
C THR B 156 -6.90 39.52 -3.86
N GLN B 157 -5.58 39.59 -3.83
CA GLN B 157 -4.87 40.88 -3.93
C GLN B 157 -3.57 40.67 -4.69
N GLY B 158 -3.52 41.13 -5.93
CA GLY B 158 -2.29 41.12 -6.70
C GLY B 158 -2.07 39.82 -7.46
N THR B 159 -0.81 39.59 -7.82
CA THR B 159 -0.38 38.36 -8.46
C THR B 159 0.70 37.71 -7.61
N PHE B 160 1.33 36.67 -8.15
CA PHE B 160 2.37 35.94 -7.45
C PHE B 160 3.65 35.96 -8.26
N LYS B 161 4.76 36.28 -7.59
CA LYS B 161 6.07 36.33 -8.22
C LYS B 161 7.13 35.57 -7.44
N GLY B 162 6.73 34.66 -6.56
CA GLY B 162 7.64 34.10 -5.58
C GLY B 162 8.69 33.13 -6.09
N THR B 163 8.26 31.92 -6.48
CA THR B 163 9.06 30.83 -7.01
C THR B 163 10.17 30.36 -6.07
N THR B 164 10.07 30.60 -4.76
CA THR B 164 10.94 30.01 -3.76
C THR B 164 10.11 29.57 -2.56
N MET B 165 10.76 28.86 -1.64
CA MET B 165 10.10 28.42 -0.42
C MET B 165 9.82 29.60 0.51
N VAL B 166 10.84 30.42 0.75
CA VAL B 166 10.80 31.44 1.78
C VAL B 166 9.80 32.53 1.42
N GLU B 167 9.73 32.88 0.13
CA GLU B 167 8.77 33.88 -0.31
C GLU B 167 7.35 33.33 -0.32
N TYR B 168 7.19 32.01 -0.42
CA TYR B 168 5.86 31.43 -0.31
C TYR B 168 5.38 31.39 1.14
N CYS B 169 6.29 31.09 2.06
CA CYS B 169 5.97 31.14 3.49
C CYS B 169 5.63 32.56 3.91
N ASN B 170 6.43 33.54 3.47
CA ASN B 170 6.14 34.95 3.71
C ASN B 170 4.84 35.37 3.07
N LYS B 171 4.48 34.77 1.93
CA LYS B 171 3.21 35.06 1.30
C LYS B 171 2.05 34.53 2.14
N ILE B 172 2.22 33.38 2.79
CA ILE B 172 1.15 32.85 3.65
C ILE B 172 0.97 33.71 4.89
N LEU B 173 2.08 34.18 5.49
CA LEU B 173 1.97 35.04 6.66
C LEU B 173 1.35 36.40 6.30
N GLU B 174 1.70 36.91 5.12
CA GLU B 174 1.03 38.10 4.60
C GLU B 174 -0.45 37.86 4.38
N MET B 175 -0.83 36.65 3.97
CA MET B 175 -2.25 36.32 3.87
C MET B 175 -2.90 36.25 5.25
N MET B 176 -2.14 35.97 6.30
CA MET B 176 -2.72 36.09 7.64
C MET B 176 -2.95 37.55 8.00
N ASP B 177 -2.13 38.48 7.48
CA ASP B 177 -2.39 39.88 7.81
C ASP B 177 -3.55 40.51 7.02
N TRP B 178 -4.11 39.84 6.01
CA TRP B 178 -5.10 40.50 5.17
C TRP B 178 -6.46 40.57 5.87
N PRO B 179 -7.25 41.61 5.61
CA PRO B 179 -8.57 41.71 6.25
C PRO B 179 -9.66 40.88 5.58
N GLU B 180 -9.48 40.45 4.33
CA GLU B 180 -10.51 39.70 3.63
C GLU B 180 -9.88 38.86 2.54
N VAL B 181 -10.30 37.60 2.41
CA VAL B 181 -9.74 36.67 1.44
C VAL B 181 -10.85 36.15 0.55
N LYS B 182 -10.68 36.25 -0.76
CA LYS B 182 -11.73 35.80 -1.68
C LYS B 182 -11.34 34.65 -2.59
N PHE B 183 -12.27 33.72 -2.82
CA PHE B 183 -12.02 32.55 -3.68
C PHE B 183 -13.22 32.19 -4.55
N LYS B 184 -13.20 30.97 -5.09
CA LYS B 184 -14.24 30.51 -6.02
C LYS B 184 -15.05 29.27 -5.59
N LYS B 185 -16.37 29.44 -5.49
CA LYS B 185 -17.25 28.34 -5.11
C LYS B 185 -18.06 27.88 -6.33
N VAL B 186 -18.74 26.76 -6.16
CA VAL B 186 -19.62 26.24 -7.20
C VAL B 186 -21.04 26.16 -6.66
N THR B 208 -20.52 27.72 -13.66
CA THR B 208 -20.85 27.61 -12.25
C THR B 208 -19.63 27.84 -11.36
N LEU B 209 -18.95 28.97 -11.58
CA LEU B 209 -17.80 29.37 -10.78
C LEU B 209 -18.10 30.75 -10.19
N MET B 210 -18.81 30.77 -9.07
CA MET B 210 -19.10 32.02 -8.40
C MET B 210 -17.90 32.44 -7.55
N ILE B 211 -17.86 33.72 -7.21
CA ILE B 211 -16.74 34.30 -6.48
C ILE B 211 -17.27 34.80 -5.14
N THR B 212 -16.77 34.22 -4.05
CA THR B 212 -17.17 34.56 -2.70
C THR B 212 -16.00 35.17 -1.95
N LYS B 213 -16.27 35.59 -0.72
CA LYS B 213 -15.27 36.18 0.15
C LYS B 213 -15.38 35.57 1.53
N ILE B 214 -14.38 35.84 2.36
CA ILE B 214 -14.33 35.30 3.72
C ILE B 214 -13.52 36.28 4.56
N GLY B 215 -13.79 36.29 5.87
CA GLY B 215 -13.25 37.27 6.78
C GLY B 215 -11.79 37.06 7.16
N ARG B 216 -11.44 37.54 8.35
CA ARG B 216 -10.08 37.43 8.86
C ARG B 216 -9.95 36.36 9.94
N GLU B 217 -10.84 36.37 10.93
CA GLU B 217 -10.83 35.31 11.94
C GLU B 217 -11.29 33.98 11.36
N GLU B 218 -12.17 34.02 10.35
CA GLU B 218 -12.62 32.80 9.71
C GLU B 218 -11.52 32.20 8.84
N PHE B 219 -10.67 33.06 8.26
CA PHE B 219 -9.53 32.56 7.50
C PHE B 219 -8.49 31.95 8.41
N ILE B 220 -8.36 32.44 9.65
CA ILE B 220 -7.47 31.78 10.61
C ILE B 220 -8.06 30.46 11.06
N LYS B 221 -9.38 30.42 11.27
CA LYS B 221 -10.05 29.17 11.62
C LYS B 221 -10.01 28.15 10.48
N ARG B 222 -9.83 28.59 9.25
CA ARG B 222 -9.83 27.69 8.11
C ARG B 222 -8.44 27.31 7.64
N ILE B 223 -7.43 28.15 7.90
CA ILE B 223 -6.06 27.81 7.54
C ILE B 223 -5.48 26.76 8.49
N CYS B 224 -6.06 26.59 9.68
CA CYS B 224 -5.56 25.67 10.69
C CYS B 224 -6.51 24.49 10.89
N THR B 225 -7.11 23.99 9.82
CA THR B 225 -8.07 22.90 9.90
C THR B 225 -7.40 21.61 9.42
N ILE B 226 -7.52 20.56 10.21
CA ILE B 226 -6.95 19.26 9.89
C ILE B 226 -8.09 18.28 9.72
N ASN B 227 -8.09 17.54 8.61
CA ASN B 227 -9.22 16.70 8.25
C ASN B 227 -8.92 15.27 8.69
N THR B 228 -9.79 14.71 9.53
CA THR B 228 -9.62 13.36 10.05
C THR B 228 -10.52 12.37 9.32
N MET B 229 -10.01 11.16 9.17
CA MET B 229 -10.71 10.09 8.49
C MET B 229 -10.29 8.77 9.13
N ALA B 230 -10.81 7.68 8.60
CA ALA B 230 -10.52 6.36 9.15
C ALA B 230 -9.36 5.72 8.39
N LYS B 231 -8.38 5.22 9.13
CA LYS B 231 -7.25 4.53 8.54
C LYS B 231 -7.70 3.18 8.00
N ASP B 232 -7.64 3.03 6.68
CA ASP B 232 -8.08 1.82 6.01
C ASP B 232 -6.88 0.93 5.73
N GLY B 233 -7.04 -0.36 6.00
CA GLY B 233 -6.03 -1.33 5.63
C GLY B 233 -4.79 -1.28 6.50
N GLU B 234 -4.96 -1.54 7.80
CA GLU B 234 -3.83 -1.62 8.72
C GLU B 234 -3.79 -3.04 9.27
N ARG B 235 -2.87 -3.84 8.76
CA ARG B 235 -2.75 -5.23 9.17
C ARG B 235 -2.20 -5.29 10.59
N GLY B 236 -3.04 -5.66 11.54
CA GLY B 236 -2.53 -5.94 12.86
C GLY B 236 -3.25 -5.35 14.05
N LYS B 237 -4.44 -4.80 13.85
CA LYS B 237 -5.20 -4.23 14.96
C LYS B 237 -6.61 -4.79 14.96
N TYR B 238 -7.22 -4.76 16.13
CA TYR B 238 -8.61 -5.20 16.29
C TYR B 238 -9.61 -4.05 16.17
N LYS B 239 -9.28 -2.89 16.74
CA LYS B 239 -10.13 -1.70 16.61
C LYS B 239 -9.51 -0.72 15.63
N ARG B 240 -10.35 0.09 15.00
CA ARG B 240 -9.89 1.03 13.99
C ARG B 240 -9.30 2.28 14.64
N ARG B 241 -8.66 3.11 13.81
CA ARG B 241 -7.99 4.32 14.28
C ARG B 241 -8.17 5.40 13.22
N ALA B 242 -8.21 6.66 13.67
CA ALA B 242 -8.44 7.79 12.78
C ALA B 242 -7.11 8.44 12.40
N ILE B 243 -6.82 8.50 11.11
CA ILE B 243 -5.63 9.18 10.58
C ILE B 243 -6.05 10.58 10.20
N ALA B 244 -5.10 11.52 10.20
CA ALA B 244 -5.40 12.92 9.96
C ALA B 244 -4.50 13.48 8.86
N THR B 245 -5.04 14.38 8.06
CA THR B 245 -4.33 15.01 6.95
C THR B 245 -4.33 16.52 7.12
N PRO B 246 -3.18 17.18 6.94
CA PRO B 246 -3.12 18.63 7.16
C PRO B 246 -3.55 19.41 5.93
N GLY B 247 -3.50 20.73 6.00
CA GLY B 247 -3.84 21.56 4.85
C GLY B 247 -2.66 21.80 3.93
N MET B 248 -2.59 22.99 3.34
CA MET B 248 -1.46 23.39 2.53
C MET B 248 -0.59 24.45 3.20
N GLY B 249 -1.16 25.24 4.09
CA GLY B 249 -0.40 26.20 4.86
C GLY B 249 0.42 25.64 6.00
N ILE B 250 0.57 24.32 6.10
CA ILE B 250 1.36 23.70 7.16
C ILE B 250 2.48 22.88 6.51
N ARG B 251 2.25 22.44 5.28
CA ARG B 251 3.20 21.57 4.58
C ARG B 251 4.61 22.14 4.32
N PRO B 252 4.82 23.42 3.95
CA PRO B 252 6.21 23.87 3.81
C PRO B 252 6.95 23.97 5.13
N PHE B 253 6.27 24.33 6.21
CA PHE B 253 6.95 24.49 7.49
C PHE B 253 7.34 23.13 8.05
N SER B 254 6.45 22.16 7.94
CA SER B 254 6.77 20.79 8.30
C SER B 254 7.85 20.21 7.41
N LYS B 255 7.92 20.65 6.14
CA LYS B 255 9.04 20.24 5.29
C LYS B 255 10.37 20.79 5.79
N ILE B 256 10.36 22.03 6.29
CA ILE B 256 11.57 22.65 6.86
C ILE B 256 12.04 21.90 8.10
N VAL B 257 11.11 21.63 9.02
CA VAL B 257 11.46 20.96 10.26
C VAL B 257 11.91 19.52 10.00
N GLU B 258 11.28 18.84 9.03
CA GLU B 258 11.74 17.50 8.68
C GLU B 258 13.09 17.49 7.98
N THR B 259 13.48 18.58 7.30
CA THR B 259 14.85 18.65 6.80
C THR B 259 15.85 18.81 7.94
N LEU B 260 15.51 19.65 8.92
CA LEU B 260 16.41 19.86 10.07
C LEU B 260 16.61 18.59 10.89
N ALA B 261 15.50 17.98 11.33
CA ALA B 261 15.59 16.74 12.07
C ALA B 261 16.08 15.58 11.23
N GLN B 262 15.92 15.66 9.90
CA GLN B 262 16.47 14.61 9.04
C GLN B 262 18.00 14.67 9.04
N LYS B 263 18.57 15.88 9.03
CA LYS B 263 20.03 15.99 9.10
C LYS B 263 20.56 15.57 10.48
N ILE B 264 19.81 15.91 11.55
CA ILE B 264 20.24 15.52 12.89
C ILE B 264 20.21 14.00 13.05
N CYS B 265 19.15 13.35 12.55
CA CYS B 265 19.06 11.89 12.67
C CYS B 265 20.04 11.18 11.75
N GLU B 266 20.36 11.75 10.59
CA GLU B 266 21.41 11.16 9.77
C GLU B 266 22.77 11.30 10.40
N ARG B 267 22.98 12.29 11.27
CA ARG B 267 24.29 12.43 11.88
C ARG B 267 24.47 11.50 13.08
N LEU B 268 23.38 11.13 13.77
CA LEU B 268 23.47 10.36 15.01
C LEU B 268 23.90 8.91 14.76
N ALA B 269 24.02 8.17 15.86
CA ALA B 269 24.45 6.79 15.82
C ALA B 269 23.54 5.85 16.61
N GLU B 270 22.36 6.32 17.01
CA GLU B 270 21.43 5.52 17.80
C GLU B 270 20.00 5.60 17.25
N SER B 271 19.86 5.72 15.94
CA SER B 271 18.57 5.88 15.32
C SER B 271 18.43 4.93 14.13
N GLY B 272 17.18 4.69 13.74
CA GLY B 272 16.92 3.74 12.68
C GLY B 272 15.87 4.17 11.68
N LEU B 273 15.70 5.47 11.46
CA LEU B 273 14.72 5.92 10.46
C LEU B 273 15.18 5.96 8.99
N PRO B 274 16.34 6.60 8.60
CA PRO B 274 16.60 6.78 7.17
C PRO B 274 16.93 5.49 6.41
N VAL B 275 17.87 4.71 6.94
CA VAL B 275 18.36 3.45 6.38
C VAL B 275 18.85 3.60 4.94
N GLU B 279 21.10 1.69 8.20
CA GLU B 279 21.08 0.38 7.59
C GLU B 279 20.26 -0.58 8.45
N LYS B 280 20.23 -0.28 9.76
CA LYS B 280 19.41 -0.86 10.83
C LYS B 280 19.87 -2.27 11.23
N LYS B 281 20.78 -2.88 10.47
CA LYS B 281 21.34 -4.17 10.87
C LYS B 281 22.81 -4.12 11.22
N ALA B 282 23.57 -3.19 10.64
CA ALA B 282 24.94 -2.99 11.07
C ALA B 282 25.01 -2.28 12.40
N LYS B 283 24.08 -1.36 12.66
CA LYS B 283 24.08 -0.61 13.91
C LYS B 283 23.85 -1.51 15.11
N LEU B 284 22.96 -2.49 14.96
CA LEU B 284 22.65 -3.37 16.08
C LEU B 284 23.79 -4.35 16.35
N LYS B 285 24.50 -4.77 15.31
CA LYS B 285 25.67 -5.60 15.53
C LYS B 285 26.80 -4.81 16.19
N THR B 286 26.94 -3.53 15.83
CA THR B 286 27.97 -2.72 16.45
C THR B 286 27.63 -2.35 17.89
N THR B 287 26.35 -2.19 18.22
CA THR B 287 26.05 -1.84 19.60
C THR B 287 25.95 -3.06 20.52
N VAL B 288 25.54 -4.21 19.99
CA VAL B 288 25.56 -5.44 20.78
C VAL B 288 27.01 -5.88 21.01
N SER B 289 27.84 -5.81 19.97
CA SER B 289 29.25 -6.16 20.14
C SER B 289 29.99 -5.13 20.98
N SER B 290 29.74 -3.84 20.72
CA SER B 290 30.49 -2.79 21.41
C SER B 290 30.08 -2.65 22.87
N THR B 291 28.85 -3.01 23.21
CA THR B 291 28.49 -3.03 24.62
C THR B 291 28.69 -4.39 25.28
N ASN B 292 28.88 -5.45 24.50
CA ASN B 292 29.37 -6.70 25.07
C ASN B 292 30.89 -6.72 25.22
N SER B 293 31.59 -5.69 24.74
CA SER B 293 33.01 -5.53 25.02
C SER B 293 33.26 -4.60 26.20
N LYS B 294 32.23 -4.29 26.98
CA LYS B 294 32.33 -3.31 28.07
C LYS B 294 31.75 -3.89 29.36
N LEU B 295 32.12 -5.11 29.70
CA LEU B 295 31.66 -5.76 30.91
C LEU B 295 32.81 -5.96 31.88
N GLN B 296 32.48 -5.93 33.17
CA GLN B 296 33.44 -6.20 34.23
C GLN B 296 33.41 -7.69 34.57
N GLU B 297 34.00 -8.06 35.71
CA GLU B 297 34.12 -9.46 36.09
C GLU B 297 32.79 -10.06 36.56
N GLY B 298 31.81 -9.24 36.90
CA GLY B 298 30.57 -9.77 37.43
C GLY B 298 29.32 -9.24 36.75
N GLN B 299 29.47 -8.26 35.87
CA GLN B 299 28.32 -7.65 35.24
C GLN B 299 27.72 -8.56 34.18
N PHE B 300 26.51 -8.21 33.76
CA PHE B 300 25.83 -8.87 32.65
C PHE B 300 24.86 -7.89 32.02
N MET B 301 24.27 -8.33 30.91
CA MET B 301 23.44 -7.52 30.05
C MET B 301 22.05 -8.15 29.94
N VAL B 302 21.03 -7.31 29.93
CA VAL B 302 19.66 -7.73 29.66
C VAL B 302 19.12 -6.84 28.57
N ASN B 303 18.64 -7.44 27.48
CA ASN B 303 17.96 -6.65 26.46
C ASN B 303 16.46 -6.76 26.65
N ILE B 304 15.78 -5.65 26.40
CA ILE B 304 14.35 -5.55 26.61
C ILE B 304 13.71 -4.94 25.37
N THR B 305 12.82 -5.71 24.76
CA THR B 305 11.93 -5.27 23.70
C THR B 305 10.78 -4.47 24.30
N GLY B 306 10.59 -3.24 23.82
CA GLY B 306 9.55 -2.38 24.29
C GLY B 306 8.64 -1.89 23.17
N ASP B 307 7.66 -1.09 23.57
CA ASP B 307 6.72 -0.48 22.65
C ASP B 307 6.10 0.71 23.37
N ASN B 308 6.33 1.92 22.86
CA ASN B 308 5.79 3.11 23.48
C ASN B 308 4.31 3.22 23.13
N SER B 309 3.46 3.35 24.13
CA SER B 309 2.03 3.38 23.92
C SER B 309 1.50 4.80 23.97
N LYS B 310 0.42 5.04 23.22
CA LYS B 310 -0.22 6.34 23.05
C LYS B 310 0.78 7.39 22.59
N TRP B 311 1.44 7.07 21.49
CA TRP B 311 2.53 7.90 21.01
C TRP B 311 2.04 9.18 20.37
N ASN B 312 0.80 9.20 19.90
CA ASN B 312 0.26 10.36 19.20
C ASN B 312 -0.60 11.23 20.09
N GLU B 313 -0.65 10.94 21.39
CA GLU B 313 -1.37 11.77 22.35
C GLU B 313 -0.49 12.23 23.49
N CYS B 314 0.82 12.00 23.40
CA CYS B 314 1.71 12.37 24.48
C CYS B 314 2.92 13.14 23.98
N GLN B 315 2.95 13.52 22.72
CA GLN B 315 4.00 14.37 22.16
C GLN B 315 3.42 15.76 21.98
N GLN B 316 3.73 16.67 22.89
CA GLN B 316 3.22 18.03 22.72
C GLN B 316 4.17 18.85 21.86
N PRO B 317 3.63 19.71 21.01
CA PRO B 317 4.48 20.61 20.21
C PRO B 317 5.03 21.78 20.98
N GLU B 318 4.65 21.97 22.25
CA GLU B 318 5.25 23.02 23.05
C GLU B 318 6.68 22.68 23.45
N ALA B 319 6.93 21.41 23.80
CA ALA B 319 8.30 20.97 24.01
C ALA B 319 9.08 20.95 22.72
N TYR B 320 8.39 20.75 21.59
CA TYR B 320 9.03 20.91 20.28
C TYR B 320 9.42 22.35 20.04
N LEU B 321 8.61 23.29 20.54
CA LEU B 321 8.91 24.70 20.38
C LEU B 321 10.12 25.10 21.22
N ALA B 322 10.21 24.56 22.43
CA ALA B 322 11.34 24.88 23.29
C ALA B 322 12.63 24.23 22.78
N MET B 323 12.55 22.97 22.33
CA MET B 323 13.74 22.30 21.82
C MET B 323 14.23 22.92 20.51
N LEU B 324 13.31 23.24 19.61
CA LEU B 324 13.71 23.91 18.38
C LEU B 324 14.15 25.34 18.62
N ALA B 325 13.74 25.95 19.73
CA ALA B 325 14.37 27.19 20.15
C ALA B 325 15.75 26.95 20.73
N TYR B 326 16.06 25.74 21.19
CA TYR B 326 17.38 25.47 21.75
C TYR B 326 18.39 25.05 20.70
N ILE B 327 17.96 24.37 19.63
CA ILE B 327 18.91 23.89 18.62
C ILE B 327 19.48 25.05 17.81
N THR B 328 18.63 25.98 17.40
CA THR B 328 19.03 27.07 16.51
C THR B 328 19.38 28.33 17.29
N LYS B 329 20.03 28.18 18.45
CA LYS B 329 20.38 29.34 19.26
C LYS B 329 21.49 30.17 18.60
N ASP B 330 22.41 29.53 17.88
CA ASP B 330 23.40 30.25 17.08
C ASP B 330 23.36 29.64 15.68
N SER B 331 22.38 30.05 14.89
CA SER B 331 22.34 29.67 13.48
C SER B 331 22.21 30.89 12.58
N SER B 332 21.19 31.71 12.78
CA SER B 332 20.81 32.81 11.89
C SER B 332 19.74 33.62 12.60
N ASN B 333 19.19 34.60 11.90
CA ASN B 333 17.96 35.25 12.33
C ASN B 333 16.77 34.79 11.48
N LEU B 334 17.03 34.29 10.28
CA LEU B 334 15.96 33.72 9.46
C LEU B 334 15.54 32.35 9.98
N MET B 335 16.50 31.44 10.17
CA MET B 335 16.18 30.08 10.56
C MET B 335 15.65 30.01 11.98
N LYS B 336 16.07 30.95 12.83
CA LYS B 336 15.63 30.99 14.21
C LYS B 336 14.14 31.29 14.32
N ASP B 337 13.58 32.00 13.33
CA ASP B 337 12.15 32.29 13.28
C ASP B 337 11.40 31.42 12.28
N LEU B 338 12.12 30.73 11.39
CA LEU B 338 11.46 29.90 10.38
C LEU B 338 11.29 28.47 10.85
N CYS B 339 12.09 28.03 11.82
CA CYS B 339 11.91 26.74 12.47
C CYS B 339 11.12 26.87 13.76
N SER B 340 10.25 27.88 13.85
CA SER B 340 9.48 28.09 15.07
C SER B 340 8.05 28.49 14.74
N VAL B 341 7.51 28.01 13.63
CA VAL B 341 6.18 28.37 13.17
C VAL B 341 5.26 27.17 13.07
N ALA B 342 5.75 26.03 12.56
CA ALA B 342 5.00 24.78 12.58
C ALA B 342 4.67 24.27 13.98
N PRO B 343 5.56 24.37 15.00
CA PRO B 343 5.06 24.13 16.37
C PRO B 343 3.99 25.09 16.83
N THR B 344 4.06 26.37 16.43
CA THR B 344 3.00 27.28 16.78
C THR B 344 1.74 27.04 15.96
N LEU B 345 1.85 26.39 14.82
CA LEU B 345 0.67 25.97 14.09
C LEU B 345 0.11 24.65 14.59
N PHE B 346 0.89 23.91 15.38
CA PHE B 346 0.38 22.65 15.94
C PHE B 346 -0.19 22.81 17.34
N CYS B 347 0.03 23.94 18.01
CA CYS B 347 -0.56 24.18 19.32
C CYS B 347 -1.97 24.73 19.23
N ASN B 348 -2.48 24.95 18.02
CA ASN B 348 -3.77 25.60 17.84
C ASN B 348 -4.55 25.02 16.67
N LYS B 349 -4.36 23.75 16.38
CA LYS B 349 -5.05 23.12 15.26
C LYS B 349 -6.51 22.85 15.59
N TYR B 350 -7.35 22.92 14.56
CA TYR B 350 -8.70 22.39 14.60
C TYR B 350 -8.72 20.97 14.06
N VAL B 351 -9.83 20.29 14.29
CA VAL B 351 -10.04 18.92 13.84
C VAL B 351 -11.45 18.82 13.27
N LYS B 352 -11.54 18.38 12.01
CA LYS B 352 -12.83 17.99 11.45
C LYS B 352 -13.31 16.71 12.10
N MET B 353 -14.57 16.69 12.52
CA MET B 353 -15.10 15.59 13.31
C MET B 353 -15.87 14.58 12.47
N GLY B 354 -15.44 14.34 11.24
CA GLY B 354 -16.12 13.37 10.40
C GLY B 354 -17.39 13.89 9.78
N GLN B 355 -18.46 13.10 9.78
CA GLN B 355 -19.69 13.53 9.13
C GLN B 355 -20.95 13.19 9.93
N GLY B 356 -20.84 13.01 11.25
CA GLY B 356 -22.03 12.95 12.07
C GLY B 356 -22.47 11.56 12.50
N PHE B 357 -23.77 11.36 12.61
CA PHE B 357 -24.34 10.05 12.94
C PHE B 357 -25.74 9.99 12.34
N ARG B 358 -26.40 8.87 12.57
CA ARG B 358 -27.68 8.58 11.93
C ARG B 358 -28.69 8.14 12.97
N ALA B 359 -29.91 8.65 12.87
CA ALA B 359 -30.98 8.28 13.78
C ALA B 359 -32.04 7.50 13.02
N LYS B 360 -32.77 6.65 13.74
CA LYS B 360 -33.80 5.84 13.11
C LYS B 360 -34.90 5.55 14.11
N ASN B 361 -36.05 5.13 13.60
CA ASN B 361 -37.22 4.90 14.43
C ASN B 361 -37.16 3.50 15.06
N LYS B 362 -38.23 3.12 15.74
CA LYS B 362 -38.27 1.83 16.41
C LYS B 362 -38.40 0.69 15.42
N ARG B 363 -39.09 0.92 14.30
CA ARG B 363 -39.30 -0.11 13.30
C ARG B 363 -38.13 -0.26 12.34
N LYS B 364 -37.11 0.61 12.47
CA LYS B 364 -35.92 0.64 11.59
C LYS B 364 -36.32 0.80 10.13
N THR B 365 -37.10 1.84 9.85
CA THR B 365 -37.69 2.08 8.54
C THR B 365 -37.17 3.37 7.90
N LYS B 366 -37.24 4.49 8.61
CA LYS B 366 -36.73 5.76 8.12
C LYS B 366 -35.55 6.17 8.98
N GLU B 367 -34.42 6.47 8.34
CA GLU B 367 -33.17 6.77 9.03
C GLU B 367 -32.68 8.15 8.61
N ILE B 368 -32.87 9.15 9.48
CA ILE B 368 -32.40 10.49 9.17
C ILE B 368 -30.90 10.57 9.44
N VAL B 369 -30.26 11.57 8.83
CA VAL B 369 -28.83 11.79 8.92
C VAL B 369 -28.59 13.12 9.60
N ILE B 370 -27.76 13.12 10.63
CA ILE B 370 -27.37 14.32 11.37
C ILE B 370 -25.90 14.58 11.08
N PRO B 371 -25.55 15.69 10.44
CA PRO B 371 -24.14 15.98 10.17
C PRO B 371 -23.44 16.60 11.36
N ALA B 372 -22.18 16.99 11.20
CA ALA B 372 -21.38 17.46 12.32
C ALA B 372 -21.74 18.88 12.77
N LYS B 373 -22.43 19.65 11.92
CA LYS B 373 -22.82 21.00 12.32
C LYS B 373 -23.89 20.97 13.40
N LYS B 374 -25.02 20.33 13.10
CA LYS B 374 -26.18 20.31 13.99
C LYS B 374 -26.12 19.21 15.03
N MET B 375 -24.92 18.75 15.39
CA MET B 375 -24.81 17.71 16.40
C MET B 375 -25.08 18.26 17.78
N LYS B 376 -24.77 19.53 18.02
CA LYS B 376 -25.02 20.17 19.30
C LYS B 376 -26.51 20.33 19.58
N GLU B 377 -27.28 20.73 18.57
CA GLU B 377 -28.72 20.90 18.75
C GLU B 377 -29.43 19.57 18.91
N ARG B 378 -28.93 18.52 18.26
CA ARG B 378 -29.48 17.17 18.37
C ARG B 378 -28.72 16.33 19.38
N LYS B 379 -28.31 16.94 20.49
CA LYS B 379 -27.50 16.27 21.49
C LYS B 379 -28.25 15.13 22.18
N GLU B 380 -29.58 15.24 22.31
CA GLU B 380 -30.36 14.28 23.06
C GLU B 380 -30.88 13.12 22.23
N LEU B 381 -30.18 12.75 21.16
CA LEU B 381 -30.53 11.60 20.34
C LEU B 381 -29.38 10.60 20.24
N MET B 382 -28.51 10.57 21.23
CA MET B 382 -27.27 9.82 21.17
C MET B 382 -27.31 8.66 22.18
N ASN B 383 -26.21 7.93 22.26
CA ASN B 383 -26.13 6.75 23.11
C ASN B 383 -25.54 7.11 24.47
N ALA B 384 -25.10 6.11 25.22
CA ALA B 384 -24.39 6.37 26.46
C ALA B 384 -22.93 6.72 26.20
N GLU B 385 -22.28 5.98 25.29
CA GLU B 385 -20.87 6.22 25.02
C GLU B 385 -20.68 7.51 24.24
N TRP B 386 -21.58 7.78 23.30
CA TRP B 386 -21.51 9.03 22.54
C TRP B 386 -21.82 10.24 23.41
N ARG B 387 -22.68 10.11 24.42
CA ARG B 387 -22.89 11.25 25.30
C ARG B 387 -21.79 11.41 26.34
N ASP B 388 -21.14 10.32 26.72
CA ASP B 388 -19.97 10.45 27.58
C ASP B 388 -18.83 11.15 26.85
N LEU B 389 -18.47 10.62 25.67
CA LEU B 389 -17.41 11.22 24.87
C LEU B 389 -17.78 12.60 24.36
N PHE B 390 -19.06 12.91 24.24
CA PHE B 390 -19.43 14.24 23.76
C PHE B 390 -19.49 15.24 24.90
N GLU B 391 -19.78 14.80 26.11
CA GLU B 391 -19.76 15.74 27.23
C GLU B 391 -18.37 15.86 27.87
N THR B 392 -17.39 15.05 27.47
CA THR B 392 -16.02 15.38 27.84
C THR B 392 -15.34 16.29 26.83
N ILE B 393 -16.06 16.70 25.78
CA ILE B 393 -15.47 17.45 24.68
C ILE B 393 -16.27 18.70 24.34
N GLU B 394 -17.43 18.91 24.96
CA GLU B 394 -18.34 19.99 24.59
C GLU B 394 -17.79 21.41 24.71
N PRO B 395 -17.12 21.84 25.78
CA PRO B 395 -16.62 23.22 25.79
C PRO B 395 -15.40 23.48 24.91
N TYR B 396 -14.99 22.52 24.08
CA TYR B 396 -13.89 22.72 23.14
C TYR B 396 -14.36 22.56 21.70
N MET B 397 -15.64 22.35 21.47
CA MET B 397 -16.20 22.21 20.14
C MET B 397 -16.51 23.57 19.54
N ASP B 398 -16.17 23.73 18.27
CA ASP B 398 -16.63 24.83 17.44
C ASP B 398 -17.89 24.35 16.71
N GLY B 399 -18.30 25.02 15.65
CA GLY B 399 -19.42 24.56 14.85
C GLY B 399 -19.17 23.23 14.17
N GLU B 400 -18.11 23.15 13.38
CA GLU B 400 -17.77 21.91 12.68
C GLU B 400 -16.60 21.17 13.30
N CYS B 401 -15.72 21.87 14.00
CA CYS B 401 -14.39 21.37 14.31
C CYS B 401 -14.24 21.21 15.82
N CYS B 402 -13.01 20.92 16.23
CA CYS B 402 -12.65 20.96 17.64
C CYS B 402 -11.27 21.59 17.76
N PHE B 403 -10.97 22.09 18.96
CA PHE B 403 -9.72 22.79 19.23
C PHE B 403 -8.86 21.89 20.11
N LEU B 404 -8.03 21.09 19.47
CA LEU B 404 -7.00 20.34 20.17
C LEU B 404 -5.70 21.12 20.10
N GLY B 405 -4.98 21.16 21.22
CA GLY B 405 -3.77 21.94 21.25
C GLY B 405 -2.55 21.25 21.83
N GLY B 406 -2.61 19.93 21.97
CA GLY B 406 -1.50 19.22 22.58
C GLY B 406 -1.20 17.87 21.96
N GLY B 407 -1.94 17.49 20.95
CA GLY B 407 -1.75 16.22 20.30
C GLY B 407 -0.85 16.36 19.09
N MET B 408 -0.27 15.25 18.68
CA MET B 408 0.59 15.18 17.50
C MET B 408 0.11 13.98 16.70
N LEU B 409 -0.83 14.22 15.79
CA LEU B 409 -1.56 13.13 15.15
C LEU B 409 -0.72 12.47 14.06
N MET B 410 -1.31 11.51 13.37
CA MET B 410 -0.57 10.74 12.39
C MET B 410 -0.40 11.52 11.09
N GLY B 411 0.78 11.41 10.50
CA GLY B 411 1.10 12.13 9.28
C GLY B 411 1.74 13.48 9.53
N MET B 412 2.68 13.51 10.47
CA MET B 412 3.26 14.75 10.97
C MET B 412 4.73 14.48 11.30
N PHE B 413 5.28 15.28 12.22
CA PHE B 413 6.66 15.15 12.71
C PHE B 413 6.97 13.74 13.15
N ASN B 414 7.83 13.07 12.41
CA ASN B 414 8.17 11.69 12.68
C ASN B 414 9.64 11.49 12.97
N MET B 415 10.50 12.41 12.52
CA MET B 415 11.93 12.31 12.76
C MET B 415 12.39 13.13 13.97
N LEU B 416 11.52 13.91 14.58
CA LEU B 416 11.90 14.66 15.77
C LEU B 416 11.61 13.91 17.06
N SER B 417 10.54 13.10 17.06
CA SER B 417 10.22 12.25 18.19
C SER B 417 11.28 11.19 18.40
N THR B 418 11.91 10.75 17.31
CA THR B 418 13.08 9.88 17.41
C THR B 418 14.24 10.60 18.09
N VAL B 419 14.36 11.92 17.91
CA VAL B 419 15.38 12.66 18.64
C VAL B 419 15.03 12.74 20.12
N PHE B 420 13.73 12.79 20.45
CA PHE B 420 13.33 12.65 21.86
C PHE B 420 13.72 11.29 22.44
N GLY B 421 13.58 10.23 21.64
CA GLY B 421 13.94 8.90 22.13
C GLY B 421 15.43 8.75 22.35
N VAL B 422 16.24 9.28 21.44
CA VAL B 422 17.68 9.25 21.61
C VAL B 422 18.11 10.12 22.79
N MET B 423 17.35 11.19 23.08
CA MET B 423 17.60 11.94 24.29
C MET B 423 17.26 11.16 25.55
N THR B 424 16.23 10.31 25.52
CA THR B 424 15.96 9.48 26.69
C THR B 424 16.97 8.36 26.84
N LEU B 425 17.63 7.96 25.75
CA LEU B 425 18.60 6.87 25.81
C LEU B 425 20.02 7.30 26.15
N ASN B 426 20.32 8.59 26.15
CA ASN B 426 21.66 9.08 26.46
C ASN B 426 21.72 9.74 27.83
N TYR B 427 20.93 9.24 28.76
CA TYR B 427 20.89 9.79 30.10
C TYR B 427 22.08 9.31 30.90
N ARG B 428 22.68 10.22 31.67
CA ARG B 428 23.85 9.93 32.49
C ARG B 428 23.57 10.42 33.90
N GLU B 429 23.62 9.51 34.86
CA GLU B 429 23.25 9.85 36.23
C GLU B 429 24.41 10.36 37.05
N GLU B 430 25.63 9.97 36.73
CA GLU B 430 26.79 10.29 37.56
C GLU B 430 27.99 10.65 36.70
N ARG B 435 29.54 0.82 41.27
CA ARG B 435 28.28 0.86 40.56
C ARG B 435 28.46 0.44 39.11
N ASN B 436 28.58 1.44 38.22
CA ASN B 436 28.83 1.29 36.79
C ASN B 436 27.74 0.43 36.13
N CYS B 437 26.52 0.92 36.21
CA CYS B 437 25.38 0.26 35.59
C CYS B 437 24.65 1.28 34.73
N TYR B 438 24.40 0.95 33.47
CA TYR B 438 23.84 1.95 32.56
C TYR B 438 23.07 1.25 31.44
N TRP B 439 22.62 2.03 30.46
CA TRP B 439 21.86 1.50 29.35
C TRP B 439 22.23 2.20 28.06
N THR B 440 21.89 1.55 26.96
CA THR B 440 21.95 2.08 25.60
C THR B 440 20.77 1.49 24.85
N GLY B 441 20.78 1.60 23.53
CA GLY B 441 19.66 0.99 22.82
C GLY B 441 19.60 1.46 21.38
N LEU B 442 18.39 1.45 20.85
CA LEU B 442 18.13 1.96 19.50
C LEU B 442 16.67 2.38 19.44
N GLN B 443 16.41 3.51 18.77
CA GLN B 443 15.09 4.12 18.77
C GLN B 443 14.58 4.29 17.35
N SER B 444 13.27 4.13 17.20
CA SER B 444 12.58 4.30 15.93
C SER B 444 11.41 5.21 16.28
N SER B 445 10.38 5.22 15.42
CA SER B 445 9.22 6.11 15.64
C SER B 445 8.55 5.86 16.98
N ASP B 446 8.13 4.62 17.24
CA ASP B 446 7.59 4.31 18.56
C ASP B 446 8.00 2.93 19.05
N ASP B 447 9.13 2.41 18.59
CA ASP B 447 9.60 1.09 18.95
C ASP B 447 11.06 1.21 19.39
N PHE B 448 11.33 0.92 20.66
CA PHE B 448 12.69 1.01 21.14
C PHE B 448 13.22 -0.38 21.47
N VAL B 449 14.54 -0.48 21.47
CA VAL B 449 15.25 -1.64 21.99
C VAL B 449 16.21 -1.14 23.04
N LEU B 450 16.05 -1.62 24.27
CA LEU B 450 16.86 -1.12 25.37
C LEU B 450 17.85 -2.19 25.80
N PHE B 451 19.12 -1.84 25.87
CA PHE B 451 20.17 -2.74 26.34
C PHE B 451 20.65 -2.24 27.69
N CYS B 452 20.56 -3.07 28.72
CA CYS B 452 20.96 -2.70 30.07
C CYS B 452 22.15 -3.51 30.53
N ILE B 453 23.03 -2.87 31.29
CA ILE B 453 24.21 -3.50 31.87
C ILE B 453 24.22 -3.22 33.36
N SER B 454 24.22 -4.27 34.17
CA SER B 454 24.27 -4.13 35.63
C SER B 454 24.90 -5.37 36.22
N ARG B 455 24.74 -5.55 37.53
CA ARG B 455 25.48 -6.61 38.23
C ARG B 455 24.58 -7.65 38.89
N THR B 456 23.52 -7.25 39.58
CA THR B 456 22.56 -8.17 40.18
C THR B 456 21.15 -7.76 39.76
N TRP B 457 20.18 -8.60 40.12
CA TRP B 457 18.79 -8.39 39.71
C TRP B 457 18.02 -7.24 40.38
N PRO B 458 18.14 -6.97 41.70
CA PRO B 458 17.49 -5.75 42.21
C PRO B 458 18.09 -4.47 41.68
N GLU B 459 19.37 -4.49 41.31
CA GLU B 459 19.93 -3.35 40.60
C GLU B 459 19.35 -3.22 39.20
N MET B 460 19.01 -4.35 38.56
CA MET B 460 18.30 -4.28 37.28
C MET B 460 16.93 -3.66 37.44
N GLU B 461 16.25 -3.97 38.55
CA GLU B 461 14.98 -3.29 38.82
C GLU B 461 15.19 -1.79 39.04
N MET B 462 16.30 -1.42 39.70
CA MET B 462 16.58 0.01 39.90
C MET B 462 16.85 0.72 38.59
N THR B 463 17.66 0.12 37.70
CA THR B 463 17.99 0.78 36.44
C THR B 463 16.78 0.88 35.53
N ILE B 464 15.97 -0.18 35.44
CA ILE B 464 14.83 -0.14 34.53
C ILE B 464 13.76 0.82 35.05
N LEU B 465 13.54 0.86 36.37
CA LEU B 465 12.63 1.87 36.90
C LEU B 465 13.19 3.29 36.77
N LYS B 466 14.51 3.46 36.72
CA LYS B 466 15.05 4.76 36.37
C LYS B 466 14.79 5.11 34.91
N PHE B 467 14.79 4.11 34.02
CA PHE B 467 14.49 4.38 32.62
C PHE B 467 13.01 4.76 32.42
N ILE B 468 12.11 4.06 33.11
CA ILE B 468 10.71 4.43 33.06
C ILE B 468 10.48 5.77 33.78
N ALA B 469 11.38 6.15 34.70
CA ALA B 469 11.27 7.46 35.33
C ALA B 469 11.64 8.58 34.36
N VAL B 470 12.77 8.45 33.65
CA VAL B 470 13.18 9.53 32.75
C VAL B 470 12.25 9.62 31.55
N CYS B 471 11.82 8.47 31.00
CA CYS B 471 10.83 8.51 29.93
C CYS B 471 9.49 8.99 30.43
N LYS B 472 9.16 8.71 31.69
CA LYS B 472 7.89 9.13 32.25
C LYS B 472 7.85 10.64 32.48
N LEU B 473 8.98 11.22 32.89
CA LEU B 473 9.05 12.67 33.04
C LEU B 473 9.01 13.38 31.70
N MET B 474 9.69 12.82 30.69
CA MET B 474 9.79 13.56 29.44
C MET B 474 8.52 13.47 28.61
N GLY B 475 7.71 12.46 28.81
CA GLY B 475 6.45 12.37 28.10
C GLY B 475 6.31 11.12 27.26
N ILE B 476 7.12 10.11 27.58
CA ILE B 476 7.18 8.85 26.84
C ILE B 476 6.67 7.74 27.74
N ASN B 477 5.61 7.08 27.32
CA ASN B 477 4.98 6.03 28.11
C ASN B 477 5.32 4.68 27.52
N MET B 478 6.14 3.91 28.23
CA MET B 478 6.33 2.53 27.85
C MET B 478 5.08 1.74 28.18
N SER B 479 4.67 0.87 27.26
CA SER B 479 3.54 -0.02 27.51
C SER B 479 4.01 -1.23 28.30
N LEU B 480 3.38 -1.47 29.43
CA LEU B 480 3.77 -2.57 30.30
C LEU B 480 3.21 -3.91 29.83
N GLU B 481 2.29 -3.90 28.89
CA GLU B 481 1.68 -5.13 28.40
C GLU B 481 2.42 -5.76 27.23
N LYS B 482 3.12 -4.96 26.43
CA LYS B 482 3.74 -5.47 25.21
C LYS B 482 5.26 -5.45 25.27
N SER B 483 5.83 -5.57 26.46
CA SER B 483 7.26 -5.39 26.66
C SER B 483 7.82 -6.54 27.48
N TYR B 484 9.03 -6.98 27.16
CA TYR B 484 9.62 -8.14 27.82
C TYR B 484 11.12 -8.11 27.60
N GLY B 485 11.83 -9.07 28.20
CA GLY B 485 13.28 -9.06 28.12
C GLY B 485 13.91 -10.43 28.26
N CYS B 486 15.18 -10.50 27.88
CA CYS B 486 15.98 -11.71 27.95
C CYS B 486 17.43 -11.32 28.22
N LEU B 487 18.31 -12.31 28.40
CA LEU B 487 19.71 -11.96 28.59
C LEU B 487 20.48 -11.74 27.27
N PRO B 488 20.55 -12.70 26.30
CA PRO B 488 21.32 -12.41 25.10
C PRO B 488 20.44 -11.79 24.04
N GLU B 489 20.94 -11.70 22.81
CA GLU B 489 20.18 -11.13 21.71
C GLU B 489 19.03 -12.05 21.32
N LEU B 490 17.84 -11.72 21.82
CA LEU B 490 16.60 -12.35 21.37
C LEU B 490 15.50 -11.28 21.28
N PHE B 491 15.83 -10.14 20.69
CA PHE B 491 14.91 -9.04 20.71
C PHE B 491 14.10 -8.94 19.42
N GLU B 492 13.45 -7.80 19.24
CA GLU B 492 12.50 -7.54 18.18
C GLU B 492 12.48 -6.05 17.89
N PHE B 493 12.62 -5.67 16.63
CA PHE B 493 12.71 -4.25 16.29
C PHE B 493 12.25 -4.04 14.86
N THR B 494 11.17 -3.26 14.70
CA THR B 494 10.50 -2.99 13.43
C THR B 494 10.13 -4.26 12.68
N SER B 495 9.55 -5.21 13.42
CA SER B 495 9.00 -6.46 12.91
C SER B 495 10.04 -7.35 12.23
N MET B 496 11.29 -7.28 12.69
CA MET B 496 12.34 -8.22 12.29
C MET B 496 12.82 -8.90 13.56
N PHE B 497 12.48 -10.18 13.73
CA PHE B 497 12.67 -10.85 15.02
C PHE B 497 14.08 -11.38 15.05
N PHE B 498 14.98 -10.71 15.78
CA PHE B 498 16.38 -11.12 15.79
C PHE B 498 16.57 -12.20 16.84
N SER B 499 16.99 -13.38 16.44
CA SER B 499 17.39 -14.40 17.38
C SER B 499 18.89 -14.27 17.65
N GLY B 500 19.50 -15.31 18.21
CA GLY B 500 20.85 -15.20 18.74
C GLY B 500 21.92 -15.02 17.69
N ASP B 501 21.73 -15.57 16.52
CA ASP B 501 22.70 -15.38 15.45
C ASP B 501 22.05 -14.93 14.15
N PHE B 502 20.87 -15.45 13.84
CA PHE B 502 20.21 -15.24 12.56
C PHE B 502 19.22 -14.10 12.66
N VAL B 503 18.78 -13.64 11.49
CA VAL B 503 17.80 -12.56 11.38
C VAL B 503 16.76 -12.96 10.35
N SER B 504 15.49 -12.88 10.72
CA SER B 504 14.40 -13.09 9.78
C SER B 504 14.07 -11.79 9.06
N ASN B 505 13.44 -11.91 7.90
CA ASN B 505 13.13 -10.78 7.05
C ASN B 505 11.69 -10.31 7.23
N ILE B 506 11.41 -9.14 6.67
CA ILE B 506 10.09 -8.52 6.79
C ILE B 506 9.09 -9.26 5.91
N ALA B 507 7.96 -9.63 6.49
CA ALA B 507 6.87 -10.24 5.73
C ALA B 507 6.22 -9.17 4.87
N LEU B 508 6.57 -9.16 3.59
CA LEU B 508 6.11 -8.15 2.65
C LEU B 508 4.68 -8.42 2.19
N GLU B 509 4.08 -7.41 1.60
CA GLU B 509 2.71 -7.51 1.10
C GLU B 509 2.68 -8.26 -0.21
N LEU B 510 1.67 -9.10 -0.36
CA LEU B 510 1.43 -9.88 -1.57
C LEU B 510 0.79 -9.17 -2.77
N PRO B 511 -0.22 -8.28 -2.63
CA PRO B 511 -0.80 -7.68 -3.86
C PRO B 511 0.12 -6.70 -4.58
N ALA B 512 1.25 -6.33 -4.00
CA ALA B 512 2.18 -5.41 -4.65
C ALA B 512 2.87 -6.01 -5.86
N PHE B 513 2.82 -7.33 -6.04
CA PHE B 513 3.42 -7.96 -7.22
C PHE B 513 2.63 -7.65 -8.48
N THR B 514 1.32 -7.42 -8.36
CA THR B 514 0.46 -7.10 -9.51
C THR B 514 -0.38 -5.86 -9.18
N THR B 515 0.19 -4.67 -9.41
CA THR B 515 -0.58 -3.43 -9.28
C THR B 515 -0.29 -2.45 -10.41
N ALA B 516 0.10 -2.92 -11.59
CA ALA B 516 0.35 -1.97 -12.68
C ALA B 516 -0.96 -1.58 -13.36
N GLY B 517 -1.60 -2.53 -14.03
CA GLY B 517 -2.91 -2.36 -14.64
C GLY B 517 -3.08 -1.18 -15.58
N MET B 518 -2.27 -1.09 -16.63
CA MET B 518 -2.36 -0.01 -17.59
C MET B 518 -2.34 -0.43 -19.05
N ASN B 519 -1.82 -1.62 -19.37
CA ASN B 519 -1.26 -1.85 -20.68
C ASN B 519 -0.97 -3.33 -20.84
N GLU B 520 -0.90 -3.79 -22.08
CA GLU B 520 -0.37 -5.13 -22.31
C GLU B 520 1.15 -5.17 -22.35
N GLY B 521 1.80 -4.02 -22.26
CA GLY B 521 3.24 -3.96 -22.43
C GLY B 521 3.98 -3.56 -21.19
N THR B 522 3.33 -2.82 -20.31
CA THR B 522 3.96 -2.35 -19.08
C THR B 522 3.43 -3.09 -17.85
N ASP B 523 3.18 -4.39 -17.99
CA ASP B 523 2.75 -5.16 -16.82
C ASP B 523 3.73 -6.24 -16.43
N PHE B 524 4.17 -7.07 -17.37
CA PHE B 524 4.97 -8.23 -16.99
C PHE B 524 6.39 -7.80 -16.63
N THR B 525 6.90 -6.75 -17.28
CA THR B 525 8.22 -6.24 -16.94
C THR B 525 8.20 -5.47 -15.63
N ALA B 526 7.09 -4.80 -15.33
CA ALA B 526 6.94 -4.16 -14.03
C ALA B 526 6.88 -5.20 -12.91
N ALA B 527 6.22 -6.33 -13.17
CA ALA B 527 6.19 -7.40 -12.20
C ALA B 527 7.56 -8.03 -12.01
N MET B 528 8.34 -8.15 -13.09
CA MET B 528 9.73 -8.60 -12.93
C MET B 528 10.58 -7.58 -12.19
N SER B 529 10.25 -6.29 -12.28
CA SER B 529 10.97 -5.29 -11.51
C SER B 529 10.64 -5.39 -10.02
N VAL B 530 9.37 -5.65 -9.68
CA VAL B 530 9.00 -5.76 -8.28
C VAL B 530 9.59 -7.04 -7.67
N ILE B 531 9.59 -8.14 -8.43
CA ILE B 531 10.25 -9.37 -7.99
C ILE B 531 11.75 -9.14 -7.80
N ARG B 532 12.36 -8.31 -8.67
CA ARG B 532 13.79 -8.08 -8.55
C ARG B 532 14.14 -7.24 -7.32
N THR B 533 13.42 -6.13 -7.11
CA THR B 533 13.71 -5.30 -5.95
C THR B 533 13.34 -5.97 -4.64
N ASN B 534 12.33 -6.85 -4.65
CA ASN B 534 12.10 -7.67 -3.46
C ASN B 534 13.08 -8.82 -3.33
N MET B 535 13.85 -9.11 -4.38
CA MET B 535 14.89 -10.13 -4.22
C MET B 535 16.18 -9.52 -3.67
N ILE B 536 16.49 -8.29 -4.07
CA ILE B 536 17.74 -7.66 -3.62
C ILE B 536 17.62 -7.22 -2.16
N ASN B 537 16.58 -6.47 -1.83
CA ASN B 537 16.46 -5.90 -0.49
C ASN B 537 16.13 -6.96 0.54
N ASN B 538 15.00 -7.65 0.38
CA ASN B 538 14.59 -8.69 1.30
C ASN B 538 15.29 -9.99 0.92
N GLY B 539 14.90 -11.10 1.54
CA GLY B 539 15.54 -12.37 1.20
C GLY B 539 15.14 -12.89 -0.17
N LEU B 540 13.92 -13.41 -0.28
CA LEU B 540 13.27 -13.88 -1.51
C LEU B 540 14.17 -14.87 -2.27
N SER B 541 14.33 -16.03 -1.65
CA SER B 541 15.02 -17.23 -2.13
C SER B 541 14.57 -17.62 -3.54
N PRO B 542 15.40 -18.34 -4.33
CA PRO B 542 15.09 -18.53 -5.76
C PRO B 542 13.81 -19.30 -6.07
N GLY B 543 13.38 -20.22 -5.19
CA GLY B 543 12.15 -20.94 -5.46
C GLY B 543 10.93 -20.06 -5.35
N THR B 544 10.90 -19.17 -4.37
CA THR B 544 9.82 -18.20 -4.24
C THR B 544 9.84 -17.22 -5.40
N ALA B 545 11.03 -16.96 -5.95
CA ALA B 545 11.16 -16.08 -7.09
C ALA B 545 10.56 -16.69 -8.35
N LEU B 546 10.86 -17.96 -8.62
CA LEU B 546 10.31 -18.62 -9.79
C LEU B 546 8.81 -18.84 -9.66
N MET B 547 8.35 -19.16 -8.45
CA MET B 547 6.92 -19.33 -8.22
C MET B 547 6.16 -18.01 -8.38
N ALA B 548 6.71 -16.92 -7.86
CA ALA B 548 6.03 -15.65 -7.98
C ALA B 548 6.06 -15.12 -9.40
N LEU B 549 7.13 -15.43 -10.14
CA LEU B 549 7.21 -15.08 -11.55
C LEU B 549 6.13 -15.80 -12.34
N ARG B 550 5.93 -17.09 -12.05
CA ARG B 550 4.97 -17.87 -12.80
C ARG B 550 3.52 -17.50 -12.46
N ILE B 551 3.26 -17.14 -11.20
CA ILE B 551 1.91 -16.74 -10.81
C ILE B 551 1.56 -15.37 -11.39
N CYS B 552 2.53 -14.45 -11.44
CA CYS B 552 2.27 -13.17 -12.09
C CYS B 552 2.08 -13.32 -13.60
N LEU B 553 2.77 -14.30 -14.21
CA LEU B 553 2.50 -14.63 -15.60
C LEU B 553 1.08 -15.13 -15.80
N GLN B 554 0.58 -15.95 -14.87
CA GLN B 554 -0.75 -16.48 -15.03
C GLN B 554 -1.84 -15.44 -14.78
N GLU B 555 -1.63 -14.51 -13.85
CA GLU B 555 -2.62 -13.45 -13.66
C GLU B 555 -2.59 -12.45 -14.81
N PHE B 556 -1.43 -12.28 -15.46
CA PHE B 556 -1.38 -11.48 -16.69
C PHE B 556 -2.21 -12.12 -17.79
N ARG B 557 -2.01 -13.43 -18.00
CA ARG B 557 -2.76 -14.13 -19.05
C ARG B 557 -4.25 -14.20 -18.77
N ALA B 558 -4.64 -14.31 -17.50
CA ALA B 558 -6.04 -14.25 -17.18
C ALA B 558 -6.61 -12.86 -17.29
N THR B 559 -5.78 -11.83 -17.13
CA THR B 559 -6.30 -10.47 -17.22
C THR B 559 -6.57 -10.09 -18.68
N TYR B 560 -5.61 -10.33 -19.57
CA TYR B 560 -5.73 -9.83 -20.93
C TYR B 560 -6.16 -10.89 -21.94
N ARG B 561 -6.58 -12.08 -21.47
CA ARG B 561 -7.22 -13.11 -22.28
C ARG B 561 -6.31 -13.65 -23.39
N VAL B 562 -5.03 -13.81 -23.11
CA VAL B 562 -4.09 -14.37 -24.08
C VAL B 562 -3.46 -15.61 -23.47
N HIS B 563 -3.60 -16.73 -24.16
CA HIS B 563 -3.02 -18.00 -23.75
C HIS B 563 -2.06 -18.47 -24.83
N PRO B 564 -1.16 -19.41 -24.55
CA PRO B 564 -0.23 -19.88 -25.59
C PRO B 564 -0.94 -20.58 -26.75
N TYR B 565 -0.22 -20.64 -27.87
CA TYR B 565 -0.78 -21.13 -29.12
C TYR B 565 -1.08 -22.62 -29.08
N ASP B 566 -0.28 -23.39 -28.35
CA ASP B 566 -0.53 -24.83 -28.26
C ASP B 566 -1.60 -25.19 -27.23
N SER B 567 -2.08 -24.22 -26.47
CA SER B 567 -3.19 -24.46 -25.55
C SER B 567 -4.49 -24.62 -26.33
N GLY B 568 -5.51 -25.12 -25.65
CA GLY B 568 -6.77 -25.39 -26.31
C GLY B 568 -7.78 -24.28 -26.17
N VAL B 569 -7.32 -23.09 -25.78
CA VAL B 569 -8.23 -21.98 -25.53
C VAL B 569 -8.71 -21.42 -26.87
N LYS B 570 -10.03 -21.29 -27.02
CA LYS B 570 -10.64 -20.81 -28.26
C LYS B 570 -11.56 -19.64 -27.93
N ASN B 571 -10.99 -18.44 -27.84
CA ASN B 571 -11.75 -17.22 -27.67
C ASN B 571 -11.51 -16.30 -28.88
N HIS B 572 -11.98 -15.06 -28.76
CA HIS B 572 -11.95 -14.12 -29.87
C HIS B 572 -10.55 -13.61 -30.20
N ARG B 573 -9.57 -13.84 -29.34
CA ARG B 573 -8.20 -13.46 -29.66
C ARG B 573 -7.31 -14.62 -30.03
N MET B 574 -7.64 -15.85 -29.60
CA MET B 574 -6.87 -17.00 -30.03
C MET B 574 -7.39 -17.60 -31.32
N LYS B 575 -8.53 -17.15 -31.82
CA LYS B 575 -8.98 -17.59 -33.14
C LYS B 575 -8.13 -16.97 -34.24
N ILE B 576 -7.77 -15.69 -34.07
CA ILE B 576 -6.90 -15.01 -35.03
C ILE B 576 -5.49 -15.59 -34.96
N ILE B 577 -5.00 -15.88 -33.75
CA ILE B 577 -3.65 -16.41 -33.59
C ILE B 577 -3.57 -17.84 -34.08
N ARG B 578 -4.60 -18.64 -33.80
CA ARG B 578 -4.60 -20.03 -34.26
C ARG B 578 -4.84 -20.11 -35.76
N LYS B 579 -5.53 -19.13 -36.34
CA LYS B 579 -5.73 -19.12 -37.79
C LYS B 579 -4.45 -18.73 -38.53
N PHE B 580 -3.64 -17.85 -37.94
CA PHE B 580 -2.53 -17.23 -38.64
C PHE B 580 -1.16 -17.69 -38.15
N ILE B 581 -1.09 -18.84 -37.47
CA ILE B 581 0.17 -19.29 -36.91
C ILE B 581 1.08 -19.89 -37.98
N GLU B 582 0.52 -20.28 -39.12
CA GLU B 582 1.32 -20.88 -40.19
C GLU B 582 2.21 -19.85 -40.89
N THR B 583 1.89 -18.56 -40.77
CA THR B 583 2.73 -17.53 -41.38
C THR B 583 3.99 -17.30 -40.59
N ILE B 584 3.92 -17.38 -39.26
CA ILE B 584 5.08 -17.15 -38.40
C ILE B 584 5.98 -18.38 -38.47
N GLU B 585 7.25 -18.16 -38.80
CA GLU B 585 8.18 -19.27 -38.95
C GLU B 585 8.73 -19.69 -37.59
N ASN B 586 9.47 -18.81 -36.94
CA ASN B 586 10.12 -19.13 -35.67
C ASN B 586 9.09 -18.90 -34.56
N LYS B 587 8.52 -19.99 -34.06
CA LYS B 587 7.34 -19.88 -33.22
C LYS B 587 7.65 -19.38 -31.82
N ASP B 588 8.87 -19.58 -31.33
CA ASP B 588 9.22 -19.10 -29.99
C ASP B 588 9.89 -17.73 -30.03
N GLY B 589 9.48 -16.88 -30.96
CA GLY B 589 9.88 -15.50 -30.97
C GLY B 589 8.68 -14.61 -30.74
N LEU B 590 7.50 -15.23 -30.63
CA LEU B 590 6.28 -14.49 -30.39
C LEU B 590 6.27 -13.90 -28.99
N LEU B 591 5.57 -12.79 -28.84
CA LEU B 591 5.48 -12.17 -27.53
C LEU B 591 4.49 -12.91 -26.65
N ILE B 592 4.65 -12.73 -25.34
CA ILE B 592 3.71 -13.28 -24.36
C ILE B 592 2.33 -12.66 -24.53
N SER B 593 2.26 -11.41 -24.95
CA SER B 593 0.98 -10.81 -25.28
C SER B 593 0.40 -11.30 -26.60
N ASP B 594 1.09 -12.17 -27.34
CA ASP B 594 0.59 -12.67 -28.61
C ASP B 594 0.58 -14.19 -28.65
N GLY B 595 0.58 -14.85 -27.50
CA GLY B 595 0.54 -16.29 -27.48
C GLY B 595 1.91 -16.91 -27.56
N GLY B 596 2.90 -16.30 -26.91
CA GLY B 596 4.23 -16.86 -26.82
C GLY B 596 4.48 -17.48 -25.47
N LYS B 597 5.52 -18.29 -25.41
CA LYS B 597 5.90 -18.96 -24.18
C LYS B 597 6.80 -18.04 -23.35
N LEU B 598 7.41 -18.58 -22.31
CA LEU B 598 8.21 -17.79 -21.38
C LEU B 598 9.69 -18.08 -21.59
N MET B 599 10.49 -17.03 -21.70
CA MET B 599 11.94 -17.14 -21.78
C MET B 599 12.68 -16.42 -20.68
N ASN B 600 12.07 -15.43 -20.03
CA ASN B 600 12.67 -14.80 -18.87
C ASN B 600 12.73 -15.77 -17.71
N ASN B 601 13.69 -15.52 -16.81
CA ASN B 601 13.94 -16.42 -15.70
C ASN B 601 14.42 -15.54 -14.56
N ILE B 602 15.03 -16.15 -13.54
CA ILE B 602 15.58 -15.36 -12.43
C ILE B 602 16.77 -14.54 -12.89
N SER B 603 17.58 -15.09 -13.79
CA SER B 603 18.76 -14.41 -14.30
C SER B 603 18.47 -13.45 -15.45
N SER B 604 17.20 -13.08 -15.67
CA SER B 604 16.83 -12.19 -16.76
C SER B 604 15.81 -11.17 -16.31
N LEU B 605 15.79 -10.85 -15.01
CA LEU B 605 14.78 -9.95 -14.47
C LEU B 605 15.10 -8.49 -14.70
N HIS B 606 16.16 -8.18 -15.43
CA HIS B 606 16.43 -6.82 -15.86
C HIS B 606 16.28 -6.63 -17.36
N ILE B 607 16.21 -7.72 -18.13
CA ILE B 607 16.01 -7.66 -19.58
C ILE B 607 14.52 -7.81 -19.85
N PRO B 608 13.89 -6.87 -20.55
CA PRO B 608 12.46 -7.02 -20.89
C PRO B 608 12.24 -8.14 -21.88
N GLU B 609 10.96 -8.52 -22.03
CA GLU B 609 10.60 -9.65 -22.88
C GLU B 609 10.79 -9.32 -24.36
N GLU B 610 10.46 -8.09 -24.76
CA GLU B 610 10.54 -7.69 -26.16
C GLU B 610 11.98 -7.66 -26.62
N ILE B 611 12.85 -7.02 -25.83
CA ILE B 611 14.24 -6.86 -26.19
C ILE B 611 14.98 -8.18 -26.10
N LEU B 612 14.52 -9.09 -25.25
CA LEU B 612 15.09 -10.43 -25.23
C LEU B 612 14.69 -11.22 -26.46
N LYS B 613 13.50 -10.96 -27.01
CA LYS B 613 12.99 -11.77 -28.12
C LYS B 613 13.25 -11.19 -29.50
N GLU B 614 13.82 -10.00 -29.63
CA GLU B 614 14.03 -9.43 -30.97
C GLU B 614 15.19 -10.04 -31.74
N ASP B 615 15.93 -10.97 -31.15
CA ASP B 615 16.89 -11.75 -31.91
C ASP B 615 16.28 -12.96 -32.59
N LEU B 616 15.00 -13.23 -32.35
CA LEU B 616 14.38 -14.44 -32.84
C LEU B 616 13.12 -14.20 -33.66
N MET B 617 12.66 -12.96 -33.78
CA MET B 617 11.38 -12.69 -34.43
C MET B 617 11.47 -12.85 -35.94
N ASP B 618 10.33 -13.15 -36.55
CA ASP B 618 10.24 -13.05 -37.99
C ASP B 618 10.28 -11.59 -38.41
N PRO B 619 10.87 -11.29 -39.57
CA PRO B 619 10.91 -9.88 -40.01
C PRO B 619 9.55 -9.31 -40.38
N SER B 620 8.65 -10.13 -40.89
CA SER B 620 7.28 -9.67 -41.12
C SER B 620 6.57 -9.38 -39.81
N TYR B 621 6.77 -10.25 -38.83
CA TYR B 621 6.16 -10.07 -37.51
C TYR B 621 6.75 -8.86 -36.80
N ARG B 622 8.08 -8.74 -36.79
CA ARG B 622 8.73 -7.65 -36.07
C ARG B 622 8.47 -6.31 -36.74
N ASN B 623 8.48 -6.28 -38.08
CA ASN B 623 8.18 -5.04 -38.77
C ASN B 623 6.69 -4.69 -38.68
N ARG B 624 5.84 -5.67 -38.42
CA ARG B 624 4.42 -5.39 -38.31
C ARG B 624 4.03 -4.95 -36.90
N VAL B 625 4.72 -5.46 -35.86
CA VAL B 625 4.40 -5.12 -34.49
C VAL B 625 4.89 -3.72 -34.14
N PHE B 626 6.15 -3.43 -34.41
CA PHE B 626 6.79 -2.20 -33.94
C PHE B 626 6.59 -1.03 -34.90
N ASN B 627 5.59 -1.09 -35.77
CA ASN B 627 5.33 -0.03 -36.73
C ASN B 627 4.74 1.18 -36.01
N PRO B 628 5.39 2.34 -36.06
CA PRO B 628 4.83 3.52 -35.39
C PRO B 628 3.62 4.12 -36.09
N ARG B 629 3.29 3.65 -37.29
CA ARG B 629 2.00 3.99 -37.90
C ARG B 629 0.98 2.95 -37.46
N ASN B 630 0.63 3.01 -36.17
CA ASN B 630 -0.36 2.09 -35.64
C ASN B 630 -1.58 2.86 -35.15
N PRO B 631 -2.78 2.30 -35.29
CA PRO B 631 -3.99 3.04 -34.90
C PRO B 631 -4.25 3.09 -33.40
N PHE B 632 -3.36 2.55 -32.57
CA PHE B 632 -3.59 2.44 -31.13
C PHE B 632 -2.71 3.35 -30.29
N THR B 633 -1.42 3.43 -30.60
CA THR B 633 -0.50 4.22 -29.79
C THR B 633 -0.48 5.69 -30.19
N GLN B 634 -0.70 5.99 -31.47
CA GLN B 634 -0.63 7.36 -31.96
C GLN B 634 -1.89 8.14 -31.61
N PHE B 635 -1.87 9.42 -31.97
CA PHE B 635 -3.02 10.29 -31.74
C PHE B 635 -3.05 11.42 -32.76
N ALA B 655 10.76 0.93 -17.78
CA ALA B 655 10.57 1.47 -19.12
C ALA B 655 10.87 0.41 -20.17
N VAL B 656 9.91 0.16 -21.07
CA VAL B 656 10.03 -0.84 -22.12
C VAL B 656 9.62 -0.22 -23.45
N VAL B 657 9.57 -1.07 -24.47
CA VAL B 657 9.27 -0.63 -25.83
C VAL B 657 7.77 -0.37 -25.95
N SER B 658 7.40 0.68 -26.67
CA SER B 658 6.01 1.12 -26.78
C SER B 658 5.41 0.62 -28.08
N THR B 659 4.79 -0.57 -28.05
CA THR B 659 4.09 -1.09 -29.22
C THR B 659 2.78 -1.82 -28.94
N HIS B 660 2.50 -2.23 -27.69
CA HIS B 660 1.17 -2.63 -27.28
C HIS B 660 0.49 -1.55 -26.46
N SER B 661 1.11 -0.37 -26.35
CA SER B 661 0.64 0.67 -25.46
C SER B 661 -0.64 1.28 -25.99
N PHE B 662 -1.76 0.91 -25.38
CA PHE B 662 -3.06 1.47 -25.71
C PHE B 662 -3.59 2.24 -24.51
N ARG B 663 -4.67 2.99 -24.74
CA ARG B 663 -5.36 3.71 -23.69
C ARG B 663 -6.81 3.24 -23.68
N THR B 664 -7.26 2.73 -22.53
CA THR B 664 -8.65 2.37 -22.40
C THR B 664 -9.53 3.62 -22.34
N ARG B 665 -10.81 3.44 -22.61
CA ARG B 665 -11.71 4.58 -22.69
C ARG B 665 -12.02 5.12 -21.30
N SER B 666 -12.48 6.37 -21.27
CA SER B 666 -12.75 7.05 -20.02
C SER B 666 -14.08 6.61 -19.44
N ASN B 667 -14.46 7.23 -18.31
CA ASN B 667 -15.68 6.87 -17.61
C ASN B 667 -16.86 7.61 -18.25
N ARG B 668 -18.04 7.49 -17.64
CA ARG B 668 -19.27 8.03 -18.21
C ARG B 668 -20.03 8.99 -17.30
N THR B 669 -19.83 8.93 -15.99
CA THR B 669 -20.51 9.81 -15.06
C THR B 669 -19.66 11.02 -14.67
N LEU B 670 -18.55 11.25 -15.38
CA LEU B 670 -17.68 12.39 -15.09
C LEU B 670 -18.18 13.68 -15.73
N LEU B 671 -19.19 13.59 -16.60
CA LEU B 671 -19.77 14.76 -17.27
C LEU B 671 -21.27 14.86 -17.00
N ASN B 672 -21.77 14.23 -15.93
CA ASN B 672 -23.18 14.25 -15.61
C ASN B 672 -23.48 14.75 -14.20
N THR B 673 -22.46 14.90 -13.35
CA THR B 673 -22.66 15.35 -11.98
C THR B 673 -22.66 16.89 -11.94
N ASP B 674 -22.64 17.45 -10.74
CA ASP B 674 -22.50 18.89 -10.60
C ASP B 674 -21.05 19.36 -10.71
N MET B 675 -20.11 18.43 -10.82
CA MET B 675 -18.69 18.73 -10.98
C MET B 675 -18.25 18.50 -12.42
N ARG B 676 -19.11 18.85 -13.36
CA ARG B 676 -18.83 18.61 -14.78
C ARG B 676 -17.75 19.55 -15.30
N ALA B 677 -17.97 20.86 -15.16
CA ALA B 677 -17.12 21.89 -15.77
C ALA B 677 -15.70 21.88 -15.23
N MET B 678 -15.49 21.38 -14.00
CA MET B 678 -14.15 21.24 -13.45
C MET B 678 -13.31 20.30 -14.30
N ALA B 679 -13.93 19.24 -14.84
CA ALA B 679 -13.24 18.39 -15.81
C ALA B 679 -12.85 19.19 -17.04
N LEU B 680 -13.75 20.06 -17.53
CA LEU B 680 -13.41 20.96 -18.62
C LEU B 680 -12.26 21.88 -18.25
N GLU B 681 -12.17 22.25 -16.97
CA GLU B 681 -11.07 23.09 -16.48
C GLU B 681 -9.72 22.43 -16.71
N GLU B 682 -9.63 21.11 -16.47
CA GLU B 682 -8.31 20.48 -16.65
C GLU B 682 -7.95 20.43 -18.11
N LYS B 683 -8.97 20.39 -18.99
CA LYS B 683 -8.73 20.42 -20.43
C LYS B 683 -8.01 21.70 -20.82
N ARG B 684 -8.45 22.84 -20.21
CA ARG B 684 -7.82 24.12 -20.50
C ARG B 684 -6.35 24.12 -20.10
N TYR B 685 -6.04 23.53 -18.95
CA TYR B 685 -4.65 23.48 -18.48
C TYR B 685 -3.82 22.67 -19.44
N GLN B 686 -4.36 21.55 -19.91
CA GLN B 686 -3.66 20.68 -20.85
C GLN B 686 -3.35 21.43 -22.13
N VAL B 687 -4.33 22.21 -22.61
CA VAL B 687 -4.16 22.98 -23.84
C VAL B 687 -3.05 23.99 -23.68
N VAL B 688 -3.03 24.68 -22.54
CA VAL B 688 -2.03 25.71 -22.32
C VAL B 688 -0.66 25.08 -22.19
N CYS B 689 -0.59 23.92 -21.54
CA CYS B 689 0.68 23.23 -21.39
C CYS B 689 1.19 22.76 -22.73
N ASN B 690 0.27 22.34 -23.62
CA ASN B 690 0.67 21.90 -24.95
C ASN B 690 1.26 23.05 -25.73
N MET B 691 0.72 24.26 -25.54
CA MET B 691 1.25 25.43 -26.22
C MET B 691 2.66 25.72 -25.73
N TYR B 692 2.92 25.50 -24.43
CA TYR B 692 4.26 25.67 -23.92
C TYR B 692 5.20 24.62 -24.51
N ARG B 693 4.69 23.39 -24.66
CA ARG B 693 5.48 22.34 -25.30
C ARG B 693 5.66 22.63 -26.79
N SER B 694 4.78 23.43 -27.38
CA SER B 694 4.99 23.78 -28.78
C SER B 694 6.10 24.81 -28.95
N VAL B 695 6.49 25.51 -27.89
CA VAL B 695 7.48 26.57 -28.06
C VAL B 695 8.84 26.08 -27.60
N PHE B 696 8.96 25.70 -26.33
CA PHE B 696 10.23 25.19 -25.81
C PHE B 696 10.26 23.70 -26.11
N GLU B 697 11.10 23.32 -27.09
CA GLU B 697 11.09 21.96 -27.60
C GLU B 697 11.70 20.96 -26.61
N SER B 698 12.46 21.44 -25.62
CA SER B 698 13.01 20.59 -24.57
C SER B 698 12.63 21.22 -23.24
N ALA B 699 11.42 20.91 -22.76
CA ALA B 699 10.89 21.44 -21.52
C ALA B 699 10.59 20.38 -20.48
N ASP B 700 10.32 19.14 -20.89
CA ASP B 700 10.12 18.05 -19.95
C ASP B 700 11.43 17.46 -19.44
N VAL B 701 12.57 17.96 -19.91
CA VAL B 701 13.86 17.51 -19.43
C VAL B 701 14.26 18.32 -18.21
N ASN B 702 14.40 19.63 -18.40
CA ASN B 702 14.84 20.52 -17.33
C ASN B 702 13.65 21.24 -16.73
N THR B 703 13.73 21.50 -15.44
CA THR B 703 12.63 22.14 -14.72
C THR B 703 12.53 23.61 -15.12
N PRO B 704 11.41 24.06 -15.64
CA PRO B 704 11.30 25.45 -16.12
C PRO B 704 11.09 26.48 -15.01
N ILE B 705 12.18 26.92 -14.40
CA ILE B 705 12.07 27.97 -13.40
C ILE B 705 11.96 29.32 -14.09
N GLY B 706 11.50 30.31 -13.35
CA GLY B 706 11.32 31.65 -13.88
C GLY B 706 10.15 32.31 -13.17
N SER B 707 10.14 33.64 -13.20
CA SER B 707 9.14 34.36 -12.42
C SER B 707 8.49 35.52 -13.16
N MET B 708 8.47 35.53 -14.49
CA MET B 708 7.91 36.65 -15.22
C MET B 708 6.45 36.45 -15.63
N SER B 709 6.16 35.50 -16.52
CA SER B 709 4.85 35.09 -17.02
C SER B 709 5.10 33.95 -17.98
N MET B 710 4.03 33.31 -18.43
CA MET B 710 4.18 32.30 -19.48
C MET B 710 3.96 32.83 -20.87
N GLY B 711 3.07 33.81 -21.04
CA GLY B 711 2.80 34.33 -22.37
C GLY B 711 3.92 35.19 -22.91
N GLU B 712 4.64 35.91 -22.04
CA GLU B 712 5.69 36.78 -22.52
C GLU B 712 6.92 36.00 -22.96
N ALA B 713 7.18 34.85 -22.32
CA ALA B 713 8.31 34.03 -22.74
C ALA B 713 8.03 33.34 -24.07
N ILE B 714 6.76 33.03 -24.35
CA ILE B 714 6.37 32.47 -25.65
C ILE B 714 6.60 33.50 -26.74
N GLU B 715 6.07 34.71 -26.57
CA GLU B 715 6.14 35.73 -27.60
C GLU B 715 7.57 36.22 -27.81
N ALA B 716 8.31 36.41 -26.72
CA ALA B 716 9.71 36.79 -26.83
C ALA B 716 10.54 35.66 -27.41
N LYS B 717 10.13 34.40 -27.21
CA LYS B 717 10.86 33.29 -27.81
C LYS B 717 10.61 33.19 -29.31
N ILE B 718 9.36 33.41 -29.74
CA ILE B 718 9.04 33.38 -31.16
C ILE B 718 9.70 34.56 -31.88
N LEU B 719 9.84 35.71 -31.21
CA LEU B 719 10.60 36.80 -31.81
C LEU B 719 12.10 36.50 -31.83
N ASP B 720 12.60 35.76 -30.84
CA ASP B 720 14.03 35.44 -30.78
C ASP B 720 14.42 34.46 -31.88
N ARG B 721 13.69 33.35 -31.98
CA ARG B 721 13.94 32.39 -33.06
C ARG B 721 13.47 32.92 -34.41
N ALA B 722 12.60 33.94 -34.41
CA ALA B 722 12.23 34.61 -35.65
C ALA B 722 13.36 35.49 -36.14
N ARG B 723 14.17 36.05 -35.23
CA ARG B 723 15.33 36.82 -35.67
C ARG B 723 16.50 35.92 -36.04
N THR B 724 16.76 34.90 -35.23
CA THR B 724 17.86 33.99 -35.51
C THR B 724 17.60 33.17 -36.77
N GLN B 725 16.37 32.65 -36.91
CA GLN B 725 15.98 32.01 -38.17
C GLN B 725 15.64 33.02 -39.26
N PHE B 726 15.52 34.30 -38.93
CA PHE B 726 15.35 35.32 -39.94
C PHE B 726 16.65 35.55 -40.70
N GLU B 727 17.70 35.96 -39.99
CA GLU B 727 18.92 36.41 -40.65
C GLU B 727 19.75 35.29 -41.27
N ASN B 728 19.45 34.04 -40.99
CA ASN B 728 20.23 32.91 -41.49
C ASN B 728 19.30 31.81 -42.01
N GLY B 729 18.36 32.17 -42.88
CA GLY B 729 17.12 31.40 -42.93
C GLY B 729 16.02 31.96 -43.82
N ILE B 730 14.90 32.31 -43.16
CA ILE B 730 13.62 32.66 -43.69
C ILE B 730 13.76 33.54 -44.85
N ILE B 731 13.77 34.82 -44.51
CA ILE B 731 13.84 35.90 -45.43
C ILE B 731 12.64 35.91 -46.35
N GLY B 732 11.59 36.59 -45.92
CA GLY B 732 10.40 36.85 -46.69
C GLY B 732 9.55 37.85 -45.95
N GLY B 733 9.14 38.93 -46.63
CA GLY B 733 8.43 40.01 -45.98
C GLY B 733 7.00 39.68 -45.59
N GLU B 734 6.33 38.84 -46.39
CA GLU B 734 4.95 38.48 -46.08
C GLU B 734 4.87 37.51 -44.92
N GLU B 735 5.82 36.59 -44.81
CA GLU B 735 5.82 35.64 -43.70
C GLU B 735 6.21 36.32 -42.40
N TYR B 736 7.28 37.12 -42.42
CA TYR B 736 7.74 37.80 -41.21
C TYR B 736 6.75 38.88 -40.78
N SER B 737 6.16 39.59 -41.74
CA SER B 737 5.18 40.61 -41.40
C SER B 737 3.83 39.99 -40.99
N GLU B 738 3.51 38.80 -41.50
CA GLU B 738 2.27 38.15 -41.08
C GLU B 738 2.42 37.53 -39.70
N ILE B 739 3.58 36.93 -39.40
CA ILE B 739 3.86 36.43 -38.07
C ILE B 739 3.93 37.57 -37.06
N LYS B 740 4.57 38.67 -37.44
CA LYS B 740 4.62 39.86 -36.59
C LYS B 740 3.23 40.44 -36.37
N ARG B 741 2.37 40.37 -37.40
CA ARG B 741 1.02 40.86 -37.27
C ARG B 741 0.19 39.96 -36.35
N LEU B 742 0.42 38.65 -36.40
CA LEU B 742 -0.32 37.75 -35.52
C LEU B 742 0.15 37.85 -34.07
N ILE B 743 1.45 38.08 -33.86
CA ILE B 743 1.96 38.27 -32.50
C ILE B 743 1.46 39.59 -31.93
N GLU B 744 1.43 40.65 -32.73
CA GLU B 744 0.96 41.93 -32.22
C GLU B 744 -0.56 41.92 -32.00
N ASP B 745 -1.30 41.26 -32.89
CA ASP B 745 -2.75 41.17 -32.71
C ASP B 745 -3.11 40.29 -31.51
N ALA B 746 -2.36 39.21 -31.30
CA ALA B 746 -2.60 38.37 -30.14
C ALA B 746 -2.16 39.05 -28.85
N LYS B 747 -1.17 39.93 -28.93
CA LYS B 747 -0.74 40.66 -27.74
C LYS B 747 -1.73 41.75 -27.37
N ARG B 748 -2.28 42.47 -28.38
CA ARG B 748 -3.34 43.43 -28.11
C ARG B 748 -4.61 42.75 -27.65
N GLN B 749 -4.87 41.52 -28.13
CA GLN B 749 -6.02 40.77 -27.64
C GLN B 749 -5.80 40.28 -26.22
N ARG B 750 -4.56 39.94 -25.86
CA ARG B 750 -4.29 39.46 -24.51
C ARG B 750 -4.32 40.59 -23.50
N LEU B 751 -3.82 41.77 -23.89
CA LEU B 751 -3.76 42.88 -22.94
C LEU B 751 -5.15 43.46 -22.66
N SER B 752 -6.02 43.44 -23.67
CA SER B 752 -7.40 43.90 -23.47
C SER B 752 -8.24 42.81 -22.82
N SER C 2 8.74 26.84 -41.73
CA SER C 2 7.35 27.25 -41.86
C SER C 2 6.56 26.89 -40.61
N LEU C 3 7.26 26.57 -39.53
CA LEU C 3 6.61 26.20 -38.29
C LEU C 3 6.15 27.42 -37.50
N LEU C 4 6.84 28.56 -37.65
CA LEU C 4 6.51 29.74 -36.85
C LEU C 4 5.19 30.36 -37.27
N LEU C 5 4.78 30.19 -38.53
CA LEU C 5 3.44 30.60 -38.94
C LEU C 5 2.38 29.75 -38.26
N THR C 6 2.64 28.44 -38.14
CA THR C 6 1.70 27.55 -37.45
C THR C 6 1.63 27.88 -35.96
N LEU C 7 2.77 28.21 -35.36
CA LEU C 7 2.79 28.61 -33.96
C LEU C 7 2.09 29.95 -33.75
N ALA C 8 2.16 30.85 -34.73
CA ALA C 8 1.42 32.10 -34.62
C ALA C 8 -0.08 31.87 -34.78
N LYS C 9 -0.46 30.91 -35.63
CA LYS C 9 -1.88 30.58 -35.77
C LYS C 9 -2.43 29.91 -34.51
N GLU C 10 -1.62 29.08 -33.85
CA GLU C 10 -2.07 28.44 -32.63
C GLU C 10 -2.09 29.43 -31.46
N TYR C 11 -1.13 30.34 -31.40
CA TYR C 11 -1.10 31.30 -30.30
C TYR C 11 -2.21 32.33 -30.43
N ALA C 12 -2.48 32.81 -31.67
CA ALA C 12 -3.63 33.68 -31.87
C ALA C 12 -4.93 32.92 -31.68
N ASN C 13 -4.95 31.64 -32.01
CA ASN C 13 -6.13 30.80 -31.81
C ASN C 13 -6.43 30.60 -30.33
N LEU C 14 -5.40 30.50 -29.50
CA LEU C 14 -5.64 30.31 -28.07
C LEU C 14 -5.81 31.62 -27.32
N THR C 15 -5.30 32.74 -27.84
CA THR C 15 -5.67 34.03 -27.28
C THR C 15 -7.01 34.52 -27.81
N LYS C 16 -7.61 33.80 -28.78
CA LYS C 16 -8.96 34.12 -29.21
C LYS C 16 -9.99 33.82 -28.13
N ASP C 17 -9.71 32.85 -27.27
CA ASP C 17 -10.65 32.46 -26.22
C ASP C 17 -10.74 33.54 -25.15
N LYS C 18 -11.92 33.63 -24.53
CA LYS C 18 -12.19 34.71 -23.58
C LYS C 18 -11.58 34.40 -22.21
N LYS C 19 -12.03 33.33 -21.57
CA LYS C 19 -11.58 33.01 -20.22
C LYS C 19 -10.25 32.28 -20.18
N SER C 20 -9.64 32.00 -21.33
CA SER C 20 -8.30 31.43 -21.34
C SER C 20 -7.21 32.51 -21.24
N CYS C 21 -7.55 33.76 -21.54
CA CYS C 21 -6.58 34.84 -21.39
C CYS C 21 -6.28 35.13 -19.92
N LYS C 22 -7.18 34.78 -19.01
CA LYS C 22 -6.94 34.91 -17.59
C LYS C 22 -6.04 33.82 -17.04
N LEU C 23 -5.70 32.82 -17.85
CA LEU C 23 -4.88 31.70 -17.40
C LEU C 23 -3.41 31.99 -17.62
N LEU C 24 -3.03 32.24 -18.87
CA LEU C 24 -1.65 32.61 -19.14
C LEU C 24 -1.46 34.11 -18.92
N SER C 25 -0.19 34.50 -18.75
CA SER C 25 0.24 35.85 -18.35
C SER C 25 -0.40 36.30 -17.04
N GLN C 26 -0.75 35.33 -16.18
CA GLN C 26 -1.24 35.63 -14.84
C GLN C 26 -0.53 34.74 -13.83
N GLY C 27 -0.02 33.60 -14.29
CA GLY C 27 0.83 32.74 -13.50
C GLY C 27 2.30 33.01 -13.77
N THR C 28 3.13 32.05 -13.39
CA THR C 28 4.57 32.12 -13.63
C THR C 28 4.99 30.94 -14.48
N VAL C 29 6.30 30.91 -14.80
CA VAL C 29 6.85 29.83 -15.62
C VAL C 29 6.83 28.52 -14.84
N SER C 30 7.27 28.55 -13.58
CA SER C 30 7.35 27.36 -12.75
C SER C 30 6.00 26.75 -12.44
N SER C 31 4.93 27.55 -12.52
CA SER C 31 3.57 27.06 -12.36
C SER C 31 3.17 26.06 -13.44
N TYR C 32 3.93 26.00 -14.54
CA TYR C 32 3.83 24.91 -15.51
C TYR C 32 3.84 23.54 -14.84
N THR C 33 4.69 23.35 -13.82
CA THR C 33 4.69 22.09 -13.08
C THR C 33 3.34 21.84 -12.41
N THR C 34 2.82 22.82 -11.69
CA THR C 34 1.50 22.64 -11.11
C THR C 34 0.38 22.95 -12.10
N PHE C 35 0.72 23.19 -13.37
CA PHE C 35 -0.26 23.09 -14.44
C PHE C 35 -0.25 21.72 -15.09
N LYS C 36 0.84 20.97 -14.95
CA LYS C 36 0.92 19.66 -15.58
C LYS C 36 0.10 18.62 -14.83
N LYS C 37 -0.02 18.77 -13.52
CA LYS C 37 -0.68 17.80 -12.65
C LYS C 37 -1.98 18.40 -12.13
N TRP C 38 -3.11 17.86 -12.58
CA TRP C 38 -4.43 18.24 -12.11
C TRP C 38 -5.30 16.99 -12.06
N THR C 39 -4.75 15.90 -11.58
CA THR C 39 -5.44 14.61 -11.58
C THR C 39 -6.52 14.63 -10.51
N THR C 40 -7.76 14.92 -10.91
CA THR C 40 -8.86 15.04 -9.95
C THR C 40 -9.33 13.69 -9.41
N SER C 41 -8.90 12.58 -10.02
CA SER C 41 -9.08 11.28 -9.39
C SER C 41 -8.18 11.20 -8.16
N ARG C 42 -8.60 10.39 -7.19
CA ARG C 42 -7.92 10.39 -5.90
C ARG C 42 -6.54 9.74 -5.96
N LYS C 43 -6.51 8.43 -6.22
CA LYS C 43 -5.23 7.73 -6.31
C LYS C 43 -5.17 6.69 -7.42
N GLU C 44 -6.27 6.40 -8.13
CA GLU C 44 -6.47 5.18 -8.91
C GLU C 44 -6.08 3.95 -8.08
N LYS C 45 -6.82 3.76 -6.99
CA LYS C 45 -6.38 2.90 -5.90
C LYS C 45 -6.46 1.41 -6.23
N ASN C 46 -7.20 1.04 -7.27
CA ASN C 46 -7.30 -0.36 -7.72
C ASN C 46 -7.12 -0.41 -9.23
N PRO C 47 -5.87 -0.37 -9.71
CA PRO C 47 -5.66 -0.34 -11.16
C PRO C 47 -5.91 -1.68 -11.87
N SER C 48 -5.47 -2.80 -11.29
CA SER C 48 -5.66 -4.08 -11.94
C SER C 48 -7.11 -4.53 -11.91
N LEU C 49 -7.84 -4.13 -10.87
CA LEU C 49 -9.26 -4.39 -10.79
C LEU C 49 -10.01 -3.74 -11.94
N ARG C 50 -9.78 -2.44 -12.15
CA ARG C 50 -10.37 -1.74 -13.27
C ARG C 50 -9.80 -2.17 -14.60
N MET C 51 -8.62 -2.79 -14.61
CA MET C 51 -8.08 -3.28 -15.87
C MET C 51 -8.78 -4.55 -16.30
N ARG C 52 -9.10 -5.43 -15.33
CA ARG C 52 -9.83 -6.64 -15.69
C ARG C 52 -11.29 -6.34 -15.98
N TRP C 53 -11.89 -5.41 -15.23
CA TRP C 53 -13.23 -4.94 -15.59
C TRP C 53 -13.25 -4.22 -16.93
N ALA C 54 -12.14 -3.59 -17.31
CA ALA C 54 -12.08 -2.93 -18.61
C ALA C 54 -11.99 -3.97 -19.72
N MET C 55 -11.12 -4.96 -19.55
CA MET C 55 -10.96 -5.99 -20.57
C MET C 55 -12.10 -6.99 -20.61
N GLY C 56 -13.04 -6.93 -19.66
CA GLY C 56 -14.19 -7.80 -19.73
C GLY C 56 -15.25 -7.42 -20.73
N SER C 57 -15.21 -6.20 -21.27
CA SER C 57 -16.25 -5.72 -22.18
C SER C 57 -15.93 -6.17 -23.60
N LYS C 58 -16.62 -5.57 -24.57
CA LYS C 58 -16.41 -5.89 -25.98
C LYS C 58 -15.58 -4.83 -26.70
N PHE C 59 -15.78 -3.55 -26.39
CA PHE C 59 -15.00 -2.46 -26.98
C PHE C 59 -14.38 -1.61 -25.88
N PRO C 60 -13.19 -2.01 -25.38
CA PRO C 60 -12.58 -1.24 -24.27
C PRO C 60 -11.60 -0.16 -24.69
N ILE C 61 -11.12 -0.20 -25.93
CA ILE C 61 -9.93 0.57 -26.33
C ILE C 61 -10.38 1.77 -27.15
N MET C 62 -9.65 2.89 -27.02
CA MET C 62 -9.79 4.03 -27.90
C MET C 62 -8.72 3.95 -28.98
N ALA C 63 -9.13 3.89 -30.25
CA ALA C 63 -8.21 3.74 -31.36
C ALA C 63 -8.53 4.74 -32.47
N ASN C 64 -7.51 5.07 -33.26
CA ASN C 64 -7.69 6.05 -34.32
C ASN C 64 -8.51 5.45 -35.47
N ARG C 65 -9.22 6.30 -36.18
CA ARG C 65 -10.09 5.84 -37.26
C ARG C 65 -9.38 5.78 -38.59
N GLU C 66 -8.73 6.88 -39.00
CA GLU C 66 -8.24 7.01 -40.36
C GLU C 66 -7.03 6.12 -40.66
N ILE C 67 -6.29 5.68 -39.64
CA ILE C 67 -5.22 4.74 -39.89
C ILE C 67 -5.78 3.33 -40.00
N LEU C 68 -6.81 3.03 -39.21
CA LEU C 68 -7.38 1.69 -39.17
C LEU C 68 -8.32 1.45 -40.34
N GLU C 69 -8.97 2.48 -40.86
CA GLU C 69 -9.78 2.30 -42.06
C GLU C 69 -8.94 2.29 -43.33
N GLU C 70 -7.66 2.64 -43.24
CA GLU C 70 -6.76 2.52 -44.38
C GLU C 70 -6.47 1.06 -44.70
N ALA C 71 -6.34 0.20 -43.70
CA ALA C 71 -5.95 -1.19 -43.91
C ALA C 71 -6.88 -2.21 -43.27
N GLY C 72 -7.43 -1.93 -42.09
CA GLY C 72 -8.17 -2.91 -41.32
C GLY C 72 -9.51 -3.28 -41.94
N ILE C 73 -10.19 -4.22 -41.28
CA ILE C 73 -11.42 -4.83 -41.78
C ILE C 73 -12.48 -4.71 -40.69
N PRO C 74 -13.75 -4.41 -41.04
CA PRO C 74 -14.76 -4.13 -39.99
C PRO C 74 -15.09 -5.29 -39.07
N GLU C 75 -15.23 -6.51 -39.58
CA GLU C 75 -15.41 -7.69 -38.76
C GLU C 75 -14.57 -8.81 -39.32
N GLN C 76 -14.08 -9.68 -38.44
CA GLN C 76 -13.28 -10.80 -38.90
C GLN C 76 -14.20 -11.89 -39.43
N TRP C 77 -13.61 -13.05 -39.74
CA TRP C 77 -14.26 -14.04 -40.59
C TRP C 77 -15.38 -14.80 -39.90
N GLU C 78 -15.51 -14.68 -38.58
CA GLU C 78 -16.67 -15.26 -37.91
C GLU C 78 -16.99 -14.40 -36.68
N GLY C 79 -17.87 -13.42 -36.88
CA GLY C 79 -18.49 -12.67 -35.80
C GLY C 79 -17.61 -11.86 -34.86
N ILE C 80 -16.31 -11.77 -35.13
CA ILE C 80 -15.39 -11.11 -34.23
C ILE C 80 -15.44 -9.61 -34.51
N ASP C 81 -15.98 -8.85 -33.57
CA ASP C 81 -16.16 -7.43 -33.78
C ASP C 81 -14.84 -6.68 -33.57
N LEU C 82 -14.58 -5.71 -34.44
CA LEU C 82 -13.33 -4.96 -34.41
C LEU C 82 -13.55 -3.45 -34.47
N TRP C 83 -14.80 -2.99 -34.48
CA TRP C 83 -15.13 -1.63 -34.88
C TRP C 83 -16.42 -1.18 -34.22
N SER C 84 -16.55 0.13 -34.05
CA SER C 84 -17.78 0.73 -33.57
C SER C 84 -18.00 2.04 -34.33
N LYS C 85 -19.12 2.69 -34.03
CA LYS C 85 -19.45 3.98 -34.63
C LYS C 85 -19.79 5.03 -33.57
N LYS C 86 -19.40 4.79 -32.33
CA LYS C 86 -19.77 5.66 -31.23
C LYS C 86 -18.57 6.50 -30.79
N ASP C 87 -18.87 7.69 -30.26
CA ASP C 87 -17.83 8.60 -29.82
C ASP C 87 -18.08 9.08 -28.40
N LEU C 92 -13.89 14.94 -30.91
CA LEU C 92 -12.75 14.35 -31.60
C LEU C 92 -13.14 13.03 -32.26
N GLY C 93 -12.53 12.77 -33.41
CA GLY C 93 -12.85 11.58 -34.21
C GLY C 93 -12.04 10.35 -33.84
N MET C 94 -12.38 9.71 -32.72
CA MET C 94 -11.67 8.52 -32.26
C MET C 94 -12.67 7.42 -31.98
N VAL C 95 -12.36 6.21 -32.44
CA VAL C 95 -13.31 5.11 -32.54
C VAL C 95 -12.93 4.02 -31.54
N LEU C 96 -13.92 3.53 -30.79
CA LEU C 96 -13.70 2.43 -29.86
C LEU C 96 -13.40 1.14 -30.62
N ALA C 97 -12.66 0.25 -29.97
CA ALA C 97 -12.20 -0.99 -30.59
C ALA C 97 -11.91 -2.00 -29.50
N SER C 98 -11.56 -3.22 -29.94
CA SER C 98 -11.33 -4.47 -29.23
C SER C 98 -9.87 -4.90 -29.36
N PRO C 99 -9.32 -5.63 -28.39
CA PRO C 99 -7.94 -6.15 -28.54
C PRO C 99 -7.79 -7.22 -29.61
N ALA C 100 -8.90 -7.79 -30.09
CA ALA C 100 -8.86 -8.62 -31.28
C ALA C 100 -8.41 -7.82 -32.50
N ALA C 101 -8.65 -6.51 -32.51
CA ALA C 101 -8.10 -5.67 -33.57
C ALA C 101 -6.61 -5.44 -33.37
N ILE C 102 -6.12 -5.49 -32.12
CA ILE C 102 -4.68 -5.36 -31.89
C ILE C 102 -3.96 -6.59 -32.41
N THR C 103 -4.46 -7.79 -32.05
CA THR C 103 -3.79 -8.98 -32.55
C THR C 103 -4.05 -9.19 -34.04
N TYR C 104 -5.16 -8.66 -34.57
CA TYR C 104 -5.40 -8.71 -36.00
C TYR C 104 -4.45 -7.78 -36.73
N TRP C 105 -4.09 -6.66 -36.11
CA TRP C 105 -3.05 -5.80 -36.67
C TRP C 105 -1.70 -6.49 -36.63
N ASN C 106 -1.42 -7.21 -35.55
CA ASN C 106 -0.11 -7.83 -35.39
C ASN C 106 0.08 -9.04 -36.28
N PHE C 107 -1.00 -9.64 -36.79
CA PHE C 107 -0.82 -10.79 -37.68
C PHE C 107 -1.25 -10.55 -39.12
N CYS C 108 -2.11 -9.56 -39.38
CA CYS C 108 -2.62 -9.32 -40.72
C CYS C 108 -2.64 -7.82 -41.02
N GLY C 109 -1.51 -7.14 -40.80
CA GLY C 109 -1.44 -5.71 -41.04
C GLY C 109 -0.21 -5.29 -41.82
N PRO C 110 -0.06 -4.00 -42.08
CA PRO C 110 1.10 -3.51 -42.83
C PRO C 110 2.35 -3.45 -41.97
N GLY C 111 3.50 -3.38 -42.66
CA GLY C 111 4.78 -3.43 -41.97
C GLY C 111 5.83 -2.48 -42.52
N VAL C 112 6.55 -1.81 -41.62
CA VAL C 112 7.56 -0.82 -41.98
C VAL C 112 8.87 -1.19 -41.31
N ASP C 113 9.94 -1.27 -42.10
CA ASP C 113 11.27 -1.64 -41.58
C ASP C 113 11.85 -0.47 -40.80
N ASN C 114 12.03 -0.67 -39.49
CA ASN C 114 12.59 0.36 -38.61
C ASN C 114 13.57 -0.23 -37.62
N SER C 115 14.25 -1.31 -37.98
CA SER C 115 15.06 -2.04 -37.01
C SER C 115 16.33 -1.28 -36.61
N SER C 116 16.79 -0.36 -37.45
CA SER C 116 17.96 0.43 -37.10
C SER C 116 17.63 1.43 -36.00
N VAL C 117 16.48 2.09 -36.10
CA VAL C 117 16.06 3.04 -35.08
C VAL C 117 15.77 2.34 -33.76
N ILE C 118 15.14 1.17 -33.82
CA ILE C 118 14.82 0.41 -32.62
C ILE C 118 16.07 -0.14 -31.98
N LYS C 119 17.00 -0.68 -32.78
CA LYS C 119 18.25 -1.15 -32.24
C LYS C 119 19.26 -0.04 -31.97
N ASP C 120 18.88 1.23 -32.17
CA ASP C 120 19.72 2.35 -31.76
C ASP C 120 19.18 3.16 -30.61
N VAL C 121 17.87 3.15 -30.35
CA VAL C 121 17.34 3.82 -29.17
C VAL C 121 17.71 3.05 -27.91
N TYR C 122 17.68 1.73 -27.98
CA TYR C 122 17.81 0.87 -26.80
C TYR C 122 19.19 0.27 -26.67
N LYS C 123 20.25 1.06 -26.92
CA LYS C 123 21.62 0.53 -26.91
C LYS C 123 22.05 0.06 -25.53
N ALA C 124 21.53 0.66 -24.46
CA ALA C 124 21.90 0.21 -23.12
C ALA C 124 21.32 -1.17 -22.83
N LYS C 125 20.08 -1.41 -23.25
CA LYS C 125 19.40 -2.65 -22.93
C LYS C 125 19.90 -3.81 -23.80
N PHE C 126 20.15 -3.55 -25.09
CA PHE C 126 20.80 -4.54 -25.92
C PHE C 126 22.25 -4.76 -25.52
N MET C 127 22.88 -3.76 -24.90
CA MET C 127 24.19 -3.99 -24.32
C MET C 127 24.11 -4.88 -23.09
N LYS C 128 23.01 -4.77 -22.33
CA LYS C 128 22.80 -5.67 -21.19
C LYS C 128 22.58 -7.10 -21.64
N LYS C 129 21.76 -7.31 -22.68
CA LYS C 129 21.56 -8.67 -23.19
C LYS C 129 22.82 -9.20 -23.84
N GLU C 130 23.60 -8.34 -24.49
CA GLU C 130 24.84 -8.79 -25.14
C GLU C 130 25.88 -9.17 -24.11
N ARG C 131 25.92 -8.48 -22.97
CA ARG C 131 26.81 -8.91 -21.90
C ARG C 131 26.28 -10.12 -21.15
N TRP C 132 24.95 -10.31 -21.14
CA TRP C 132 24.38 -11.45 -20.43
C TRP C 132 24.55 -12.75 -21.20
N ARG C 133 24.54 -12.70 -22.53
CA ARG C 133 24.68 -13.92 -23.31
C ARG C 133 26.11 -14.44 -23.28
N GLU C 134 27.08 -13.56 -23.06
CA GLU C 134 28.50 -13.89 -23.16
C GLU C 134 29.15 -14.09 -21.80
N THR C 135 28.45 -14.67 -20.84
CA THR C 135 29.03 -14.99 -19.54
C THR C 135 28.90 -16.49 -19.29
N LEU C 136 29.81 -17.01 -18.46
CA LEU C 136 29.83 -18.43 -18.12
C LEU C 136 29.80 -18.58 -16.61
N TRP C 137 29.05 -19.57 -16.14
CA TRP C 137 28.79 -19.79 -14.72
C TRP C 137 29.47 -21.08 -14.26
N GLY C 138 29.19 -21.46 -13.01
CA GLY C 138 29.73 -22.67 -12.45
C GLY C 138 28.86 -23.29 -11.38
N PRO C 139 29.49 -23.89 -10.37
CA PRO C 139 28.75 -24.56 -9.30
C PRO C 139 28.34 -23.58 -8.20
N MET C 140 27.49 -24.07 -7.30
CA MET C 140 27.04 -23.29 -6.16
C MET C 140 27.97 -23.53 -4.98
N ASN C 141 27.67 -22.90 -3.85
CA ASN C 141 28.55 -23.01 -2.69
C ASN C 141 27.85 -23.45 -1.42
N PHE C 142 26.62 -22.96 -1.17
CA PHE C 142 25.84 -23.24 0.04
C PHE C 142 26.60 -22.87 1.31
N GLU C 143 26.83 -21.57 1.47
CA GLU C 143 27.60 -21.05 2.59
C GLU C 143 26.94 -19.80 3.13
N LEU C 144 27.25 -19.49 4.39
CA LEU C 144 26.77 -18.26 5.00
C LEU C 144 27.46 -17.07 4.39
N VAL C 145 26.69 -16.08 3.97
CA VAL C 145 27.22 -14.89 3.31
C VAL C 145 26.29 -13.73 3.61
N GLY C 146 26.82 -12.52 3.52
CA GLY C 146 26.05 -11.33 3.79
C GLY C 146 26.92 -10.18 4.25
N LYS C 147 26.64 -8.97 3.75
CA LYS C 147 27.48 -7.82 4.06
C LYS C 147 26.57 -6.59 4.00
N GLN C 148 27.14 -5.41 4.27
CA GLN C 148 26.36 -4.20 4.52
C GLN C 148 25.86 -3.61 3.21
N ARG C 149 25.25 -2.42 3.30
CA ARG C 149 24.64 -1.75 2.15
C ARG C 149 25.55 -0.63 1.69
N ARG C 150 25.75 -0.53 0.38
CA ARG C 150 26.68 0.43 -0.20
C ARG C 150 25.98 1.31 -1.23
N VAL C 151 26.69 2.32 -1.68
CA VAL C 151 26.27 3.14 -2.81
C VAL C 151 27.18 2.78 -3.97
N VAL C 152 26.66 1.98 -4.90
CA VAL C 152 27.45 1.39 -5.97
C VAL C 152 26.89 1.84 -7.31
N GLU C 153 27.78 2.24 -8.23
CA GLU C 153 27.40 2.53 -9.60
C GLU C 153 27.13 1.23 -10.34
N THR C 154 25.90 1.06 -10.83
CA THR C 154 25.49 -0.18 -11.50
C THR C 154 25.08 0.12 -12.94
N GLN C 155 26.09 0.28 -13.83
CA GLN C 155 26.04 0.18 -15.30
C GLN C 155 27.45 0.32 -15.83
N PRO C 156 27.86 -0.47 -16.82
CA PRO C 156 29.22 -0.30 -17.39
C PRO C 156 29.30 0.79 -18.46
N VAL C 157 29.15 2.04 -18.04
CA VAL C 157 29.33 3.19 -18.91
C VAL C 157 30.81 3.53 -19.00
N GLU C 158 31.15 4.46 -19.89
CA GLU C 158 32.54 4.88 -20.07
C GLU C 158 32.74 6.38 -19.88
N ILE C 159 31.78 7.08 -19.27
CA ILE C 159 31.81 8.53 -19.15
C ILE C 159 31.66 8.98 -17.70
N LYS C 160 30.69 8.41 -16.98
CA LYS C 160 30.51 8.50 -15.54
C LYS C 160 30.28 9.95 -15.07
N LEU C 161 29.16 10.50 -15.50
CA LEU C 161 28.73 11.81 -15.00
C LEU C 161 27.76 11.65 -13.84
N ASN C 162 27.51 12.76 -13.14
CA ASN C 162 26.86 12.69 -11.83
C ASN C 162 25.55 13.47 -11.80
N GLN C 163 24.71 13.27 -12.82
CA GLN C 163 23.32 13.75 -12.90
C GLN C 163 23.21 15.27 -12.86
N LYS C 164 24.29 15.99 -13.09
CA LYS C 164 24.27 17.45 -13.08
C LYS C 164 24.90 17.95 -14.37
N GLU C 165 25.90 17.23 -14.87
CA GLU C 165 26.41 17.49 -16.21
C GLU C 165 25.55 16.87 -17.29
N ILE C 166 24.58 16.02 -16.93
CA ILE C 166 23.76 15.35 -17.93
C ILE C 166 22.57 16.21 -18.32
N LYS C 167 21.90 16.84 -17.35
CA LYS C 167 20.83 17.76 -17.67
C LYS C 167 21.36 19.00 -18.39
N GLU C 168 22.44 19.57 -17.88
CA GLU C 168 23.09 20.69 -18.56
C GLU C 168 23.68 20.28 -19.89
N LEU C 169 24.15 19.03 -20.00
CA LEU C 169 24.66 18.54 -21.27
C LEU C 169 23.56 18.44 -22.31
N THR C 170 22.40 17.92 -21.94
CA THR C 170 21.28 17.84 -22.89
C THR C 170 20.64 19.20 -23.14
N MET C 171 20.84 20.18 -22.27
CA MET C 171 20.43 21.54 -22.63
C MET C 171 21.31 22.13 -23.71
N TRP C 172 22.62 21.88 -23.64
CA TRP C 172 23.57 22.48 -24.56
C TRP C 172 23.89 21.57 -25.75
N VAL C 173 23.02 20.61 -26.07
CA VAL C 173 23.18 19.79 -27.26
C VAL C 173 21.92 19.86 -28.11
N LEU C 174 20.77 19.57 -27.49
CA LEU C 174 19.52 19.52 -28.24
C LEU C 174 19.03 20.91 -28.63
N PHE C 175 18.81 21.78 -27.64
CA PHE C 175 18.15 23.06 -27.88
C PHE C 175 18.83 24.12 -27.02
N GLU C 176 19.73 24.90 -27.63
CA GLU C 176 20.60 25.80 -26.89
C GLU C 176 20.03 27.20 -26.74
N ASP C 177 18.82 27.46 -27.22
CA ASP C 177 18.29 28.82 -27.17
C ASP C 177 17.85 29.20 -25.77
N GLU C 178 17.55 28.23 -24.92
CA GLU C 178 17.13 28.48 -23.55
C GLU C 178 17.80 27.49 -22.61
N ALA C 179 19.10 27.29 -22.78
CA ALA C 179 19.77 26.20 -22.08
C ALA C 179 20.06 26.52 -20.61
N ASN C 180 20.96 27.46 -20.36
CA ASN C 180 21.53 27.66 -19.03
C ASN C 180 22.40 28.90 -19.07
N LEU C 181 22.75 29.39 -17.89
CA LEU C 181 23.88 30.29 -17.75
C LEU C 181 25.16 29.52 -18.05
N ALA C 182 26.12 30.22 -18.65
CA ALA C 182 27.39 29.60 -19.05
C ALA C 182 28.22 29.28 -17.81
N SER C 183 28.37 28.00 -17.50
CA SER C 183 29.04 27.56 -16.29
C SER C 183 30.47 27.13 -16.61
N LYS C 184 31.16 26.62 -15.59
CA LYS C 184 32.52 26.14 -15.74
C LYS C 184 32.60 24.69 -16.18
N PHE C 185 31.46 23.99 -16.23
CA PHE C 185 31.43 22.56 -16.53
C PHE C 185 31.39 22.28 -18.03
N ILE C 186 31.43 23.31 -18.86
CA ILE C 186 31.16 23.15 -20.29
C ILE C 186 32.40 22.72 -21.05
N GLN C 187 33.51 23.44 -20.81
CA GLN C 187 34.60 23.65 -21.77
C GLN C 187 35.15 22.36 -22.38
N GLU C 188 35.73 21.47 -21.55
CA GLU C 188 36.32 20.24 -22.05
C GLU C 188 35.26 19.32 -22.64
N ASN C 189 34.17 19.13 -21.91
CA ASN C 189 33.01 18.40 -22.41
C ASN C 189 32.37 19.07 -23.62
N PHE C 190 32.65 20.38 -23.82
CA PHE C 190 32.23 21.09 -25.03
C PHE C 190 32.72 20.39 -26.29
N SER C 191 33.94 19.83 -26.24
CA SER C 191 34.45 19.05 -27.37
C SER C 191 33.55 17.86 -27.66
N LEU C 192 33.12 17.16 -26.59
CA LEU C 192 32.15 16.08 -26.73
C LEU C 192 30.83 16.58 -27.29
N VAL C 193 30.45 17.81 -26.95
CA VAL C 193 29.24 18.43 -27.49
C VAL C 193 29.32 18.51 -29.00
N LEU C 194 30.51 18.82 -29.53
CA LEU C 194 30.73 18.82 -30.97
C LEU C 194 30.48 17.45 -31.57
N SER C 195 30.98 16.40 -30.90
CA SER C 195 30.73 15.04 -31.36
C SER C 195 29.25 14.71 -31.27
N LEU C 196 28.56 15.20 -30.23
CA LEU C 196 27.13 14.96 -30.13
C LEU C 196 26.37 15.71 -31.21
N ARG C 197 26.87 16.88 -31.62
CA ARG C 197 26.22 17.58 -32.72
C ARG C 197 26.55 16.96 -34.06
N GLU C 198 27.48 16.00 -34.10
CA GLU C 198 27.68 15.19 -35.28
C GLU C 198 26.83 13.93 -35.28
N LEU C 199 26.14 13.64 -34.18
CA LEU C 199 25.32 12.44 -34.06
C LEU C 199 23.83 12.71 -34.13
N TYR C 200 23.33 13.63 -33.28
CA TYR C 200 21.90 13.89 -33.20
C TYR C 200 21.45 15.05 -34.07
N LYS C 201 22.16 15.32 -35.17
CA LYS C 201 21.75 16.38 -36.07
C LYS C 201 20.58 15.93 -36.94
N GLY C 202 20.80 14.93 -37.79
CA GLY C 202 19.72 14.40 -38.59
C GLY C 202 19.27 13.02 -38.16
N LYS C 203 18.14 12.96 -37.45
CA LYS C 203 17.49 11.71 -37.08
C LYS C 203 15.98 11.94 -37.09
N ALA C 204 15.25 10.85 -37.30
CA ALA C 204 13.80 10.86 -37.14
C ALA C 204 13.37 10.74 -35.69
N VAL C 205 14.34 10.55 -34.78
CA VAL C 205 14.05 10.42 -33.37
C VAL C 205 13.66 11.78 -32.80
N ASN C 206 12.51 11.82 -32.11
CA ASN C 206 12.04 13.03 -31.46
C ASN C 206 12.97 13.41 -30.31
N LYS C 207 12.92 14.70 -29.94
CA LYS C 207 13.86 15.22 -28.94
C LYS C 207 13.60 14.67 -27.54
N ASP C 208 12.38 14.23 -27.24
CA ASP C 208 12.16 13.57 -25.96
C ASP C 208 12.74 12.16 -25.96
N VAL C 209 12.66 11.47 -27.10
CA VAL C 209 13.26 10.15 -27.21
C VAL C 209 14.79 10.27 -27.28
N ALA C 210 15.30 11.34 -27.89
CA ALA C 210 16.73 11.57 -27.96
C ALA C 210 17.30 11.93 -26.58
N ALA C 211 16.63 12.85 -25.88
CA ALA C 211 17.04 13.17 -24.51
C ALA C 211 16.81 12.02 -23.55
N PHE C 212 15.93 11.08 -23.91
CA PHE C 212 15.86 9.82 -23.16
C PHE C 212 17.09 8.97 -23.40
N MET C 213 17.43 8.72 -24.68
CA MET C 213 18.48 7.76 -24.99
C MET C 213 19.89 8.29 -24.74
N ILE C 214 20.06 9.60 -24.55
CA ILE C 214 21.38 10.11 -24.19
C ILE C 214 21.74 9.73 -22.76
N ALA C 215 20.78 9.85 -21.84
CA ALA C 215 21.04 9.65 -20.42
C ALA C 215 21.18 8.18 -20.02
N HIS C 216 21.21 7.25 -20.96
CA HIS C 216 21.44 5.85 -20.65
C HIS C 216 22.80 5.35 -21.10
N GLN C 217 23.58 6.15 -21.82
CA GLN C 217 24.97 5.85 -22.09
C GLN C 217 25.91 6.71 -21.28
N PHE C 218 25.39 7.67 -20.52
CA PHE C 218 26.20 8.61 -19.75
C PHE C 218 26.02 8.50 -18.25
N SER C 219 24.99 7.81 -17.77
CA SER C 219 24.64 7.84 -16.35
C SER C 219 24.85 6.48 -15.71
N PRO C 220 25.93 6.29 -14.94
CA PRO C 220 26.02 5.06 -14.13
C PRO C 220 25.07 5.13 -12.95
N GLU C 221 24.08 4.26 -12.93
CA GLU C 221 23.03 4.31 -11.92
C GLU C 221 23.61 3.78 -10.62
N LYS C 222 23.85 4.69 -9.68
CA LYS C 222 24.41 4.34 -8.38
C LYS C 222 23.29 4.26 -7.35
N ARG C 223 23.13 3.10 -6.72
CA ARG C 223 22.07 2.88 -5.76
C ARG C 223 22.65 2.26 -4.48
N PHE C 224 21.78 2.10 -3.49
CA PHE C 224 22.16 1.72 -2.13
C PHE C 224 21.73 0.27 -1.92
N LEU C 225 22.62 -0.65 -2.25
CA LEU C 225 22.30 -2.07 -2.35
C LEU C 225 23.20 -2.92 -1.47
N PRO C 226 22.70 -4.06 -0.98
CA PRO C 226 23.56 -5.00 -0.25
C PRO C 226 24.52 -5.71 -1.20
N THR C 227 25.81 -5.41 -1.05
CA THR C 227 26.84 -5.95 -1.92
C THR C 227 27.75 -6.88 -1.13
N PHE C 228 28.44 -7.76 -1.86
CA PHE C 228 29.41 -8.66 -1.27
C PHE C 228 30.39 -9.10 -2.34
N GLY C 229 31.60 -9.45 -1.92
CA GLY C 229 32.66 -9.80 -2.84
C GLY C 229 33.26 -8.57 -3.48
N PRO C 230 33.65 -8.66 -4.74
CA PRO C 230 34.15 -7.48 -5.45
C PRO C 230 33.04 -6.51 -5.80
N ILE C 231 33.43 -5.26 -6.04
CA ILE C 231 32.49 -4.18 -6.29
C ILE C 231 32.72 -3.70 -7.72
N ARG C 232 33.01 -4.63 -8.62
CA ARG C 232 33.09 -4.28 -10.03
C ARG C 232 31.70 -3.90 -10.55
N PRO C 233 31.61 -2.89 -11.42
CA PRO C 233 30.30 -2.45 -11.89
C PRO C 233 29.65 -3.36 -12.93
N GLU C 234 30.37 -4.34 -13.46
CA GLU C 234 29.80 -5.22 -14.46
C GLU C 234 28.87 -6.26 -13.83
N ARG C 235 29.15 -6.67 -12.60
CA ARG C 235 28.47 -7.80 -11.95
C ARG C 235 27.41 -7.33 -10.97
N MET C 236 26.67 -6.27 -11.29
CA MET C 236 25.67 -5.72 -10.37
C MET C 236 24.22 -6.09 -10.70
N GLU C 237 23.93 -6.51 -11.93
CA GLU C 237 22.75 -7.33 -12.18
C GLU C 237 23.02 -8.78 -11.78
N LEU C 238 24.29 -9.15 -11.84
CA LEU C 238 24.79 -10.37 -11.25
C LEU C 238 24.93 -10.28 -9.73
N LEU C 239 24.42 -9.21 -9.11
CA LEU C 239 24.26 -9.18 -7.66
C LEU C 239 23.02 -9.96 -7.24
N HIS C 240 21.86 -9.67 -7.85
CA HIS C 240 20.71 -10.51 -7.57
C HIS C 240 20.81 -11.83 -8.30
N CYS C 241 21.63 -11.91 -9.36
CA CYS C 241 21.82 -13.22 -9.96
C CYS C 241 22.87 -14.05 -9.22
N LEU C 242 23.82 -13.42 -8.53
CA LEU C 242 24.99 -14.16 -8.06
C LEU C 242 24.81 -14.78 -6.68
N GLY C 243 24.16 -14.10 -5.74
CA GLY C 243 24.05 -14.67 -4.41
C GLY C 243 22.92 -14.07 -3.60
N GLY C 244 22.44 -14.84 -2.62
CA GLY C 244 21.44 -14.39 -1.68
C GLY C 244 21.96 -14.42 -0.26
N ASP C 245 21.15 -14.92 0.69
CA ASP C 245 21.53 -14.94 2.09
C ASP C 245 22.09 -16.26 2.56
N PHE C 246 21.66 -17.37 1.95
CA PHE C 246 22.05 -18.71 2.37
C PHE C 246 22.80 -19.48 1.28
N TRP C 247 23.16 -18.83 0.18
CA TRP C 247 23.68 -19.52 -0.97
C TRP C 247 24.46 -18.54 -1.82
N LYS C 248 25.31 -19.07 -2.70
CA LYS C 248 26.19 -18.24 -3.50
C LYS C 248 26.69 -19.05 -4.69
N ILE C 249 26.70 -18.42 -5.87
CA ILE C 249 27.21 -19.06 -7.08
C ILE C 249 28.08 -18.07 -7.84
N GLU C 250 29.36 -18.39 -7.99
CA GLU C 250 30.28 -17.57 -8.79
C GLU C 250 31.44 -18.44 -9.28
N ALA C 251 31.59 -18.51 -10.60
CA ALA C 251 32.78 -19.11 -11.23
C ALA C 251 33.15 -18.37 -12.51
N VAL C 252 32.92 -17.06 -12.56
CA VAL C 252 33.10 -16.29 -13.79
C VAL C 252 34.59 -16.17 -14.08
N THR C 253 35.01 -16.66 -15.25
CA THR C 253 36.43 -16.72 -15.57
C THR C 253 36.93 -15.36 -16.07
N ALA C 254 36.34 -14.86 -17.15
CA ALA C 254 36.79 -13.61 -17.74
C ALA C 254 36.05 -12.41 -17.16
#